data_7ABK
# 
_entry.id   7ABK 
# 
_audit_conform.dict_name       mmcif_pdbx.dic 
_audit_conform.dict_version    5.395 
_audit_conform.dict_location   http://mmcif.pdb.org/dictionaries/ascii/mmcif_pdbx.dic 
# 
loop_
_database_2.database_id 
_database_2.database_code 
_database_2.pdbx_database_accession 
_database_2.pdbx_DOI 
PDB   7ABK         pdb_00007abk 10.2210/pdb7abk/pdb 
WWPDB D_1292111119 ?            ?                   
EMDB  EMD-11698    ?            ?                   
# 
loop_
_pdbx_audit_revision_history.ordinal 
_pdbx_audit_revision_history.data_content_type 
_pdbx_audit_revision_history.major_revision 
_pdbx_audit_revision_history.minor_revision 
_pdbx_audit_revision_history.revision_date 
1 'Structure model' 1 0 2021-08-04 
2 'Structure model' 1 1 2021-08-11 
3 'Structure model' 1 2 2024-07-10 
# 
_pdbx_audit_revision_details.ordinal             1 
_pdbx_audit_revision_details.revision_ordinal    1 
_pdbx_audit_revision_details.data_content_type   'Structure model' 
_pdbx_audit_revision_details.provider            repository 
_pdbx_audit_revision_details.type                'Initial release' 
_pdbx_audit_revision_details.description         ? 
_pdbx_audit_revision_details.details             ? 
# 
loop_
_pdbx_audit_revision_group.ordinal 
_pdbx_audit_revision_group.revision_ordinal 
_pdbx_audit_revision_group.data_content_type 
_pdbx_audit_revision_group.group 
1 2 'Structure model' 'Database references'  
2 3 'Structure model' 'Data collection'      
3 3 'Structure model' 'Derived calculations' 
# 
loop_
_pdbx_audit_revision_category.ordinal 
_pdbx_audit_revision_category.revision_ordinal 
_pdbx_audit_revision_category.data_content_type 
_pdbx_audit_revision_category.category 
1 2 'Structure model' database_2                
2 3 'Structure model' chem_comp_atom            
3 3 'Structure model' chem_comp_bond            
4 3 'Structure model' em_admin                  
5 3 'Structure model' pdbx_struct_assembly      
6 3 'Structure model' pdbx_struct_assembly_gen  
7 3 'Structure model' pdbx_struct_assembly_prop 
8 3 'Structure model' pdbx_struct_oper_list     
# 
loop_
_pdbx_audit_revision_item.ordinal 
_pdbx_audit_revision_item.revision_ordinal 
_pdbx_audit_revision_item.data_content_type 
_pdbx_audit_revision_item.item 
1 2 'Structure model' '_database_2.pdbx_DOI'                      
2 2 'Structure model' '_database_2.pdbx_database_accession'       
3 3 'Structure model' '_em_admin.last_update'                     
4 3 'Structure model' '_pdbx_struct_assembly.method_details'      
5 3 'Structure model' '_pdbx_struct_assembly.oligomeric_count'    
6 3 'Structure model' '_pdbx_struct_assembly.oligomeric_details'  
7 3 'Structure model' '_pdbx_struct_assembly_gen.oper_expression' 
# 
_pdbx_database_status.status_code                     REL 
_pdbx_database_status.status_code_sf                  ? 
_pdbx_database_status.status_code_mr                  ? 
_pdbx_database_status.entry_id                        7ABK 
_pdbx_database_status.recvd_initial_deposition_date   2020-09-07 
_pdbx_database_status.SG_entry                        N 
_pdbx_database_status.deposit_site                    PDBE 
_pdbx_database_status.process_site                    PDBE 
_pdbx_database_status.status_code_cs                  ? 
_pdbx_database_status.status_code_nmr_data            ? 
_pdbx_database_status.methods_development_category    ? 
_pdbx_database_status.pdb_format_compatible           Y 
# 
_pdbx_database_related.db_name        EMDB 
_pdbx_database_related.details        'Helical structure of PspA' 
_pdbx_database_related.db_id          EMD-11698 
_pdbx_database_related.content_type   'associated EM volume' 
# 
loop_
_audit_author.name 
_audit_author.pdbx_ordinal 
_audit_author.identifier_ORCID 
'Junglas, B.'   1 0000-0001-9348-3379 
'Huber, S.T.'   2 0000-0003-3721-5104 
'Mann, D.'      3 0000-0002-9106-9358 
'Heidler, T.'   4 0000-0002-5997-3945 
'Clarke, M.'    5 0000-0002-9658-4308 
'Schneider, D.' 6 0000-0002-0163-6137 
'Sachse, C.'    7 0000-0002-1168-5143 
# 
_citation.abstract                  ? 
_citation.abstract_id_CAS           ? 
_citation.book_id_ISBN              ? 
_citation.book_publisher            ? 
_citation.book_publisher_city       ? 
_citation.book_title                ? 
_citation.coordinate_linkage        ? 
_citation.country                   ? 
_citation.database_id_Medline       ? 
_citation.details                   ? 
_citation.id                        primary 
_citation.journal_abbrev            Cell 
_citation.journal_id_ASTM           ? 
_citation.journal_id_CSD            ? 
_citation.journal_id_ISSN           1097-4172 
_citation.journal_full              ? 
_citation.journal_issue             ? 
_citation.journal_volume            184 
_citation.language                  ? 
_citation.page_first                3674 
_citation.page_last                 3688.e18 
_citation.title                     'PspA adopts an ESCRT-III-like fold and remodels bacterial membranes.' 
_citation.year                      2021 
_citation.database_id_CSD           ? 
_citation.pdbx_database_id_DOI      10.1016/j.cell.2021.05.042 
_citation.pdbx_database_id_PubMed   34166616 
_citation.unpublished_flag          ? 
# 
loop_
_citation_author.citation_id 
_citation_author.name 
_citation_author.ordinal 
_citation_author.identifier_ORCID 
primary 'Junglas, B.'   1  ? 
primary 'Huber, S.T.'   2  ? 
primary 'Heidler, T.'   3  ? 
primary 'Schlosser, L.' 4  ? 
primary 'Mann, D.'      5  ? 
primary 'Hennig, R.'    6  ? 
primary 'Clarke, M.'    7  ? 
primary 'Hellmann, N.'  8  ? 
primary 'Schneider, D.' 9  ? 
primary 'Sachse, C.'    10 ? 
# 
_entity.id                         1 
_entity.type                       polymer 
_entity.src_method                 man 
_entity.pdbx_description           'Chloroplast membrane-associated 30 kD protein' 
_entity.formula_weight             28260.816 
_entity.pdbx_number_of_molecules   1 
_entity.pdbx_ec                    ? 
_entity.pdbx_mutation              ? 
_entity.pdbx_fragment              ? 
_entity.details                    ? 
# 
_entity_poly.entity_id                      1 
_entity_poly.type                           'polypeptide(L)' 
_entity_poly.nstd_linkage                   no 
_entity_poly.nstd_monomer                   no 
_entity_poly.pdbx_seq_one_letter_code       
;MGHHHHHHHHHSSGHIDDDDKHMELFNRVGRVLKSQLTHWQQQQEAPEDLLERLLGEMELELIELRRALAQTIATFKSTE
RQRDAQQLIAQRWYEKAQAALDRGNEQLAREALGQRQSYQSHTEALGKSLGEQRALVEQVRGQLQKLERKYLELKSQKNL
YLARLKSAIAAQKIEEIAGNLDNASASSLFERIETKILELEAERELLNPPPSPLDKKFEQWEEQQAVEATLAAMKARRSL
PPPSS
;
_entity_poly.pdbx_seq_one_letter_code_can   
;MGHHHHHHHHHSSGHIDDDDKHMELFNRVGRVLKSQLTHWQQQQEAPEDLLERLLGEMELELIELRRALAQTIATFKSTE
RQRDAQQLIAQRWYEKAQAALDRGNEQLAREALGQRQSYQSHTEALGKSLGEQRALVEQVRGQLQKLERKYLELKSQKNL
YLARLKSAIAAQKIEEIAGNLDNASASSLFERIETKILELEAERELLNPPPSPLDKKFEQWEEQQAVEATLAAMKARRSL
PPPSS
;
_entity_poly.pdbx_strand_id                 A 
_entity_poly.pdbx_target_identifier         ? 
# 
loop_
_entity_poly_seq.entity_id 
_entity_poly_seq.num 
_entity_poly_seq.mon_id 
_entity_poly_seq.hetero 
1 1   MET n 
1 2   GLY n 
1 3   HIS n 
1 4   HIS n 
1 5   HIS n 
1 6   HIS n 
1 7   HIS n 
1 8   HIS n 
1 9   HIS n 
1 10  HIS n 
1 11  HIS n 
1 12  SER n 
1 13  SER n 
1 14  GLY n 
1 15  HIS n 
1 16  ILE n 
1 17  ASP n 
1 18  ASP n 
1 19  ASP n 
1 20  ASP n 
1 21  LYS n 
1 22  HIS n 
1 23  MET n 
1 24  GLU n 
1 25  LEU n 
1 26  PHE n 
1 27  ASN n 
1 28  ARG n 
1 29  VAL n 
1 30  GLY n 
1 31  ARG n 
1 32  VAL n 
1 33  LEU n 
1 34  LYS n 
1 35  SER n 
1 36  GLN n 
1 37  LEU n 
1 38  THR n 
1 39  HIS n 
1 40  TRP n 
1 41  GLN n 
1 42  GLN n 
1 43  GLN n 
1 44  GLN n 
1 45  GLU n 
1 46  ALA n 
1 47  PRO n 
1 48  GLU n 
1 49  ASP n 
1 50  LEU n 
1 51  LEU n 
1 52  GLU n 
1 53  ARG n 
1 54  LEU n 
1 55  LEU n 
1 56  GLY n 
1 57  GLU n 
1 58  MET n 
1 59  GLU n 
1 60  LEU n 
1 61  GLU n 
1 62  LEU n 
1 63  ILE n 
1 64  GLU n 
1 65  LEU n 
1 66  ARG n 
1 67  ARG n 
1 68  ALA n 
1 69  LEU n 
1 70  ALA n 
1 71  GLN n 
1 72  THR n 
1 73  ILE n 
1 74  ALA n 
1 75  THR n 
1 76  PHE n 
1 77  LYS n 
1 78  SER n 
1 79  THR n 
1 80  GLU n 
1 81  ARG n 
1 82  GLN n 
1 83  ARG n 
1 84  ASP n 
1 85  ALA n 
1 86  GLN n 
1 87  GLN n 
1 88  LEU n 
1 89  ILE n 
1 90  ALA n 
1 91  GLN n 
1 92  ARG n 
1 93  TRP n 
1 94  TYR n 
1 95  GLU n 
1 96  LYS n 
1 97  ALA n 
1 98  GLN n 
1 99  ALA n 
1 100 ALA n 
1 101 LEU n 
1 102 ASP n 
1 103 ARG n 
1 104 GLY n 
1 105 ASN n 
1 106 GLU n 
1 107 GLN n 
1 108 LEU n 
1 109 ALA n 
1 110 ARG n 
1 111 GLU n 
1 112 ALA n 
1 113 LEU n 
1 114 GLY n 
1 115 GLN n 
1 116 ARG n 
1 117 GLN n 
1 118 SER n 
1 119 TYR n 
1 120 GLN n 
1 121 SER n 
1 122 HIS n 
1 123 THR n 
1 124 GLU n 
1 125 ALA n 
1 126 LEU n 
1 127 GLY n 
1 128 LYS n 
1 129 SER n 
1 130 LEU n 
1 131 GLY n 
1 132 GLU n 
1 133 GLN n 
1 134 ARG n 
1 135 ALA n 
1 136 LEU n 
1 137 VAL n 
1 138 GLU n 
1 139 GLN n 
1 140 VAL n 
1 141 ARG n 
1 142 GLY n 
1 143 GLN n 
1 144 LEU n 
1 145 GLN n 
1 146 LYS n 
1 147 LEU n 
1 148 GLU n 
1 149 ARG n 
1 150 LYS n 
1 151 TYR n 
1 152 LEU n 
1 153 GLU n 
1 154 LEU n 
1 155 LYS n 
1 156 SER n 
1 157 GLN n 
1 158 LYS n 
1 159 ASN n 
1 160 LEU n 
1 161 TYR n 
1 162 LEU n 
1 163 ALA n 
1 164 ARG n 
1 165 LEU n 
1 166 LYS n 
1 167 SER n 
1 168 ALA n 
1 169 ILE n 
1 170 ALA n 
1 171 ALA n 
1 172 GLN n 
1 173 LYS n 
1 174 ILE n 
1 175 GLU n 
1 176 GLU n 
1 177 ILE n 
1 178 ALA n 
1 179 GLY n 
1 180 ASN n 
1 181 LEU n 
1 182 ASP n 
1 183 ASN n 
1 184 ALA n 
1 185 SER n 
1 186 ALA n 
1 187 SER n 
1 188 SER n 
1 189 LEU n 
1 190 PHE n 
1 191 GLU n 
1 192 ARG n 
1 193 ILE n 
1 194 GLU n 
1 195 THR n 
1 196 LYS n 
1 197 ILE n 
1 198 LEU n 
1 199 GLU n 
1 200 LEU n 
1 201 GLU n 
1 202 ALA n 
1 203 GLU n 
1 204 ARG n 
1 205 GLU n 
1 206 LEU n 
1 207 LEU n 
1 208 ASN n 
1 209 PRO n 
1 210 PRO n 
1 211 PRO n 
1 212 SER n 
1 213 PRO n 
1 214 LEU n 
1 215 ASP n 
1 216 LYS n 
1 217 LYS n 
1 218 PHE n 
1 219 GLU n 
1 220 GLN n 
1 221 TRP n 
1 222 GLU n 
1 223 GLU n 
1 224 GLN n 
1 225 GLN n 
1 226 ALA n 
1 227 VAL n 
1 228 GLU n 
1 229 ALA n 
1 230 THR n 
1 231 LEU n 
1 232 ALA n 
1 233 ALA n 
1 234 MET n 
1 235 LYS n 
1 236 ALA n 
1 237 ARG n 
1 238 ARG n 
1 239 SER n 
1 240 LEU n 
1 241 PRO n 
1 242 PRO n 
1 243 PRO n 
1 244 SER n 
1 245 SER n 
# 
_entity_src_gen.entity_id                          1 
_entity_src_gen.pdbx_src_id                        1 
_entity_src_gen.pdbx_alt_source_flag               sample 
_entity_src_gen.pdbx_seq_type                      'Biological sequence' 
_entity_src_gen.pdbx_beg_seq_num                   1 
_entity_src_gen.pdbx_end_seq_num                   245 
_entity_src_gen.gene_src_common_name               ? 
_entity_src_gen.gene_src_genus                     ? 
_entity_src_gen.pdbx_gene_src_gene                 im30 
_entity_src_gen.gene_src_species                   ? 
_entity_src_gen.gene_src_strain                    'PCC 6803 / Kazusa' 
_entity_src_gen.gene_src_tissue                    ? 
_entity_src_gen.gene_src_tissue_fraction           ? 
_entity_src_gen.gene_src_details                   ? 
_entity_src_gen.pdbx_gene_src_fragment             ? 
_entity_src_gen.pdbx_gene_src_scientific_name      'Synechocystis sp. (strain PCC 6803 / Kazusa)' 
_entity_src_gen.pdbx_gene_src_ncbi_taxonomy_id     1111708 
_entity_src_gen.pdbx_gene_src_variant              ? 
_entity_src_gen.pdbx_gene_src_cell_line            ? 
_entity_src_gen.pdbx_gene_src_atcc                 ? 
_entity_src_gen.pdbx_gene_src_organ                ? 
_entity_src_gen.pdbx_gene_src_organelle            ? 
_entity_src_gen.pdbx_gene_src_cell                 ? 
_entity_src_gen.pdbx_gene_src_cellular_location    ? 
_entity_src_gen.host_org_common_name               ? 
_entity_src_gen.pdbx_host_org_scientific_name      'Escherichia coli BL21(DE3)' 
_entity_src_gen.pdbx_host_org_ncbi_taxonomy_id     469008 
_entity_src_gen.host_org_genus                     ? 
_entity_src_gen.pdbx_host_org_gene                 ? 
_entity_src_gen.pdbx_host_org_organ                ? 
_entity_src_gen.host_org_species                   ? 
_entity_src_gen.pdbx_host_org_tissue               ? 
_entity_src_gen.pdbx_host_org_tissue_fraction      ? 
_entity_src_gen.pdbx_host_org_strain               ? 
_entity_src_gen.pdbx_host_org_variant              ? 
_entity_src_gen.pdbx_host_org_cell_line            ? 
_entity_src_gen.pdbx_host_org_atcc                 ? 
_entity_src_gen.pdbx_host_org_culture_collection   ? 
_entity_src_gen.pdbx_host_org_cell                 ? 
_entity_src_gen.pdbx_host_org_organelle            ? 
_entity_src_gen.pdbx_host_org_cellular_location    ? 
_entity_src_gen.pdbx_host_org_vector_type          plasmid 
_entity_src_gen.pdbx_host_org_vector               ? 
_entity_src_gen.host_org_details                   ? 
_entity_src_gen.expression_system_id               ? 
_entity_src_gen.plasmid_name                       pRSET6 
_entity_src_gen.plasmid_details                    ? 
_entity_src_gen.pdbx_description                   ? 
# 
loop_
_chem_comp.id 
_chem_comp.type 
_chem_comp.mon_nstd_flag 
_chem_comp.name 
_chem_comp.pdbx_synonyms 
_chem_comp.formula 
_chem_comp.formula_weight 
ALA 'L-peptide linking' y ALANINE         ? 'C3 H7 N O2'     89.093  
ARG 'L-peptide linking' y ARGININE        ? 'C6 H15 N4 O2 1' 175.209 
ASN 'L-peptide linking' y ASPARAGINE      ? 'C4 H8 N2 O3'    132.118 
ASP 'L-peptide linking' y 'ASPARTIC ACID' ? 'C4 H7 N O4'     133.103 
GLN 'L-peptide linking' y GLUTAMINE       ? 'C5 H10 N2 O3'   146.144 
GLU 'L-peptide linking' y 'GLUTAMIC ACID' ? 'C5 H9 N O4'     147.129 
GLY 'peptide linking'   y GLYCINE         ? 'C2 H5 N O2'     75.067  
HIS 'L-peptide linking' y HISTIDINE       ? 'C6 H10 N3 O2 1' 156.162 
ILE 'L-peptide linking' y ISOLEUCINE      ? 'C6 H13 N O2'    131.173 
LEU 'L-peptide linking' y LEUCINE         ? 'C6 H13 N O2'    131.173 
LYS 'L-peptide linking' y LYSINE          ? 'C6 H15 N2 O2 1' 147.195 
MET 'L-peptide linking' y METHIONINE      ? 'C5 H11 N O2 S'  149.211 
PHE 'L-peptide linking' y PHENYLALANINE   ? 'C9 H11 N O2'    165.189 
PRO 'L-peptide linking' y PROLINE         ? 'C5 H9 N O2'     115.130 
SER 'L-peptide linking' y SERINE          ? 'C3 H7 N O3'     105.093 
THR 'L-peptide linking' y THREONINE       ? 'C4 H9 N O3'     119.119 
TRP 'L-peptide linking' y TRYPTOPHAN      ? 'C11 H12 N2 O2'  204.225 
TYR 'L-peptide linking' y TYROSINE        ? 'C9 H11 N O3'    181.189 
VAL 'L-peptide linking' y VALINE          ? 'C5 H11 N O2'    117.146 
# 
loop_
_pdbx_poly_seq_scheme.asym_id 
_pdbx_poly_seq_scheme.entity_id 
_pdbx_poly_seq_scheme.seq_id 
_pdbx_poly_seq_scheme.mon_id 
_pdbx_poly_seq_scheme.ndb_seq_num 
_pdbx_poly_seq_scheme.pdb_seq_num 
_pdbx_poly_seq_scheme.auth_seq_num 
_pdbx_poly_seq_scheme.pdb_mon_id 
_pdbx_poly_seq_scheme.auth_mon_id 
_pdbx_poly_seq_scheme.pdb_strand_id 
_pdbx_poly_seq_scheme.pdb_ins_code 
_pdbx_poly_seq_scheme.hetero 
A 1 1   MET 1   -21 ?   ?   ?   A . n 
A 1 2   GLY 2   -20 ?   ?   ?   A . n 
A 1 3   HIS 3   -19 ?   ?   ?   A . n 
A 1 4   HIS 4   -18 ?   ?   ?   A . n 
A 1 5   HIS 5   -17 ?   ?   ?   A . n 
A 1 6   HIS 6   -16 ?   ?   ?   A . n 
A 1 7   HIS 7   -15 ?   ?   ?   A . n 
A 1 8   HIS 8   -14 ?   ?   ?   A . n 
A 1 9   HIS 9   -13 ?   ?   ?   A . n 
A 1 10  HIS 10  -12 ?   ?   ?   A . n 
A 1 11  HIS 11  -11 ?   ?   ?   A . n 
A 1 12  SER 12  -10 ?   ?   ?   A . n 
A 1 13  SER 13  -9  ?   ?   ?   A . n 
A 1 14  GLY 14  -8  ?   ?   ?   A . n 
A 1 15  HIS 15  -7  ?   ?   ?   A . n 
A 1 16  ILE 16  -6  ?   ?   ?   A . n 
A 1 17  ASP 17  -5  ?   ?   ?   A . n 
A 1 18  ASP 18  -4  ?   ?   ?   A . n 
A 1 19  ASP 19  -3  ?   ?   ?   A . n 
A 1 20  ASP 20  -2  ?   ?   ?   A . n 
A 1 21  LYS 21  -1  ?   ?   ?   A . n 
A 1 22  HIS 22  0   ?   ?   ?   A . n 
A 1 23  MET 23  1   ?   ?   ?   A . n 
A 1 24  GLU 24  2   ?   ?   ?   A . n 
A 1 25  LEU 25  3   ?   ?   ?   A . n 
A 1 26  PHE 26  4   ?   ?   ?   A . n 
A 1 27  ASN 27  5   ?   ?   ?   A . n 
A 1 28  ARG 28  6   ?   ?   ?   A . n 
A 1 29  VAL 29  7   ?   ?   ?   A . n 
A 1 30  GLY 30  8   ?   ?   ?   A . n 
A 1 31  ARG 31  9   ?   ?   ?   A . n 
A 1 32  VAL 32  10  ?   ?   ?   A . n 
A 1 33  LEU 33  11  ?   ?   ?   A . n 
A 1 34  LYS 34  12  ?   ?   ?   A . n 
A 1 35  SER 35  13  ?   ?   ?   A . n 
A 1 36  GLN 36  14  ?   ?   ?   A . n 
A 1 37  LEU 37  15  ?   ?   ?   A . n 
A 1 38  THR 38  16  ?   ?   ?   A . n 
A 1 39  HIS 39  17  ?   ?   ?   A . n 
A 1 40  TRP 40  18  ?   ?   ?   A . n 
A 1 41  GLN 41  19  ?   ?   ?   A . n 
A 1 42  GLN 42  20  ?   ?   ?   A . n 
A 1 43  GLN 43  21  ?   ?   ?   A . n 
A 1 44  GLN 44  22  22  GLN GLN A . n 
A 1 45  GLU 45  23  23  GLU GLU A . n 
A 1 46  ALA 46  24  24  ALA ALA A . n 
A 1 47  PRO 47  25  25  PRO PRO A . n 
A 1 48  GLU 48  26  26  GLU GLU A . n 
A 1 49  ASP 49  27  27  ASP ASP A . n 
A 1 50  LEU 50  28  28  LEU LEU A . n 
A 1 51  LEU 51  29  29  LEU LEU A . n 
A 1 52  GLU 52  30  30  GLU GLU A . n 
A 1 53  ARG 53  31  31  ARG ARG A . n 
A 1 54  LEU 54  32  32  LEU LEU A . n 
A 1 55  LEU 55  33  33  LEU LEU A . n 
A 1 56  GLY 56  34  34  GLY GLY A . n 
A 1 57  GLU 57  35  35  GLU GLU A . n 
A 1 58  MET 58  36  36  MET MET A . n 
A 1 59  GLU 59  37  37  GLU GLU A . n 
A 1 60  LEU 60  38  38  LEU LEU A . n 
A 1 61  GLU 61  39  39  GLU GLU A . n 
A 1 62  LEU 62  40  40  LEU LEU A . n 
A 1 63  ILE 63  41  41  ILE ILE A . n 
A 1 64  GLU 64  42  42  GLU GLU A . n 
A 1 65  LEU 65  43  43  LEU LEU A . n 
A 1 66  ARG 66  44  44  ARG ARG A . n 
A 1 67  ARG 67  45  45  ARG ARG A . n 
A 1 68  ALA 68  46  46  ALA ALA A . n 
A 1 69  LEU 69  47  47  LEU LEU A . n 
A 1 70  ALA 70  48  48  ALA ALA A . n 
A 1 71  GLN 71  49  49  GLN GLN A . n 
A 1 72  THR 72  50  50  THR THR A . n 
A 1 73  ILE 73  51  51  ILE ILE A . n 
A 1 74  ALA 74  52  52  ALA ALA A . n 
A 1 75  THR 75  53  53  THR THR A . n 
A 1 76  PHE 76  54  54  PHE PHE A . n 
A 1 77  LYS 77  55  55  LYS LYS A . n 
A 1 78  SER 78  56  56  SER SER A . n 
A 1 79  THR 79  57  57  THR THR A . n 
A 1 80  GLU 80  58  58  GLU GLU A . n 
A 1 81  ARG 81  59  59  ARG ARG A . n 
A 1 82  GLN 82  60  60  GLN GLN A . n 
A 1 83  ARG 83  61  61  ARG ARG A . n 
A 1 84  ASP 84  62  62  ASP ASP A . n 
A 1 85  ALA 85  63  63  ALA ALA A . n 
A 1 86  GLN 86  64  64  GLN GLN A . n 
A 1 87  GLN 87  65  65  GLN GLN A . n 
A 1 88  LEU 88  66  66  LEU LEU A . n 
A 1 89  ILE 89  67  67  ILE ILE A . n 
A 1 90  ALA 90  68  68  ALA ALA A . n 
A 1 91  GLN 91  69  69  GLN GLN A . n 
A 1 92  ARG 92  70  70  ARG ARG A . n 
A 1 93  TRP 93  71  71  TRP TRP A . n 
A 1 94  TYR 94  72  72  TYR TYR A . n 
A 1 95  GLU 95  73  73  GLU GLU A . n 
A 1 96  LYS 96  74  74  LYS LYS A . n 
A 1 97  ALA 97  75  75  ALA ALA A . n 
A 1 98  GLN 98  76  76  GLN GLN A . n 
A 1 99  ALA 99  77  77  ALA ALA A . n 
A 1 100 ALA 100 78  78  ALA ALA A . n 
A 1 101 LEU 101 79  79  LEU LEU A . n 
A 1 102 ASP 102 80  80  ASP ASP A . n 
A 1 103 ARG 103 81  81  ARG ARG A . n 
A 1 104 GLY 104 82  82  GLY GLY A . n 
A 1 105 ASN 105 83  83  ASN ASN A . n 
A 1 106 GLU 106 84  84  GLU GLU A . n 
A 1 107 GLN 107 85  85  GLN GLN A . n 
A 1 108 LEU 108 86  86  LEU LEU A . n 
A 1 109 ALA 109 87  87  ALA ALA A . n 
A 1 110 ARG 110 88  88  ARG ARG A . n 
A 1 111 GLU 111 89  89  GLU GLU A . n 
A 1 112 ALA 112 90  90  ALA ALA A . n 
A 1 113 LEU 113 91  91  LEU LEU A . n 
A 1 114 GLY 114 92  92  GLY GLY A . n 
A 1 115 GLN 115 93  93  GLN GLN A . n 
A 1 116 ARG 116 94  94  ARG ARG A . n 
A 1 117 GLN 117 95  95  GLN GLN A . n 
A 1 118 SER 118 96  96  SER SER A . n 
A 1 119 TYR 119 97  97  TYR TYR A . n 
A 1 120 GLN 120 98  98  GLN GLN A . n 
A 1 121 SER 121 99  99  SER SER A . n 
A 1 122 HIS 122 100 100 HIS HIS A . n 
A 1 123 THR 123 101 101 THR THR A . n 
A 1 124 GLU 124 102 102 GLU GLU A . n 
A 1 125 ALA 125 103 103 ALA ALA A . n 
A 1 126 LEU 126 104 104 LEU LEU A . n 
A 1 127 GLY 127 105 105 GLY GLY A . n 
A 1 128 LYS 128 106 106 LYS LYS A . n 
A 1 129 SER 129 107 107 SER SER A . n 
A 1 130 LEU 130 108 108 LEU LEU A . n 
A 1 131 GLY 131 109 109 GLY GLY A . n 
A 1 132 GLU 132 110 110 GLU GLU A . n 
A 1 133 GLN 133 111 111 GLN GLN A . n 
A 1 134 ARG 134 112 112 ARG ARG A . n 
A 1 135 ALA 135 113 113 ALA ALA A . n 
A 1 136 LEU 136 114 114 LEU LEU A . n 
A 1 137 VAL 137 115 115 VAL VAL A . n 
A 1 138 GLU 138 116 116 GLU GLU A . n 
A 1 139 GLN 139 117 117 GLN GLN A . n 
A 1 140 VAL 140 118 118 VAL VAL A . n 
A 1 141 ARG 141 119 119 ARG ARG A . n 
A 1 142 GLY 142 120 120 GLY GLY A . n 
A 1 143 GLN 143 121 121 GLN GLN A . n 
A 1 144 LEU 144 122 122 LEU LEU A . n 
A 1 145 GLN 145 123 123 GLN GLN A . n 
A 1 146 LYS 146 124 124 LYS LYS A . n 
A 1 147 LEU 147 125 125 LEU LEU A . n 
A 1 148 GLU 148 126 126 GLU GLU A . n 
A 1 149 ARG 149 127 127 ARG ARG A . n 
A 1 150 LYS 150 128 128 LYS LYS A . n 
A 1 151 TYR 151 129 129 TYR TYR A . n 
A 1 152 LEU 152 130 130 LEU LEU A . n 
A 1 153 GLU 153 131 131 GLU GLU A . n 
A 1 154 LEU 154 132 132 LEU LEU A . n 
A 1 155 LYS 155 133 133 LYS LYS A . n 
A 1 156 SER 156 134 134 SER SER A . n 
A 1 157 GLN 157 135 135 GLN GLN A . n 
A 1 158 LYS 158 136 136 LYS LYS A . n 
A 1 159 ASN 159 137 137 ASN ASN A . n 
A 1 160 LEU 160 138 138 LEU LEU A . n 
A 1 161 TYR 161 139 139 TYR TYR A . n 
A 1 162 LEU 162 140 140 LEU LEU A . n 
A 1 163 ALA 163 141 141 ALA ALA A . n 
A 1 164 ARG 164 142 142 ARG ARG A . n 
A 1 165 LEU 165 143 143 LEU LEU A . n 
A 1 166 LYS 166 144 144 LYS LYS A . n 
A 1 167 SER 167 145 145 SER SER A . n 
A 1 168 ALA 168 146 146 ALA ALA A . n 
A 1 169 ILE 169 147 147 ILE ILE A . n 
A 1 170 ALA 170 148 148 ALA ALA A . n 
A 1 171 ALA 171 149 149 ALA ALA A . n 
A 1 172 GLN 172 150 150 GLN GLN A . n 
A 1 173 LYS 173 151 151 LYS LYS A . n 
A 1 174 ILE 174 152 152 ILE ILE A . n 
A 1 175 GLU 175 153 153 GLU GLU A . n 
A 1 176 GLU 176 154 154 GLU GLU A . n 
A 1 177 ILE 177 155 155 ILE ILE A . n 
A 1 178 ALA 178 156 156 ALA ALA A . n 
A 1 179 GLY 179 157 157 GLY GLY A . n 
A 1 180 ASN 180 158 158 ASN ASN A . n 
A 1 181 LEU 181 159 159 LEU LEU A . n 
A 1 182 ASP 182 160 160 ASP ALA A . n 
A 1 183 ASN 183 161 161 ASN ASN A . n 
A 1 184 ALA 184 162 162 ALA ALA A . n 
A 1 185 SER 185 163 163 SER SER A . n 
A 1 186 ALA 186 164 164 ALA ALA A . n 
A 1 187 SER 187 165 165 SER SER A . n 
A 1 188 SER 188 166 166 SER SER A . n 
A 1 189 LEU 189 167 167 LEU LEU A . n 
A 1 190 PHE 190 168 168 PHE PHE A . n 
A 1 191 GLU 191 169 169 GLU GLU A . n 
A 1 192 ARG 192 170 170 ARG ARG A . n 
A 1 193 ILE 193 171 171 ILE ILE A . n 
A 1 194 GLU 194 172 172 GLU GLU A . n 
A 1 195 THR 195 173 173 THR THR A . n 
A 1 196 LYS 196 174 174 LYS LYS A . n 
A 1 197 ILE 197 175 175 ILE ILE A . n 
A 1 198 LEU 198 176 176 LEU LEU A . n 
A 1 199 GLU 199 177 177 GLU GLU A . n 
A 1 200 LEU 200 178 178 LEU LEU A . n 
A 1 201 GLU 201 179 179 GLU GLU A . n 
A 1 202 ALA 202 180 180 ALA ALA A . n 
A 1 203 GLU 203 181 181 GLU GLU A . n 
A 1 204 ARG 204 182 182 ARG ARG A . n 
A 1 205 GLU 205 183 183 GLU GLU A . n 
A 1 206 LEU 206 184 184 LEU LEU A . n 
A 1 207 LEU 207 185 185 LEU LEU A . n 
A 1 208 ASN 208 186 186 ASN ASN A . n 
A 1 209 PRO 209 187 187 PRO PRO A . n 
A 1 210 PRO 210 188 188 PRO PRO A . n 
A 1 211 PRO 211 189 189 PRO PRO A . n 
A 1 212 SER 212 190 190 SER SER A . n 
A 1 213 PRO 213 191 191 PRO PRO A . n 
A 1 214 LEU 214 192 192 LEU LEU A . n 
A 1 215 ASP 215 193 193 ASP ASP A . n 
A 1 216 LYS 216 194 194 LYS LYS A . n 
A 1 217 LYS 217 195 195 LYS LYS A . n 
A 1 218 PHE 218 196 196 PHE PHE A . n 
A 1 219 GLU 219 197 197 GLU GLU A . n 
A 1 220 GLN 220 198 198 GLN GLN A . n 
A 1 221 TRP 221 199 199 TRP TRP A . n 
A 1 222 GLU 222 200 200 GLU GLU A . n 
A 1 223 GLU 223 201 201 GLU GLU A . n 
A 1 224 GLN 224 202 202 GLN GLN A . n 
A 1 225 GLN 225 203 203 GLN GLN A . n 
A 1 226 ALA 226 204 204 ALA ALA A . n 
A 1 227 VAL 227 205 205 VAL VAL A . n 
A 1 228 GLU 228 206 206 GLU GLU A . n 
A 1 229 ALA 229 207 207 ALA ALA A . n 
A 1 230 THR 230 208 208 THR THR A . n 
A 1 231 LEU 231 209 209 LEU LEU A . n 
A 1 232 ALA 232 210 210 ALA ALA A . n 
A 1 233 ALA 233 211 211 ALA ALA A . n 
A 1 234 MET 234 212 212 MET MET A . n 
A 1 235 LYS 235 213 213 LYS LYS A . n 
A 1 236 ALA 236 214 214 ALA ALA A . n 
A 1 237 ARG 237 215 215 ARG ARG A . n 
A 1 238 ARG 238 216 216 ARG ARG A . n 
A 1 239 SER 239 217 217 SER SER A . n 
A 1 240 LEU 240 218 ?   ?   ?   A . n 
A 1 241 PRO 241 219 ?   ?   ?   A . n 
A 1 242 PRO 242 220 ?   ?   ?   A . n 
A 1 243 PRO 243 221 ?   ?   ?   A . n 
A 1 244 SER 244 222 ?   ?   ?   A . n 
A 1 245 SER 245 223 ?   ?   ?   A . n 
# 
loop_
_pdbx_unobs_or_zero_occ_atoms.id 
_pdbx_unobs_or_zero_occ_atoms.PDB_model_num 
_pdbx_unobs_or_zero_occ_atoms.polymer_flag 
_pdbx_unobs_or_zero_occ_atoms.occupancy_flag 
_pdbx_unobs_or_zero_occ_atoms.auth_asym_id 
_pdbx_unobs_or_zero_occ_atoms.auth_comp_id 
_pdbx_unobs_or_zero_occ_atoms.auth_seq_id 
_pdbx_unobs_or_zero_occ_atoms.PDB_ins_code 
_pdbx_unobs_or_zero_occ_atoms.auth_atom_id 
_pdbx_unobs_or_zero_occ_atoms.label_alt_id 
_pdbx_unobs_or_zero_occ_atoms.label_asym_id 
_pdbx_unobs_or_zero_occ_atoms.label_comp_id 
_pdbx_unobs_or_zero_occ_atoms.label_seq_id 
_pdbx_unobs_or_zero_occ_atoms.label_atom_id 
1 1 Y 1 A ASP 160 ? CG  ? A ASP 182 CG  
2 1 Y 1 A ASP 160 ? OD1 ? A ASP 182 OD1 
3 1 Y 1 A ASP 160 ? OD2 ? A ASP 182 OD2 
# 
_software.citation_id            ? 
_software.classification         refinement 
_software.compiler_name          ? 
_software.compiler_version       ? 
_software.contact_author         ? 
_software.contact_author_email   ? 
_software.date                   ? 
_software.description            ? 
_software.dependencies           ? 
_software.hardware               ? 
_software.language               ? 
_software.location               ? 
_software.mods                   ? 
_software.name                   PHENIX 
_software.os                     ? 
_software.os_version             ? 
_software.type                   ? 
_software.version                1.16_3549: 
_software.pdbx_ordinal           1 
# 
_cell.angle_alpha                  90.00 
_cell.angle_alpha_esd              ? 
_cell.angle_beta                   90.00 
_cell.angle_beta_esd               ? 
_cell.angle_gamma                  90.00 
_cell.angle_gamma_esd              ? 
_cell.entry_id                     7ABK 
_cell.details                      ? 
_cell.formula_units_Z              ? 
_cell.length_a                     1.00 
_cell.length_a_esd                 ? 
_cell.length_b                     1.00 
_cell.length_b_esd                 ? 
_cell.length_c                     1.00 
_cell.length_c_esd                 ? 
_cell.volume                       ? 
_cell.volume_esd                   ? 
_cell.Z_PDB                        ? 
_cell.reciprocal_angle_alpha       ? 
_cell.reciprocal_angle_beta        ? 
_cell.reciprocal_angle_gamma       ? 
_cell.reciprocal_angle_alpha_esd   ? 
_cell.reciprocal_angle_beta_esd    ? 
_cell.reciprocal_angle_gamma_esd   ? 
_cell.reciprocal_length_a          ? 
_cell.reciprocal_length_b          ? 
_cell.reciprocal_length_c          ? 
_cell.reciprocal_length_a_esd      ? 
_cell.reciprocal_length_b_esd      ? 
_cell.reciprocal_length_c_esd      ? 
_cell.pdbx_unique_axis             ? 
# 
_symmetry.entry_id                         7ABK 
_symmetry.cell_setting                     ? 
_symmetry.Int_Tables_number                1 
_symmetry.space_group_name_Hall            ? 
_symmetry.space_group_name_H-M             'P 1' 
_symmetry.pdbx_full_space_group_name_H-M   ? 
# 
_exptl.absorpt_coefficient_mu     ? 
_exptl.absorpt_correction_T_max   ? 
_exptl.absorpt_correction_T_min   ? 
_exptl.absorpt_correction_type    ? 
_exptl.absorpt_process_details    ? 
_exptl.entry_id                   7ABK 
_exptl.crystals_number            ? 
_exptl.details                    ? 
_exptl.method                     'ELECTRON MICROSCOPY' 
_exptl.method_details             ? 
# 
_refine.aniso_B[1][1]                            ? 
_refine.aniso_B[1][2]                            ? 
_refine.aniso_B[1][3]                            ? 
_refine.aniso_B[2][2]                            ? 
_refine.aniso_B[2][3]                            ? 
_refine.aniso_B[3][3]                            ? 
_refine.B_iso_max                                ? 
_refine.B_iso_mean                               ? 
_refine.B_iso_min                                ? 
_refine.correlation_coeff_Fo_to_Fc               ? 
_refine.correlation_coeff_Fo_to_Fc_free          ? 
_refine.details                                  ? 
_refine.diff_density_max                         ? 
_refine.diff_density_max_esd                     ? 
_refine.diff_density_min                         ? 
_refine.diff_density_min_esd                     ? 
_refine.diff_density_rms                         ? 
_refine.diff_density_rms_esd                     ? 
_refine.entry_id                                 7ABK 
_refine.pdbx_refine_id                           'ELECTRON MICROSCOPY' 
_refine.ls_abs_structure_details                 ? 
_refine.ls_abs_structure_Flack                   ? 
_refine.ls_abs_structure_Flack_esd               ? 
_refine.ls_abs_structure_Rogers                  ? 
_refine.ls_abs_structure_Rogers_esd              ? 
_refine.ls_d_res_high                            . 
_refine.ls_d_res_low                             ? 
_refine.ls_extinction_coef                       ? 
_refine.ls_extinction_coef_esd                   ? 
_refine.ls_extinction_expression                 ? 
_refine.ls_extinction_method                     ? 
_refine.ls_goodness_of_fit_all                   ? 
_refine.ls_goodness_of_fit_all_esd               ? 
_refine.ls_goodness_of_fit_obs                   ? 
_refine.ls_goodness_of_fit_obs_esd               ? 
_refine.ls_hydrogen_treatment                    ? 
_refine.ls_matrix_type                           ? 
_refine.ls_number_constraints                    ? 
_refine.ls_number_parameters                     ? 
_refine.ls_number_reflns_all                     ? 
_refine.ls_number_reflns_obs                     ? 
_refine.ls_number_reflns_R_free                  ? 
_refine.ls_number_reflns_R_work                  ? 
_refine.ls_number_restraints                     ? 
_refine.ls_percent_reflns_obs                    ? 
_refine.ls_percent_reflns_R_free                 ? 
_refine.ls_R_factor_all                          ? 
_refine.ls_R_factor_obs                          ? 
_refine.ls_R_factor_R_free                       ? 
_refine.ls_R_factor_R_free_error                 ? 
_refine.ls_R_factor_R_free_error_details         ? 
_refine.ls_R_factor_R_work                       ? 
_refine.ls_R_Fsqd_factor_obs                     ? 
_refine.ls_R_I_factor_obs                        ? 
_refine.ls_redundancy_reflns_all                 ? 
_refine.ls_redundancy_reflns_obs                 ? 
_refine.ls_restrained_S_all                      ? 
_refine.ls_restrained_S_obs                      ? 
_refine.ls_shift_over_esd_max                    ? 
_refine.ls_shift_over_esd_mean                   ? 
_refine.ls_structure_factor_coef                 ? 
_refine.ls_weighting_details                     ? 
_refine.ls_weighting_scheme                      ? 
_refine.ls_wR_factor_all                         ? 
_refine.ls_wR_factor_obs                         ? 
_refine.ls_wR_factor_R_free                      ? 
_refine.ls_wR_factor_R_work                      ? 
_refine.occupancy_max                            ? 
_refine.occupancy_min                            ? 
_refine.solvent_model_details                    ? 
_refine.solvent_model_param_bsol                 ? 
_refine.solvent_model_param_ksol                 ? 
_refine.pdbx_R_complete                          ? 
_refine.ls_R_factor_gt                           ? 
_refine.ls_goodness_of_fit_gt                    ? 
_refine.ls_goodness_of_fit_ref                   ? 
_refine.ls_shift_over_su_max                     ? 
_refine.ls_shift_over_su_max_lt                  ? 
_refine.ls_shift_over_su_mean                    ? 
_refine.ls_shift_over_su_mean_lt                 ? 
_refine.pdbx_ls_sigma_I                          ? 
_refine.pdbx_ls_sigma_F                          ? 
_refine.pdbx_ls_sigma_Fsqd                       ? 
_refine.pdbx_data_cutoff_high_absF               ? 
_refine.pdbx_data_cutoff_high_rms_absF           ? 
_refine.pdbx_data_cutoff_low_absF                ? 
_refine.pdbx_isotropic_thermal_model             ? 
_refine.pdbx_ls_cross_valid_method               ? 
_refine.pdbx_method_to_determine_struct          ? 
_refine.pdbx_starting_model                      ? 
_refine.pdbx_stereochemistry_target_values       ? 
_refine.pdbx_R_Free_selection_details            ? 
_refine.pdbx_stereochem_target_val_spec_case     ? 
_refine.pdbx_overall_ESU_R                       ? 
_refine.pdbx_overall_ESU_R_Free                  ? 
_refine.pdbx_solvent_vdw_probe_radii             ? 
_refine.pdbx_solvent_ion_probe_radii             ? 
_refine.pdbx_solvent_shrinkage_radii             ? 
_refine.pdbx_real_space_R                        ? 
_refine.pdbx_density_correlation                 ? 
_refine.pdbx_pd_number_of_powder_patterns        ? 
_refine.pdbx_pd_number_of_points                 ? 
_refine.pdbx_pd_meas_number_of_points            ? 
_refine.pdbx_pd_proc_ls_prof_R_factor            ? 
_refine.pdbx_pd_proc_ls_prof_wR_factor           ? 
_refine.pdbx_pd_Marquardt_correlation_coeff      ? 
_refine.pdbx_pd_Fsqrd_R_factor                   ? 
_refine.pdbx_pd_ls_matrix_band_width             ? 
_refine.pdbx_overall_phase_error                 ? 
_refine.pdbx_overall_SU_R_free_Cruickshank_DPI   ? 
_refine.pdbx_overall_SU_R_free_Blow_DPI          ? 
_refine.pdbx_overall_SU_R_Blow_DPI               ? 
_refine.pdbx_TLS_residual_ADP_flag               ? 
_refine.pdbx_diffrn_id                           ? 
_refine.overall_SU_B                             ? 
_refine.overall_SU_ML                            ? 
_refine.overall_SU_R_Cruickshank_DPI             ? 
_refine.overall_SU_R_free                        ? 
_refine.overall_FOM_free_R_set                   ? 
_refine.overall_FOM_work_R_set                   ? 
_refine.pdbx_average_fsc_overall                 ? 
_refine.pdbx_average_fsc_work                    ? 
_refine.pdbx_average_fsc_free                    ? 
# 
loop_
_refine_ls_restr.pdbx_refine_id 
_refine_ls_restr.criterion 
_refine_ls_restr.dev_ideal 
_refine_ls_restr.dev_ideal_target 
_refine_ls_restr.number 
_refine_ls_restr.rejects 
_refine_ls_restr.type 
_refine_ls_restr.weight 
_refine_ls_restr.pdbx_restraint_function 
'ELECTRON MICROSCOPY' ? 0.004 ? 7950  ? f_bond_d           ? ? 
'ELECTRON MICROSCOPY' ? 0.528 ? 10670 ? f_angle_d          ? ? 
'ELECTRON MICROSCOPY' ? 8.364 ? 5065  ? f_dihedral_angle_d ? ? 
'ELECTRON MICROSCOPY' ? 0.031 ? 1180  ? f_chiral_restr     ? ? 
'ELECTRON MICROSCOPY' ? 0.003 ? 1420  ? f_plane_restr      ? ? 
# 
_struct.entry_id                     7ABK 
_struct.title                        'Helical structure of PspA' 
_struct.pdbx_model_details           ? 
_struct.pdbx_formula_weight          ? 
_struct.pdbx_formula_weight_method   ? 
_struct.pdbx_model_type_details      ? 
_struct.pdbx_CASP_flag               N 
# 
_struct_keywords.entry_id        7ABK 
_struct_keywords.text            
'PspA, IM30, Vipp1, ESCRT-III, helical reconstruction, Cryo-EM, membrane remodeling, LIPID BINDING PROTEIN' 
_struct_keywords.pdbx_keywords   'LIPID BINDING PROTEIN' 
# 
_struct_asym.id                            A 
_struct_asym.pdbx_blank_PDB_chainid_flag   N 
_struct_asym.pdbx_modified                 N 
_struct_asym.entity_id                     1 
_struct_asym.details                       ? 
# 
_struct_ref.id                         1 
_struct_ref.db_name                    UNP 
_struct_ref.db_code                    P74717_SYNY3 
_struct_ref.pdbx_db_accession          P74717 
_struct_ref.pdbx_db_isoform            ? 
_struct_ref.entity_id                  1 
_struct_ref.pdbx_seq_one_letter_code   
;MELFNRVGRVLKSQLTHWQQQQEAPEDLLERLLGEMELELIELRRALAQTIATFKSTERQRDAQQLIAQRWYEKAQAALD
RGNEQLAREALGQRQSYQSHTEALGKSLGEQRALVEQVRGQLQKLERKYLELKSQKNLYLARLKSAIAAQKIEEIAGNLD
NASASSLFERIETKILELEAERELLNPPPSPLDKKFEQWEEQQAVEATLAAMKARRSLPPPSS
;
_struct_ref.pdbx_align_begin           1 
# 
_struct_ref_seq.align_id                      1 
_struct_ref_seq.ref_id                        1 
_struct_ref_seq.pdbx_PDB_id_code              7ABK 
_struct_ref_seq.pdbx_strand_id                A 
_struct_ref_seq.seq_align_beg                 23 
_struct_ref_seq.pdbx_seq_align_beg_ins_code   ? 
_struct_ref_seq.seq_align_end                 245 
_struct_ref_seq.pdbx_seq_align_end_ins_code   ? 
_struct_ref_seq.pdbx_db_accession             P74717 
_struct_ref_seq.db_align_beg                  1 
_struct_ref_seq.pdbx_db_align_beg_ins_code    ? 
_struct_ref_seq.db_align_end                  223 
_struct_ref_seq.pdbx_db_align_end_ins_code    ? 
_struct_ref_seq.pdbx_auth_seq_align_beg       1 
_struct_ref_seq.pdbx_auth_seq_align_end       223 
# 
loop_
_struct_ref_seq_dif.align_id 
_struct_ref_seq_dif.pdbx_pdb_id_code 
_struct_ref_seq_dif.mon_id 
_struct_ref_seq_dif.pdbx_pdb_strand_id 
_struct_ref_seq_dif.seq_num 
_struct_ref_seq_dif.pdbx_pdb_ins_code 
_struct_ref_seq_dif.pdbx_seq_db_name 
_struct_ref_seq_dif.pdbx_seq_db_accession_code 
_struct_ref_seq_dif.db_mon_id 
_struct_ref_seq_dif.pdbx_seq_db_seq_num 
_struct_ref_seq_dif.details 
_struct_ref_seq_dif.pdbx_auth_seq_num 
_struct_ref_seq_dif.pdbx_ordinal 
1 7ABK MET A 1  ? UNP P74717 ? ? 'initiating methionine' -21 1  
1 7ABK GLY A 2  ? UNP P74717 ? ? 'expression tag'        -20 2  
1 7ABK HIS A 3  ? UNP P74717 ? ? 'expression tag'        -19 3  
1 7ABK HIS A 4  ? UNP P74717 ? ? 'expression tag'        -18 4  
1 7ABK HIS A 5  ? UNP P74717 ? ? 'expression tag'        -17 5  
1 7ABK HIS A 6  ? UNP P74717 ? ? 'expression tag'        -16 6  
1 7ABK HIS A 7  ? UNP P74717 ? ? 'expression tag'        -15 7  
1 7ABK HIS A 8  ? UNP P74717 ? ? 'expression tag'        -14 8  
1 7ABK HIS A 9  ? UNP P74717 ? ? 'expression tag'        -13 9  
1 7ABK HIS A 10 ? UNP P74717 ? ? 'expression tag'        -12 10 
1 7ABK HIS A 11 ? UNP P74717 ? ? 'expression tag'        -11 11 
1 7ABK SER A 12 ? UNP P74717 ? ? 'expression tag'        -10 12 
1 7ABK SER A 13 ? UNP P74717 ? ? 'expression tag'        -9  13 
1 7ABK GLY A 14 ? UNP P74717 ? ? 'expression tag'        -8  14 
1 7ABK HIS A 15 ? UNP P74717 ? ? 'expression tag'        -7  15 
1 7ABK ILE A 16 ? UNP P74717 ? ? 'expression tag'        -6  16 
1 7ABK ASP A 17 ? UNP P74717 ? ? 'expression tag'        -5  17 
1 7ABK ASP A 18 ? UNP P74717 ? ? 'expression tag'        -4  18 
1 7ABK ASP A 19 ? UNP P74717 ? ? 'expression tag'        -3  19 
1 7ABK ASP A 20 ? UNP P74717 ? ? 'expression tag'        -2  20 
1 7ABK LYS A 21 ? UNP P74717 ? ? 'expression tag'        -1  21 
1 7ABK HIS A 22 ? UNP P74717 ? ? 'expression tag'        0   22 
# 
_pdbx_struct_assembly.id                   1 
_pdbx_struct_assembly.details              author_and_software_defined_assembly 
_pdbx_struct_assembly.method_details       ? 
_pdbx_struct_assembly.oligomeric_details   51-meric 
_pdbx_struct_assembly.oligomeric_count     51 
# 
_pdbx_struct_assembly_gen.assembly_id       1 
_pdbx_struct_assembly_gen.oper_expression   
;1,2,3,4,5,6,7,8,9,10,11,12,13,14,15,16,17,18,19,20,21,22,23,24,25,26,27,28,29,30,31,32,33,34,35,36,37,38,39,40,41,42,43,44,45,46,47,48,49,50,51
;
_pdbx_struct_assembly_gen.asym_id_list      A 
# 
_pdbx_struct_assembly_auth_evidence.id                     1 
_pdbx_struct_assembly_auth_evidence.assembly_id            1 
_pdbx_struct_assembly_auth_evidence.experimental_support   microscopy 
_pdbx_struct_assembly_auth_evidence.details                ? 
# 
loop_
_pdbx_struct_oper_list.id 
_pdbx_struct_oper_list.type 
_pdbx_struct_oper_list.name 
_pdbx_struct_oper_list.symmetry_operation 
_pdbx_struct_oper_list.matrix[1][1] 
_pdbx_struct_oper_list.matrix[1][2] 
_pdbx_struct_oper_list.matrix[1][3] 
_pdbx_struct_oper_list.vector[1] 
_pdbx_struct_oper_list.matrix[2][1] 
_pdbx_struct_oper_list.matrix[2][2] 
_pdbx_struct_oper_list.matrix[2][3] 
_pdbx_struct_oper_list.vector[2] 
_pdbx_struct_oper_list.matrix[3][1] 
_pdbx_struct_oper_list.matrix[3][2] 
_pdbx_struct_oper_list.matrix[3][3] 
_pdbx_struct_oper_list.vector[3] 
1  'identity operation'       1_555 ? 1.0000000000 0.0000000000 0.0000000000 0.0000000000 0.0000000000 1.0000000000 0.0000000000 0.0000000000 0.0000000000 0.0000000000 1.0000000000 0.0000000000 
2  'point symmetry operation' ?     ? 0.99527156   -0.09420039  0.02367663   98.01907     0.09648687   0.98686673   -0.12955208  21.25092     -0.01116154  0.13122402   0.99128970   67.60983     
3  'point symmetry operation' ?     ? 0.96398118   0.26596948   0.00066579   86.88044     -0.24855222  0.89995742   0.35818741   -6.52365     0.09466784   -0.34545139  0.93364940   82.90376     
4  'point symmetry operation' ?     ? 0.81474114   0.55979656   0.15107876   66.98090     -0.47021281  0.48544193   0.73705247   -18.35214    0.33925933   -0.67154616  0.65873292   107.26546    
5  'point symmetry operation' ?     ? 0.60258117   0.67893671   0.41945339   44.78745     -0.48676091  -0.10383422  0.86734251   -9.98939     0.63242393   -0.72681782  0.26791105   131.07530    
6  'point symmetry operation' ?     ? 0.40573220   0.57945875   0.70683039   27.61285     -0.29209468  -0.65058392  0.70101498   15.36480     0.86606140   -0.49088580  -0.09470628  144.91727    
7  'point symmetry operation' ?     ? 0.29677889   0.29804339   0.90724449   20.91935     0.04200613   -0.95320268  0.29940021   48.24500     0.95402196   -0.05074585  -0.29541020  143.05073    
8  'point symmetry operation' ?     ? 0.31589620   -0.06154127  0.94679580   26.30452     0.39234642   -0.90010418  -0.18941181  76.41109     0.86387146   0.43130641   -0.26019402  125.52716    
9  'point symmetry operation' ?     ? 0.45603491   -0.36670485  0.81090060   40.91191     0.62974454   -0.51086771  -0.58518045  89.36079     0.62885136   0.77752293   -0.00204319  98.17165     
10 'point symmetry operation' ?     ? 0.66552068   -0.50492268  0.54966855   58.48484     0.66666346   0.07098081   -0.74197177  82.20268     0.33562219   0.86024146   0.38385251   70.43425     
11 'point symmetry operation' ?     ? 0.86710983   -0.42522936  0.25942368   71.67271     0.48948971   0.63089640   -0.60197162  57.46030     0.09230640   0.64896071   0.75520177   51.90629     
12 'point symmetry operation' ?     ? 0.98646883   -0.15701067  0.04719020   74.74222     0.16355380   0.96241706   -0.21680315  24.14024     -0.01137627  0.22158769   0.97507411   48.78291     
13 'point symmetry operation' ?     ? 0.97958616   0.20083245   -0.00877454  65.69093     -0.19096113  0.94330038   0.27150953   -5.58738     0.06280534   -0.26429133  0.96239547   61.57910     
14 'point symmetry operation' ?     ? 0.84900006   0.51635076   0.11216513   46.98560     -0.44333325  0.58059636   0.68290857   -20.87713    0.28749740   -0.62951598  0.72184159   84.94001     
15 'point symmetry operation' ?     ? 0.64286149   0.67320186   0.36541542   24.65299     -0.50050400  0.00804471   0.86569695   -16.20783    0.57984905   -0.73941512  0.34211180   109.61494    
16 'point symmetry operation' ?     ? 0.43718131   0.61354937   0.65759359   6.05715      -0.34139284  -0.56323374  0.75247442   6.58281      0.83205955   -0.55346544  -0.03677358  125.86890    
17 'point symmetry operation' ?     ? 0.30780028   0.35939000   0.88096419   -2.81540     -0.02466999  -0.92259068  0.38499099   38.97465     0.95113115   -0.14023372  -0.27510760  127.07156    
18 'point symmetry operation' ?     ? 0.30242589   0.00443997   0.95316261   0.43610      0.33287888   -0.93751808  -0.10125099  68.90739     0.89315750   0.34790861   -0.28500781  112.14315    
19 'point symmetry operation' ?     ? 0.42303978   -0.32041789  0.84756685   13.74220     0.59941270   -0.60251196  -0.52695665  85.22759     0.67951571   0.73096599   -0.06282382  85.95145     
20 'point symmetry operation' ?     ? 0.62516776   -0.49539796  0.60311340   31.32574     0.67665179   -0.04109977  -0.73515452  81.80117     0.38898234   0.86769273   0.30951801   57.51777     
21 'point symmetry operation' ?     ? 0.83427770   -0.45597913  0.30994147   45.83256     0.53611579   0.53970490   -0.64907503  59.77487     0.12868779   0.70767335   0.69472140   36.68984     
22 'point symmetry operation' ?     ? 0.97326437   -0.21669566  0.07615239   51.04287     0.22962393   0.92574157   -0.30045743  27.15480     -0.00538927  0.30991097   0.95075005   30.51090     
23 'point symmetry operation' ?     ? 0.99087838   0.13421937   -0.01204725  44.16469     -0.12980852  0.97466463   0.18214954   -4.14762     0.03619010   -0.17892419  0.98319698   40.62295     
24 'point symmetry operation' ?     ? 0.88062498   0.46737219   0.07786446   26.86367     -0.40964722  0.66843486   0.62079303   -22.70624    0.23809408   -0.57858280  0.78009816   62.66059     
25 'point symmetry operation' ?     ? 0.68315782   0.65991851   0.31273465   4.64884      -0.50670634  0.11996813   0.85373084   -21.79439    0.52587459   -0.74169753  0.41634205   87.86095     
26 'point symmetry operation' ?     ? 0.47129039   0.64085894   0.60595801   -15.15937    -0.38519619  -0.46849547  0.79506961   -1.86445     0.79341615   -0.60812137  0.02605908   106.29553    
27 'point symmetry operation' ?     ? 0.32314509   0.41722240   0.84941339   -26.12739    -0.08992252  -0.87997032  0.46644103   29.61844     0.94206771   -0.22710959  -0.24684077  110.52994    
28 'point symmetry operation' ?     ? 0.29334840   0.07147004   0.95333035   -25.08184    0.27023832   -0.96273088  -0.01098000  60.92906     0.91701580   0.26084736   -0.30172953  98.36655     
29 'point symmetry operation' ?     ? 0.39288684   -0.26890612  0.87939168   -13.27853    0.56248168   -0.68626201  -0.46115034  80.40580     0.72749885   0.67582156   -0.11836884  73.65332     
30 'point symmetry operation' ?     ? 0.58505791   -0.47839854  0.65486022   4.05935      0.67904788   -0.15250521  -0.71807777  80.75083     0.44339716   0.86479856   0.23563129   44.86655     
31 'point symmetry operation' ?     ? 0.79900093   -0.47976047  0.36252934   19.66822     0.57695556   0.44172335   -0.68702481  61.72022     0.16946952   0.75809676   0.62973772   21.98420     
32 'point symmetry operation' ?     ? 0.95582831   -0.27248897  0.11019056   26.92194     0.29384863   0.87731276   -0.37944065  30.21531     0.00672185   0.39505947   0.91863092   12.80705     
33 'point symmetry operation' ?     ? 0.99771230   0.06698703   -0.00910983  22.27508     -0.06588079  0.99364589   0.09125675   -2.26358     0.01516485   -0.09044784  0.99578581   20.08257     
34 'point symmetry operation' ?     ? 0.90920877   0.41349215   0.04861820   6.57064      -0.36958915  0.74782659   0.55150655   -23.85650    0.19168553   -0.51940337  0.83275263   40.49115     
35 'point symmetry operation' ?     ? 0.72295199   0.63925714   0.26208857   -15.27141    -0.50528783  0.23049676   0.83159759   -26.71795    0.47119456   -0.73363523  0.48964726   65.87108     
36 'point symmetry operation' ?     ? 0.50762133   0.66103563   0.55258706   -36.06771    -0.42294106  -0.36758598  0.82825199   -9.90886     0.75062735   -0.65415013  0.09298464   86.22711     
37 'point symmetry operation' ?     ? 0.34261652   0.47079707   0.81299707   -49.02058    -0.15291279  -0.82588826  0.54270327   20.25638     0.92694757   -0.31025680  -0.21097227  93.41665     
38 'point symmetry operation' ?     ? 0.28878012   0.13868805   0.94729716   -50.22457    0.20522935   -0.97541932  0.08024175   52.53813     0.93514020   0.17124092   -0.31014480  84.15222     
39 'point symmetry operation' ?     ? 0.36596402   -0.21283082  0.90596539   -40.10635    0.51942519   -0.76104039  -0.38860619  74.91719     0.77218374   0.61279714   -0.16796363  61.21320     
40 'point symmetry operation' ?     ? 0.54570720   -0.45414249  0.70424312   -23.26733    0.67382026   -0.26180216  -0.69096036  79.02495     0.49816667   0.85159531   0.16314297   32.42121     
41 'point symmetry operation' ?     ? 0.76173256   -0.49626742  0.41651182   -6.78737     0.61148400   0.33821013   -0.71533283  63.23057     0.21412794   0.79958263   0.56108531   7.75633      
42 'point symmetry operation' ?     ? 0.93438451   -0.32367303  0.14886745   2.38608      0.35540205   0.81775241   -0.45273703  33.24174     0.02480184   0.47593824   0.87912909   -4.32315     
43 'point symmetry operation' ?     ? 0.93438451   0.35540205   0.02480184   -13.93648    -0.32367303  0.81775241   0.47593824   -24.35362    0.14886745   -0.45273703  0.87912909   18.49516     
44 'point symmetry operation' ?     ? 0.76173256   0.61148400   0.21412794   -35.15515    -0.49626742  0.33821013   0.79958263   -30.95554    0.41651182   -0.71533283  0.56108531   43.70596     
45 'point symmetry operation' ?     ? 0.54570720   0.67382026   0.49816667   -56.70261    -0.45414249  -0.26180216  0.85159531   -17.48741    0.70424312   -0.69096036  0.16314297   65.69963     
46 'point symmetry operation' ?     ? 0.36596402   0.51942519   0.77218374   -71.50417    -0.21283082  -0.76104039  0.61279714   10.96812     0.90596539   -0.38860619  -0.16796363  75.72971     
47 'point symmetry operation' ?     ? 0.28878012   0.20522935   0.93514020   -74.97256    0.13868805   -0.97541932  0.17124092   43.80201     0.94729716   0.08024175   -0.31014480  69.46112     
48 'point symmetry operation' ?     ? 0.34261652   -0.15291279  0.92694757   -66.69970    0.47079707   -0.82588826  -0.31025680  68.79130     0.81299707   0.54270327   -0.21097227  48.56884     
49 'point symmetry operation' ?     ? 0.50762133   -0.42294106  0.75062735   -50.60641    0.66103563   -0.36758598  -0.65415013  76.60519     0.55258706   0.82825199   0.09298464   20.11959     
50 'point symmetry operation' ?     ? 0.72295199   -0.50528783  0.47119456   -33.49769    0.63925714   0.23049676   -0.73363523  64.24607     0.26208857   0.83159759   0.48964726   -6.03276     
51 'point symmetry operation' ?     ? 0.90920877   -0.36958915  0.19168553   -22.55276    0.41349215   0.74782659   -0.51940337  36.15486     0.04861820   0.55150655   0.83275263   -20.88155     
# 
loop_
_struct_conf.conf_type_id 
_struct_conf.id 
_struct_conf.pdbx_PDB_helix_id 
_struct_conf.beg_label_comp_id 
_struct_conf.beg_label_asym_id 
_struct_conf.beg_label_seq_id 
_struct_conf.pdbx_beg_PDB_ins_code 
_struct_conf.end_label_comp_id 
_struct_conf.end_label_asym_id 
_struct_conf.end_label_seq_id 
_struct_conf.pdbx_end_PDB_ins_code 
_struct_conf.beg_auth_comp_id 
_struct_conf.beg_auth_asym_id 
_struct_conf.beg_auth_seq_id 
_struct_conf.end_auth_comp_id 
_struct_conf.end_auth_asym_id 
_struct_conf.end_auth_seq_id 
_struct_conf.pdbx_PDB_helix_class 
_struct_conf.details 
_struct_conf.pdbx_PDB_helix_length 
HELX_P HELX_P1 AA1 ALA A 46  ? ASP A 102 ? ALA A 24  ASP A 80  1 ? 57 
HELX_P HELX_P2 AA2 ASN A 105 ? ILE A 177 ? ASN A 83  ILE A 155 1 ? 73 
HELX_P HELX_P3 AA3 GLU A 191 ? ASN A 208 ? GLU A 169 ASN A 186 1 ? 18 
HELX_P HELX_P4 AA4 SER A 212 ? ARG A 238 ? SER A 190 ARG A 216 1 ? 27 
# 
_struct_conf_type.id          HELX_P 
_struct_conf_type.criteria    ? 
_struct_conf_type.reference   ? 
# 
_pdbx_validate_torsion.id              1 
_pdbx_validate_torsion.PDB_model_num   1 
_pdbx_validate_torsion.auth_comp_id    LEU 
_pdbx_validate_torsion.auth_asym_id    A 
_pdbx_validate_torsion.auth_seq_id     167 
_pdbx_validate_torsion.PDB_ins_code    ? 
_pdbx_validate_torsion.label_alt_id    ? 
_pdbx_validate_torsion.phi             68.70 
_pdbx_validate_torsion.psi             -8.07 
# 
_em_3d_fitting.entry_id          7ABK 
_em_3d_fitting.id                1 
_em_3d_fitting.details           ? 
_em_3d_fitting.overall_b_value   ? 
_em_3d_fitting.ref_protocol      'AB INITIO MODEL' 
_em_3d_fitting.ref_space         REAL 
_em_3d_fitting.target_criteria   ? 
_em_3d_fitting.method            ? 
# 
_em_3d_reconstruction.entry_id                    7ABK 
_em_3d_reconstruction.id                          1 
_em_3d_reconstruction.algorithm                   'FOURIER SPACE' 
_em_3d_reconstruction.details                     ? 
_em_3d_reconstruction.refinement_type             ? 
_em_3d_reconstruction.image_processing_id         1 
_em_3d_reconstruction.num_class_averages          ? 
_em_3d_reconstruction.num_particles               19900 
_em_3d_reconstruction.resolution                  3.6 
_em_3d_reconstruction.resolution_method           'FSC 0.143 CUT-OFF' 
_em_3d_reconstruction.symmetry_type               HELICAL 
_em_3d_reconstruction.method                      ? 
_em_3d_reconstruction.nominal_pixel_size          ? 
_em_3d_reconstruction.actual_pixel_size           ? 
_em_3d_reconstruction.magnification_calibration   ? 
# 
_em_buffer.id            1 
_em_buffer.details       ? 
_em_buffer.pH            7.6 
_em_buffer.specimen_id   1 
_em_buffer.name          ? 
# 
_em_entity_assembly.id                   1 
_em_entity_assembly.parent_id            0 
_em_entity_assembly.details              ? 
_em_entity_assembly.name                 'Helical filament assembly of PspA' 
_em_entity_assembly.source               RECOMBINANT 
_em_entity_assembly.type                 'ORGANELLE OR CELLULAR COMPONENT' 
_em_entity_assembly.entity_id_list       1 
_em_entity_assembly.synonym              ? 
_em_entity_assembly.oligomeric_details   ? 
# 
_em_imaging.id                              1 
_em_imaging.entry_id                        7ABK 
_em_imaging.accelerating_voltage            200 
_em_imaging.alignment_procedure             'COMA FREE' 
_em_imaging.c2_aperture_diameter            ? 
_em_imaging.calibrated_defocus_max          ? 
_em_imaging.calibrated_defocus_min          ? 
_em_imaging.calibrated_magnification        ? 
_em_imaging.cryogen                         NITROGEN 
_em_imaging.details                         ? 
_em_imaging.electron_source                 'FIELD EMISSION GUN' 
_em_imaging.illumination_mode               'FLOOD BEAM' 
_em_imaging.microscope_model                'TFS TALOS' 
_em_imaging.mode                            'BRIGHT FIELD' 
_em_imaging.nominal_cs                      2.7 
_em_imaging.nominal_defocus_max             2300 
_em_imaging.nominal_defocus_min             200 
_em_imaging.nominal_magnification           100000 
_em_imaging.recording_temperature_maximum   ? 
_em_imaging.recording_temperature_minimum   ? 
_em_imaging.residual_tilt                   ? 
_em_imaging.specimen_holder_model           'FEI TITAN KRIOS AUTOGRID HOLDER' 
_em_imaging.specimen_id                     1 
_em_imaging.citation_id                     ? 
_em_imaging.date                            ? 
_em_imaging.temperature                     ? 
_em_imaging.tilt_angle_min                  ? 
_em_imaging.tilt_angle_max                  ? 
_em_imaging.astigmatism                     ? 
_em_imaging.detector_distance               ? 
_em_imaging.electron_beam_tilt_params       ? 
_em_imaging.specimen_holder_type            ? 
# 
_em_sample_support.id               1 
_em_sample_support.specimen_id      1 
_em_sample_support.details          'Pelco easiGlow' 
_em_sample_support.grid_material    COPPER 
_em_sample_support.grid_mesh_size   200 
_em_sample_support.grid_type        'Quantifoil R1.2/1.3' 
_em_sample_support.method           ? 
_em_sample_support.film_material    ? 
# 
_em_vitrification.id                    1 
_em_vitrification.specimen_id           1 
_em_vitrification.chamber_temperature   283.15 
_em_vitrification.cryogen_name          ETHANE 
_em_vitrification.details               'Quantifoil R1.2/1.3 Cu200 grids' 
_em_vitrification.humidity              90 
_em_vitrification.instrument            'FEI VITROBOT MARK IV' 
_em_vitrification.entry_id              7ABK 
_em_vitrification.citation_id           ? 
_em_vitrification.method                ? 
_em_vitrification.temp                  ? 
_em_vitrification.time_resolved_state   ? 
# 
_em_experiment.entry_id                7ABK 
_em_experiment.id                      1 
_em_experiment.aggregation_state       FILAMENT 
_em_experiment.reconstruction_method   HELICAL 
_em_experiment.entity_assembly_id      1 
# 
loop_
_pdbx_unobs_or_zero_occ_residues.id 
_pdbx_unobs_or_zero_occ_residues.PDB_model_num 
_pdbx_unobs_or_zero_occ_residues.polymer_flag 
_pdbx_unobs_or_zero_occ_residues.occupancy_flag 
_pdbx_unobs_or_zero_occ_residues.auth_asym_id 
_pdbx_unobs_or_zero_occ_residues.auth_comp_id 
_pdbx_unobs_or_zero_occ_residues.auth_seq_id 
_pdbx_unobs_or_zero_occ_residues.PDB_ins_code 
_pdbx_unobs_or_zero_occ_residues.label_asym_id 
_pdbx_unobs_or_zero_occ_residues.label_comp_id 
_pdbx_unobs_or_zero_occ_residues.label_seq_id 
1  1 Y 1 A MET -21 ? A MET 1   
2  1 Y 1 A GLY -20 ? A GLY 2   
3  1 Y 1 A HIS -19 ? A HIS 3   
4  1 Y 1 A HIS -18 ? A HIS 4   
5  1 Y 1 A HIS -17 ? A HIS 5   
6  1 Y 1 A HIS -16 ? A HIS 6   
7  1 Y 1 A HIS -15 ? A HIS 7   
8  1 Y 1 A HIS -14 ? A HIS 8   
9  1 Y 1 A HIS -13 ? A HIS 9   
10 1 Y 1 A HIS -12 ? A HIS 10  
11 1 Y 1 A HIS -11 ? A HIS 11  
12 1 Y 1 A SER -10 ? A SER 12  
13 1 Y 1 A SER -9  ? A SER 13  
14 1 Y 1 A GLY -8  ? A GLY 14  
15 1 Y 1 A HIS -7  ? A HIS 15  
16 1 Y 1 A ILE -6  ? A ILE 16  
17 1 Y 1 A ASP -5  ? A ASP 17  
18 1 Y 1 A ASP -4  ? A ASP 18  
19 1 Y 1 A ASP -3  ? A ASP 19  
20 1 Y 1 A ASP -2  ? A ASP 20  
21 1 Y 1 A LYS -1  ? A LYS 21  
22 1 Y 1 A HIS 0   ? A HIS 22  
23 1 Y 1 A MET 1   ? A MET 23  
24 1 Y 1 A GLU 2   ? A GLU 24  
25 1 Y 1 A LEU 3   ? A LEU 25  
26 1 Y 1 A PHE 4   ? A PHE 26  
27 1 Y 1 A ASN 5   ? A ASN 27  
28 1 Y 1 A ARG 6   ? A ARG 28  
29 1 Y 1 A VAL 7   ? A VAL 29  
30 1 Y 1 A GLY 8   ? A GLY 30  
31 1 Y 1 A ARG 9   ? A ARG 31  
32 1 Y 1 A VAL 10  ? A VAL 32  
33 1 Y 1 A LEU 11  ? A LEU 33  
34 1 Y 1 A LYS 12  ? A LYS 34  
35 1 Y 1 A SER 13  ? A SER 35  
36 1 Y 1 A GLN 14  ? A GLN 36  
37 1 Y 1 A LEU 15  ? A LEU 37  
38 1 Y 1 A THR 16  ? A THR 38  
39 1 Y 1 A HIS 17  ? A HIS 39  
40 1 Y 1 A TRP 18  ? A TRP 40  
41 1 Y 1 A GLN 19  ? A GLN 41  
42 1 Y 1 A GLN 20  ? A GLN 42  
43 1 Y 1 A GLN 21  ? A GLN 43  
44 1 Y 1 A LEU 218 ? A LEU 240 
45 1 Y 1 A PRO 219 ? A PRO 241 
46 1 Y 1 A PRO 220 ? A PRO 242 
47 1 Y 1 A PRO 221 ? A PRO 243 
48 1 Y 1 A SER 222 ? A SER 244 
49 1 Y 1 A SER 223 ? A SER 245 
# 
loop_
_chem_comp_atom.comp_id 
_chem_comp_atom.atom_id 
_chem_comp_atom.type_symbol 
_chem_comp_atom.pdbx_aromatic_flag 
_chem_comp_atom.pdbx_stereo_config 
_chem_comp_atom.pdbx_ordinal 
ALA N    N N N 1   
ALA CA   C N S 2   
ALA C    C N N 3   
ALA O    O N N 4   
ALA CB   C N N 5   
ALA OXT  O N N 6   
ALA H    H N N 7   
ALA H2   H N N 8   
ALA HA   H N N 9   
ALA HB1  H N N 10  
ALA HB2  H N N 11  
ALA HB3  H N N 12  
ALA HXT  H N N 13  
ARG N    N N N 14  
ARG CA   C N S 15  
ARG C    C N N 16  
ARG O    O N N 17  
ARG CB   C N N 18  
ARG CG   C N N 19  
ARG CD   C N N 20  
ARG NE   N N N 21  
ARG CZ   C N N 22  
ARG NH1  N N N 23  
ARG NH2  N N N 24  
ARG OXT  O N N 25  
ARG H    H N N 26  
ARG H2   H N N 27  
ARG HA   H N N 28  
ARG HB2  H N N 29  
ARG HB3  H N N 30  
ARG HG2  H N N 31  
ARG HG3  H N N 32  
ARG HD2  H N N 33  
ARG HD3  H N N 34  
ARG HE   H N N 35  
ARG HH11 H N N 36  
ARG HH12 H N N 37  
ARG HH21 H N N 38  
ARG HH22 H N N 39  
ARG HXT  H N N 40  
ASN N    N N N 41  
ASN CA   C N S 42  
ASN C    C N N 43  
ASN O    O N N 44  
ASN CB   C N N 45  
ASN CG   C N N 46  
ASN OD1  O N N 47  
ASN ND2  N N N 48  
ASN OXT  O N N 49  
ASN H    H N N 50  
ASN H2   H N N 51  
ASN HA   H N N 52  
ASN HB2  H N N 53  
ASN HB3  H N N 54  
ASN HD21 H N N 55  
ASN HD22 H N N 56  
ASN HXT  H N N 57  
ASP N    N N N 58  
ASP CA   C N S 59  
ASP C    C N N 60  
ASP O    O N N 61  
ASP CB   C N N 62  
ASP CG   C N N 63  
ASP OD1  O N N 64  
ASP OD2  O N N 65  
ASP OXT  O N N 66  
ASP H    H N N 67  
ASP H2   H N N 68  
ASP HA   H N N 69  
ASP HB2  H N N 70  
ASP HB3  H N N 71  
ASP HD2  H N N 72  
ASP HXT  H N N 73  
GLN N    N N N 74  
GLN CA   C N S 75  
GLN C    C N N 76  
GLN O    O N N 77  
GLN CB   C N N 78  
GLN CG   C N N 79  
GLN CD   C N N 80  
GLN OE1  O N N 81  
GLN NE2  N N N 82  
GLN OXT  O N N 83  
GLN H    H N N 84  
GLN H2   H N N 85  
GLN HA   H N N 86  
GLN HB2  H N N 87  
GLN HB3  H N N 88  
GLN HG2  H N N 89  
GLN HG3  H N N 90  
GLN HE21 H N N 91  
GLN HE22 H N N 92  
GLN HXT  H N N 93  
GLU N    N N N 94  
GLU CA   C N S 95  
GLU C    C N N 96  
GLU O    O N N 97  
GLU CB   C N N 98  
GLU CG   C N N 99  
GLU CD   C N N 100 
GLU OE1  O N N 101 
GLU OE2  O N N 102 
GLU OXT  O N N 103 
GLU H    H N N 104 
GLU H2   H N N 105 
GLU HA   H N N 106 
GLU HB2  H N N 107 
GLU HB3  H N N 108 
GLU HG2  H N N 109 
GLU HG3  H N N 110 
GLU HE2  H N N 111 
GLU HXT  H N N 112 
GLY N    N N N 113 
GLY CA   C N N 114 
GLY C    C N N 115 
GLY O    O N N 116 
GLY OXT  O N N 117 
GLY H    H N N 118 
GLY H2   H N N 119 
GLY HA2  H N N 120 
GLY HA3  H N N 121 
GLY HXT  H N N 122 
HIS N    N N N 123 
HIS CA   C N S 124 
HIS C    C N N 125 
HIS O    O N N 126 
HIS CB   C N N 127 
HIS CG   C Y N 128 
HIS ND1  N Y N 129 
HIS CD2  C Y N 130 
HIS CE1  C Y N 131 
HIS NE2  N Y N 132 
HIS OXT  O N N 133 
HIS H    H N N 134 
HIS H2   H N N 135 
HIS HA   H N N 136 
HIS HB2  H N N 137 
HIS HB3  H N N 138 
HIS HD1  H N N 139 
HIS HD2  H N N 140 
HIS HE1  H N N 141 
HIS HE2  H N N 142 
HIS HXT  H N N 143 
ILE N    N N N 144 
ILE CA   C N S 145 
ILE C    C N N 146 
ILE O    O N N 147 
ILE CB   C N S 148 
ILE CG1  C N N 149 
ILE CG2  C N N 150 
ILE CD1  C N N 151 
ILE OXT  O N N 152 
ILE H    H N N 153 
ILE H2   H N N 154 
ILE HA   H N N 155 
ILE HB   H N N 156 
ILE HG12 H N N 157 
ILE HG13 H N N 158 
ILE HG21 H N N 159 
ILE HG22 H N N 160 
ILE HG23 H N N 161 
ILE HD11 H N N 162 
ILE HD12 H N N 163 
ILE HD13 H N N 164 
ILE HXT  H N N 165 
LEU N    N N N 166 
LEU CA   C N S 167 
LEU C    C N N 168 
LEU O    O N N 169 
LEU CB   C N N 170 
LEU CG   C N N 171 
LEU CD1  C N N 172 
LEU CD2  C N N 173 
LEU OXT  O N N 174 
LEU H    H N N 175 
LEU H2   H N N 176 
LEU HA   H N N 177 
LEU HB2  H N N 178 
LEU HB3  H N N 179 
LEU HG   H N N 180 
LEU HD11 H N N 181 
LEU HD12 H N N 182 
LEU HD13 H N N 183 
LEU HD21 H N N 184 
LEU HD22 H N N 185 
LEU HD23 H N N 186 
LEU HXT  H N N 187 
LYS N    N N N 188 
LYS CA   C N S 189 
LYS C    C N N 190 
LYS O    O N N 191 
LYS CB   C N N 192 
LYS CG   C N N 193 
LYS CD   C N N 194 
LYS CE   C N N 195 
LYS NZ   N N N 196 
LYS OXT  O N N 197 
LYS H    H N N 198 
LYS H2   H N N 199 
LYS HA   H N N 200 
LYS HB2  H N N 201 
LYS HB3  H N N 202 
LYS HG2  H N N 203 
LYS HG3  H N N 204 
LYS HD2  H N N 205 
LYS HD3  H N N 206 
LYS HE2  H N N 207 
LYS HE3  H N N 208 
LYS HZ1  H N N 209 
LYS HZ2  H N N 210 
LYS HZ3  H N N 211 
LYS HXT  H N N 212 
MET N    N N N 213 
MET CA   C N S 214 
MET C    C N N 215 
MET O    O N N 216 
MET CB   C N N 217 
MET CG   C N N 218 
MET SD   S N N 219 
MET CE   C N N 220 
MET OXT  O N N 221 
MET H    H N N 222 
MET H2   H N N 223 
MET HA   H N N 224 
MET HB2  H N N 225 
MET HB3  H N N 226 
MET HG2  H N N 227 
MET HG3  H N N 228 
MET HE1  H N N 229 
MET HE2  H N N 230 
MET HE3  H N N 231 
MET HXT  H N N 232 
PHE N    N N N 233 
PHE CA   C N S 234 
PHE C    C N N 235 
PHE O    O N N 236 
PHE CB   C N N 237 
PHE CG   C Y N 238 
PHE CD1  C Y N 239 
PHE CD2  C Y N 240 
PHE CE1  C Y N 241 
PHE CE2  C Y N 242 
PHE CZ   C Y N 243 
PHE OXT  O N N 244 
PHE H    H N N 245 
PHE H2   H N N 246 
PHE HA   H N N 247 
PHE HB2  H N N 248 
PHE HB3  H N N 249 
PHE HD1  H N N 250 
PHE HD2  H N N 251 
PHE HE1  H N N 252 
PHE HE2  H N N 253 
PHE HZ   H N N 254 
PHE HXT  H N N 255 
PRO N    N N N 256 
PRO CA   C N S 257 
PRO C    C N N 258 
PRO O    O N N 259 
PRO CB   C N N 260 
PRO CG   C N N 261 
PRO CD   C N N 262 
PRO OXT  O N N 263 
PRO H    H N N 264 
PRO HA   H N N 265 
PRO HB2  H N N 266 
PRO HB3  H N N 267 
PRO HG2  H N N 268 
PRO HG3  H N N 269 
PRO HD2  H N N 270 
PRO HD3  H N N 271 
PRO HXT  H N N 272 
SER N    N N N 273 
SER CA   C N S 274 
SER C    C N N 275 
SER O    O N N 276 
SER CB   C N N 277 
SER OG   O N N 278 
SER OXT  O N N 279 
SER H    H N N 280 
SER H2   H N N 281 
SER HA   H N N 282 
SER HB2  H N N 283 
SER HB3  H N N 284 
SER HG   H N N 285 
SER HXT  H N N 286 
THR N    N N N 287 
THR CA   C N S 288 
THR C    C N N 289 
THR O    O N N 290 
THR CB   C N R 291 
THR OG1  O N N 292 
THR CG2  C N N 293 
THR OXT  O N N 294 
THR H    H N N 295 
THR H2   H N N 296 
THR HA   H N N 297 
THR HB   H N N 298 
THR HG1  H N N 299 
THR HG21 H N N 300 
THR HG22 H N N 301 
THR HG23 H N N 302 
THR HXT  H N N 303 
TRP N    N N N 304 
TRP CA   C N S 305 
TRP C    C N N 306 
TRP O    O N N 307 
TRP CB   C N N 308 
TRP CG   C Y N 309 
TRP CD1  C Y N 310 
TRP CD2  C Y N 311 
TRP NE1  N Y N 312 
TRP CE2  C Y N 313 
TRP CE3  C Y N 314 
TRP CZ2  C Y N 315 
TRP CZ3  C Y N 316 
TRP CH2  C Y N 317 
TRP OXT  O N N 318 
TRP H    H N N 319 
TRP H2   H N N 320 
TRP HA   H N N 321 
TRP HB2  H N N 322 
TRP HB3  H N N 323 
TRP HD1  H N N 324 
TRP HE1  H N N 325 
TRP HE3  H N N 326 
TRP HZ2  H N N 327 
TRP HZ3  H N N 328 
TRP HH2  H N N 329 
TRP HXT  H N N 330 
TYR N    N N N 331 
TYR CA   C N S 332 
TYR C    C N N 333 
TYR O    O N N 334 
TYR CB   C N N 335 
TYR CG   C Y N 336 
TYR CD1  C Y N 337 
TYR CD2  C Y N 338 
TYR CE1  C Y N 339 
TYR CE2  C Y N 340 
TYR CZ   C Y N 341 
TYR OH   O N N 342 
TYR OXT  O N N 343 
TYR H    H N N 344 
TYR H2   H N N 345 
TYR HA   H N N 346 
TYR HB2  H N N 347 
TYR HB3  H N N 348 
TYR HD1  H N N 349 
TYR HD2  H N N 350 
TYR HE1  H N N 351 
TYR HE2  H N N 352 
TYR HH   H N N 353 
TYR HXT  H N N 354 
VAL N    N N N 355 
VAL CA   C N S 356 
VAL C    C N N 357 
VAL O    O N N 358 
VAL CB   C N N 359 
VAL CG1  C N N 360 
VAL CG2  C N N 361 
VAL OXT  O N N 362 
VAL H    H N N 363 
VAL H2   H N N 364 
VAL HA   H N N 365 
VAL HB   H N N 366 
VAL HG11 H N N 367 
VAL HG12 H N N 368 
VAL HG13 H N N 369 
VAL HG21 H N N 370 
VAL HG22 H N N 371 
VAL HG23 H N N 372 
VAL HXT  H N N 373 
# 
loop_
_chem_comp_bond.comp_id 
_chem_comp_bond.atom_id_1 
_chem_comp_bond.atom_id_2 
_chem_comp_bond.value_order 
_chem_comp_bond.pdbx_aromatic_flag 
_chem_comp_bond.pdbx_stereo_config 
_chem_comp_bond.pdbx_ordinal 
ALA N   CA   sing N N 1   
ALA N   H    sing N N 2   
ALA N   H2   sing N N 3   
ALA CA  C    sing N N 4   
ALA CA  CB   sing N N 5   
ALA CA  HA   sing N N 6   
ALA C   O    doub N N 7   
ALA C   OXT  sing N N 8   
ALA CB  HB1  sing N N 9   
ALA CB  HB2  sing N N 10  
ALA CB  HB3  sing N N 11  
ALA OXT HXT  sing N N 12  
ARG N   CA   sing N N 13  
ARG N   H    sing N N 14  
ARG N   H2   sing N N 15  
ARG CA  C    sing N N 16  
ARG CA  CB   sing N N 17  
ARG CA  HA   sing N N 18  
ARG C   O    doub N N 19  
ARG C   OXT  sing N N 20  
ARG CB  CG   sing N N 21  
ARG CB  HB2  sing N N 22  
ARG CB  HB3  sing N N 23  
ARG CG  CD   sing N N 24  
ARG CG  HG2  sing N N 25  
ARG CG  HG3  sing N N 26  
ARG CD  NE   sing N N 27  
ARG CD  HD2  sing N N 28  
ARG CD  HD3  sing N N 29  
ARG NE  CZ   sing N N 30  
ARG NE  HE   sing N N 31  
ARG CZ  NH1  sing N N 32  
ARG CZ  NH2  doub N N 33  
ARG NH1 HH11 sing N N 34  
ARG NH1 HH12 sing N N 35  
ARG NH2 HH21 sing N N 36  
ARG NH2 HH22 sing N N 37  
ARG OXT HXT  sing N N 38  
ASN N   CA   sing N N 39  
ASN N   H    sing N N 40  
ASN N   H2   sing N N 41  
ASN CA  C    sing N N 42  
ASN CA  CB   sing N N 43  
ASN CA  HA   sing N N 44  
ASN C   O    doub N N 45  
ASN C   OXT  sing N N 46  
ASN CB  CG   sing N N 47  
ASN CB  HB2  sing N N 48  
ASN CB  HB3  sing N N 49  
ASN CG  OD1  doub N N 50  
ASN CG  ND2  sing N N 51  
ASN ND2 HD21 sing N N 52  
ASN ND2 HD22 sing N N 53  
ASN OXT HXT  sing N N 54  
ASP N   CA   sing N N 55  
ASP N   H    sing N N 56  
ASP N   H2   sing N N 57  
ASP CA  C    sing N N 58  
ASP CA  CB   sing N N 59  
ASP CA  HA   sing N N 60  
ASP C   O    doub N N 61  
ASP C   OXT  sing N N 62  
ASP CB  CG   sing N N 63  
ASP CB  HB2  sing N N 64  
ASP CB  HB3  sing N N 65  
ASP CG  OD1  doub N N 66  
ASP CG  OD2  sing N N 67  
ASP OD2 HD2  sing N N 68  
ASP OXT HXT  sing N N 69  
GLN N   CA   sing N N 70  
GLN N   H    sing N N 71  
GLN N   H2   sing N N 72  
GLN CA  C    sing N N 73  
GLN CA  CB   sing N N 74  
GLN CA  HA   sing N N 75  
GLN C   O    doub N N 76  
GLN C   OXT  sing N N 77  
GLN CB  CG   sing N N 78  
GLN CB  HB2  sing N N 79  
GLN CB  HB3  sing N N 80  
GLN CG  CD   sing N N 81  
GLN CG  HG2  sing N N 82  
GLN CG  HG3  sing N N 83  
GLN CD  OE1  doub N N 84  
GLN CD  NE2  sing N N 85  
GLN NE2 HE21 sing N N 86  
GLN NE2 HE22 sing N N 87  
GLN OXT HXT  sing N N 88  
GLU N   CA   sing N N 89  
GLU N   H    sing N N 90  
GLU N   H2   sing N N 91  
GLU CA  C    sing N N 92  
GLU CA  CB   sing N N 93  
GLU CA  HA   sing N N 94  
GLU C   O    doub N N 95  
GLU C   OXT  sing N N 96  
GLU CB  CG   sing N N 97  
GLU CB  HB2  sing N N 98  
GLU CB  HB3  sing N N 99  
GLU CG  CD   sing N N 100 
GLU CG  HG2  sing N N 101 
GLU CG  HG3  sing N N 102 
GLU CD  OE1  doub N N 103 
GLU CD  OE2  sing N N 104 
GLU OE2 HE2  sing N N 105 
GLU OXT HXT  sing N N 106 
GLY N   CA   sing N N 107 
GLY N   H    sing N N 108 
GLY N   H2   sing N N 109 
GLY CA  C    sing N N 110 
GLY CA  HA2  sing N N 111 
GLY CA  HA3  sing N N 112 
GLY C   O    doub N N 113 
GLY C   OXT  sing N N 114 
GLY OXT HXT  sing N N 115 
HIS N   CA   sing N N 116 
HIS N   H    sing N N 117 
HIS N   H2   sing N N 118 
HIS CA  C    sing N N 119 
HIS CA  CB   sing N N 120 
HIS CA  HA   sing N N 121 
HIS C   O    doub N N 122 
HIS C   OXT  sing N N 123 
HIS CB  CG   sing N N 124 
HIS CB  HB2  sing N N 125 
HIS CB  HB3  sing N N 126 
HIS CG  ND1  sing Y N 127 
HIS CG  CD2  doub Y N 128 
HIS ND1 CE1  doub Y N 129 
HIS ND1 HD1  sing N N 130 
HIS CD2 NE2  sing Y N 131 
HIS CD2 HD2  sing N N 132 
HIS CE1 NE2  sing Y N 133 
HIS CE1 HE1  sing N N 134 
HIS NE2 HE2  sing N N 135 
HIS OXT HXT  sing N N 136 
ILE N   CA   sing N N 137 
ILE N   H    sing N N 138 
ILE N   H2   sing N N 139 
ILE CA  C    sing N N 140 
ILE CA  CB   sing N N 141 
ILE CA  HA   sing N N 142 
ILE C   O    doub N N 143 
ILE C   OXT  sing N N 144 
ILE CB  CG1  sing N N 145 
ILE CB  CG2  sing N N 146 
ILE CB  HB   sing N N 147 
ILE CG1 CD1  sing N N 148 
ILE CG1 HG12 sing N N 149 
ILE CG1 HG13 sing N N 150 
ILE CG2 HG21 sing N N 151 
ILE CG2 HG22 sing N N 152 
ILE CG2 HG23 sing N N 153 
ILE CD1 HD11 sing N N 154 
ILE CD1 HD12 sing N N 155 
ILE CD1 HD13 sing N N 156 
ILE OXT HXT  sing N N 157 
LEU N   CA   sing N N 158 
LEU N   H    sing N N 159 
LEU N   H2   sing N N 160 
LEU CA  C    sing N N 161 
LEU CA  CB   sing N N 162 
LEU CA  HA   sing N N 163 
LEU C   O    doub N N 164 
LEU C   OXT  sing N N 165 
LEU CB  CG   sing N N 166 
LEU CB  HB2  sing N N 167 
LEU CB  HB3  sing N N 168 
LEU CG  CD1  sing N N 169 
LEU CG  CD2  sing N N 170 
LEU CG  HG   sing N N 171 
LEU CD1 HD11 sing N N 172 
LEU CD1 HD12 sing N N 173 
LEU CD1 HD13 sing N N 174 
LEU CD2 HD21 sing N N 175 
LEU CD2 HD22 sing N N 176 
LEU CD2 HD23 sing N N 177 
LEU OXT HXT  sing N N 178 
LYS N   CA   sing N N 179 
LYS N   H    sing N N 180 
LYS N   H2   sing N N 181 
LYS CA  C    sing N N 182 
LYS CA  CB   sing N N 183 
LYS CA  HA   sing N N 184 
LYS C   O    doub N N 185 
LYS C   OXT  sing N N 186 
LYS CB  CG   sing N N 187 
LYS CB  HB2  sing N N 188 
LYS CB  HB3  sing N N 189 
LYS CG  CD   sing N N 190 
LYS CG  HG2  sing N N 191 
LYS CG  HG3  sing N N 192 
LYS CD  CE   sing N N 193 
LYS CD  HD2  sing N N 194 
LYS CD  HD3  sing N N 195 
LYS CE  NZ   sing N N 196 
LYS CE  HE2  sing N N 197 
LYS CE  HE3  sing N N 198 
LYS NZ  HZ1  sing N N 199 
LYS NZ  HZ2  sing N N 200 
LYS NZ  HZ3  sing N N 201 
LYS OXT HXT  sing N N 202 
MET N   CA   sing N N 203 
MET N   H    sing N N 204 
MET N   H2   sing N N 205 
MET CA  C    sing N N 206 
MET CA  CB   sing N N 207 
MET CA  HA   sing N N 208 
MET C   O    doub N N 209 
MET C   OXT  sing N N 210 
MET CB  CG   sing N N 211 
MET CB  HB2  sing N N 212 
MET CB  HB3  sing N N 213 
MET CG  SD   sing N N 214 
MET CG  HG2  sing N N 215 
MET CG  HG3  sing N N 216 
MET SD  CE   sing N N 217 
MET CE  HE1  sing N N 218 
MET CE  HE2  sing N N 219 
MET CE  HE3  sing N N 220 
MET OXT HXT  sing N N 221 
PHE N   CA   sing N N 222 
PHE N   H    sing N N 223 
PHE N   H2   sing N N 224 
PHE CA  C    sing N N 225 
PHE CA  CB   sing N N 226 
PHE CA  HA   sing N N 227 
PHE C   O    doub N N 228 
PHE C   OXT  sing N N 229 
PHE CB  CG   sing N N 230 
PHE CB  HB2  sing N N 231 
PHE CB  HB3  sing N N 232 
PHE CG  CD1  doub Y N 233 
PHE CG  CD2  sing Y N 234 
PHE CD1 CE1  sing Y N 235 
PHE CD1 HD1  sing N N 236 
PHE CD2 CE2  doub Y N 237 
PHE CD2 HD2  sing N N 238 
PHE CE1 CZ   doub Y N 239 
PHE CE1 HE1  sing N N 240 
PHE CE2 CZ   sing Y N 241 
PHE CE2 HE2  sing N N 242 
PHE CZ  HZ   sing N N 243 
PHE OXT HXT  sing N N 244 
PRO N   CA   sing N N 245 
PRO N   CD   sing N N 246 
PRO N   H    sing N N 247 
PRO CA  C    sing N N 248 
PRO CA  CB   sing N N 249 
PRO CA  HA   sing N N 250 
PRO C   O    doub N N 251 
PRO C   OXT  sing N N 252 
PRO CB  CG   sing N N 253 
PRO CB  HB2  sing N N 254 
PRO CB  HB3  sing N N 255 
PRO CG  CD   sing N N 256 
PRO CG  HG2  sing N N 257 
PRO CG  HG3  sing N N 258 
PRO CD  HD2  sing N N 259 
PRO CD  HD3  sing N N 260 
PRO OXT HXT  sing N N 261 
SER N   CA   sing N N 262 
SER N   H    sing N N 263 
SER N   H2   sing N N 264 
SER CA  C    sing N N 265 
SER CA  CB   sing N N 266 
SER CA  HA   sing N N 267 
SER C   O    doub N N 268 
SER C   OXT  sing N N 269 
SER CB  OG   sing N N 270 
SER CB  HB2  sing N N 271 
SER CB  HB3  sing N N 272 
SER OG  HG   sing N N 273 
SER OXT HXT  sing N N 274 
THR N   CA   sing N N 275 
THR N   H    sing N N 276 
THR N   H2   sing N N 277 
THR CA  C    sing N N 278 
THR CA  CB   sing N N 279 
THR CA  HA   sing N N 280 
THR C   O    doub N N 281 
THR C   OXT  sing N N 282 
THR CB  OG1  sing N N 283 
THR CB  CG2  sing N N 284 
THR CB  HB   sing N N 285 
THR OG1 HG1  sing N N 286 
THR CG2 HG21 sing N N 287 
THR CG2 HG22 sing N N 288 
THR CG2 HG23 sing N N 289 
THR OXT HXT  sing N N 290 
TRP N   CA   sing N N 291 
TRP N   H    sing N N 292 
TRP N   H2   sing N N 293 
TRP CA  C    sing N N 294 
TRP CA  CB   sing N N 295 
TRP CA  HA   sing N N 296 
TRP C   O    doub N N 297 
TRP C   OXT  sing N N 298 
TRP CB  CG   sing N N 299 
TRP CB  HB2  sing N N 300 
TRP CB  HB3  sing N N 301 
TRP CG  CD1  doub Y N 302 
TRP CG  CD2  sing Y N 303 
TRP CD1 NE1  sing Y N 304 
TRP CD1 HD1  sing N N 305 
TRP CD2 CE2  doub Y N 306 
TRP CD2 CE3  sing Y N 307 
TRP NE1 CE2  sing Y N 308 
TRP NE1 HE1  sing N N 309 
TRP CE2 CZ2  sing Y N 310 
TRP CE3 CZ3  doub Y N 311 
TRP CE3 HE3  sing N N 312 
TRP CZ2 CH2  doub Y N 313 
TRP CZ2 HZ2  sing N N 314 
TRP CZ3 CH2  sing Y N 315 
TRP CZ3 HZ3  sing N N 316 
TRP CH2 HH2  sing N N 317 
TRP OXT HXT  sing N N 318 
TYR N   CA   sing N N 319 
TYR N   H    sing N N 320 
TYR N   H2   sing N N 321 
TYR CA  C    sing N N 322 
TYR CA  CB   sing N N 323 
TYR CA  HA   sing N N 324 
TYR C   O    doub N N 325 
TYR C   OXT  sing N N 326 
TYR CB  CG   sing N N 327 
TYR CB  HB2  sing N N 328 
TYR CB  HB3  sing N N 329 
TYR CG  CD1  doub Y N 330 
TYR CG  CD2  sing Y N 331 
TYR CD1 CE1  sing Y N 332 
TYR CD1 HD1  sing N N 333 
TYR CD2 CE2  doub Y N 334 
TYR CD2 HD2  sing N N 335 
TYR CE1 CZ   doub Y N 336 
TYR CE1 HE1  sing N N 337 
TYR CE2 CZ   sing Y N 338 
TYR CE2 HE2  sing N N 339 
TYR CZ  OH   sing N N 340 
TYR OH  HH   sing N N 341 
TYR OXT HXT  sing N N 342 
VAL N   CA   sing N N 343 
VAL N   H    sing N N 344 
VAL N   H2   sing N N 345 
VAL CA  C    sing N N 346 
VAL CA  CB   sing N N 347 
VAL CA  HA   sing N N 348 
VAL C   O    doub N N 349 
VAL C   OXT  sing N N 350 
VAL CB  CG1  sing N N 351 
VAL CB  CG2  sing N N 352 
VAL CB  HB   sing N N 353 
VAL CG1 HG11 sing N N 354 
VAL CG1 HG12 sing N N 355 
VAL CG1 HG13 sing N N 356 
VAL CG2 HG21 sing N N 357 
VAL CG2 HG22 sing N N 358 
VAL CG2 HG23 sing N N 359 
VAL OXT HXT  sing N N 360 
# 
_em_admin.entry_id           7ABK 
_em_admin.current_status     REL 
_em_admin.deposition_date    2020-09-07 
_em_admin.deposition_site    PDBE 
_em_admin.last_update        2024-07-10 
_em_admin.map_release_date   2021-08-04 
_em_admin.title              'Helical structure of PspA' 
# 
_em_buffer_component.buffer_id             1 
_em_buffer_component.id                    1 
_em_buffer_component.concentration         10 
_em_buffer_component.concentration_units   mM 
_em_buffer_component.formula               NaH2PO4 
_em_buffer_component.name                  'Sodium Phosphate' 
# 
_em_ctf_correction.id                       1 
_em_ctf_correction.em_image_processing_id   1 
_em_ctf_correction.type                     'PHASE FLIPPING AND AMPLITUDE CORRECTION' 
_em_ctf_correction.details                  ? 
# 
_em_entity_assembly_molwt.entity_assembly_id   1 
_em_entity_assembly_molwt.id                   1 
_em_entity_assembly_molwt.experimental_flag    NO 
_em_entity_assembly_molwt.units                MEGADALTONS 
_em_entity_assembly_molwt.value                0.025 
# 
_em_entity_assembly_naturalsource.id                   2 
_em_entity_assembly_naturalsource.entity_assembly_id   1 
_em_entity_assembly_naturalsource.cell                 ? 
_em_entity_assembly_naturalsource.cellular_location    ? 
_em_entity_assembly_naturalsource.ncbi_tax_id          1111708 
_em_entity_assembly_naturalsource.organ                ? 
_em_entity_assembly_naturalsource.organelle            ? 
_em_entity_assembly_naturalsource.organism             'Synechocystis sp. (strain PCC 6803 / Kazusa)' 
_em_entity_assembly_naturalsource.strain               ? 
_em_entity_assembly_naturalsource.tissue               ? 
# 
_em_entity_assembly_recombinant.id                   2 
_em_entity_assembly_recombinant.entity_assembly_id   1 
_em_entity_assembly_recombinant.cell                 ? 
_em_entity_assembly_recombinant.ncbi_tax_id          469008 
_em_entity_assembly_recombinant.organism             'Escherichia coli BL21(DE3)' 
_em_entity_assembly_recombinant.plasmid              pRSET6 
_em_entity_assembly_recombinant.strain               ? 
# 
_em_helical_entity.id                             1 
_em_helical_entity.image_processing_id            1 
_em_helical_entity.angular_rotation_per_subunit   35.32 
_em_helical_entity.axial_rise_per_subunit         2.94 
_em_helical_entity.axial_symmetry                 C1 
_em_helical_entity.details                        ? 
# 
_em_image_processing.id                   1 
_em_image_processing.image_recording_id   1 
_em_image_processing.details              ? 
# 
_em_image_recording.id                            1 
_em_image_recording.imaging_id                    1 
_em_image_recording.avg_electron_dose_per_image   50 
_em_image_recording.average_exposure_time         ? 
_em_image_recording.details                       ? 
_em_image_recording.detector_mode                 ? 
_em_image_recording.film_or_detector_model        'GATAN K3 BIOQUANTUM (6k x 4k)' 
_em_image_recording.num_diffraction_images        ? 
_em_image_recording.num_grids_imaged              ? 
_em_image_recording.num_real_images               ? 
# 
_em_imaging_optics.id                         1 
_em_imaging_optics.imaging_id                 1 
_em_imaging_optics.chr_aberration_corrector   ? 
_em_imaging_optics.energyfilter_lower         ? 
_em_imaging_optics.energyfilter_name          'GIF Bioquantum' 
_em_imaging_optics.energyfilter_upper         ? 
_em_imaging_optics.energyfilter_slit_width    ? 
_em_imaging_optics.phase_plate                ? 
_em_imaging_optics.sph_aberration_corrector   ? 
# 
_em_particle_selection.id                       1 
_em_particle_selection.image_processing_id      1 
_em_particle_selection.details                  ? 
_em_particle_selection.method                   ? 
_em_particle_selection.num_particles_selected   5604 
_em_particle_selection.reference_model          ? 
# 
loop_
_em_software.id 
_em_software.category 
_em_software.details 
_em_software.name 
_em_software.version 
_em_software.image_processing_id 
_em_software.fitting_id 
_em_software.imaging_id 
1  'CRYSTALLOGRAPHY MERGING'  ? ?        ?         1 1 1 
2  'IMAGE ACQUISITION'        ? SerialEM ?         ? ? 1 
3  MASKING                    ? ?        ?         ? ? ? 
4  'CTF CORRECTION'           ? CTFFIND  4         1 ? ? 
5  'LAYERLINE INDEXING'       ? ?        ?         ? ? ? 
6  'DIFFRACTION INDEXING'     ? ?        ?         ? ? ? 
7  'MODEL FITTING'            ? ?        ?         ? 1 ? 
8  OTHER                      ? ?        ?         ? ? ? 
9  'INITIAL EULER ASSIGNMENT' ? RELION   3.0       1 ? ? 
10 'FINAL EULER ASSIGNMENT'   ? RELION   3.0       1 ? ? 
11 CLASSIFICATION             ? RELION   3.0       1 ? ? 
12 RECONSTRUCTION             ? RELION   3.0       1 ? ? 
13 'MODEL REFINEMENT'         ? PHENIX   1.16-3549 ? 1 ? 
# 
_em_specimen.id                      1 
_em_specimen.experiment_id           1 
_em_specimen.concentration           7.9 
_em_specimen.details                 ? 
_em_specimen.embedding_applied       NO 
_em_specimen.shadowing_applied       NO 
_em_specimen.staining_applied        NO 
_em_specimen.vitrification_applied   YES 
# 
_pdbx_audit_support.funding_organization   'European Union (EU)' 
_pdbx_audit_support.country                Germany 
_pdbx_audit_support.grant_number           653706 
_pdbx_audit_support.ordinal                1 
# 
_atom_sites.entry_id                    7ABK 
_atom_sites.Cartn_transf_matrix[1][1]   ? 
_atom_sites.Cartn_transf_matrix[1][2]   ? 
_atom_sites.Cartn_transf_matrix[1][3]   ? 
_atom_sites.Cartn_transf_matrix[2][1]   ? 
_atom_sites.Cartn_transf_matrix[2][2]   ? 
_atom_sites.Cartn_transf_matrix[2][3]   ? 
_atom_sites.Cartn_transf_matrix[3][1]   ? 
_atom_sites.Cartn_transf_matrix[3][2]   ? 
_atom_sites.Cartn_transf_matrix[3][3]   ? 
_atom_sites.Cartn_transf_vector[1]      ? 
_atom_sites.Cartn_transf_vector[2]      ? 
_atom_sites.Cartn_transf_vector[3]      ? 
_atom_sites.fract_transf_matrix[1][1]   1.000000 
_atom_sites.fract_transf_matrix[1][2]   0.000000 
_atom_sites.fract_transf_matrix[1][3]   0.000000 
_atom_sites.fract_transf_matrix[2][1]   0.000000 
_atom_sites.fract_transf_matrix[2][2]   1.000000 
_atom_sites.fract_transf_matrix[2][3]   0.000000 
_atom_sites.fract_transf_matrix[3][1]   0.000000 
_atom_sites.fract_transf_matrix[3][2]   0.000000 
_atom_sites.fract_transf_matrix[3][3]   1.000000 
_atom_sites.fract_transf_vector[1]      0.00000 
_atom_sites.fract_transf_vector[2]      0.00000 
_atom_sites.fract_transf_vector[3]      0.00000 
_atom_sites.solution_primary            ? 
_atom_sites.solution_secondary          ? 
_atom_sites.solution_hydrogens          ? 
_atom_sites.special_details             ? 
# 
loop_
_atom_type.symbol 
C 
N 
O 
S 
# 
loop_
_atom_site.group_PDB 
_atom_site.id 
_atom_site.type_symbol 
_atom_site.label_atom_id 
_atom_site.label_alt_id 
_atom_site.label_comp_id 
_atom_site.label_asym_id 
_atom_site.label_entity_id 
_atom_site.label_seq_id 
_atom_site.pdbx_PDB_ins_code 
_atom_site.Cartn_x 
_atom_site.Cartn_y 
_atom_site.Cartn_z 
_atom_site.occupancy 
_atom_site.B_iso_or_equiv 
_atom_site.pdbx_formal_charge 
_atom_site.auth_seq_id 
_atom_site.auth_comp_id 
_atom_site.auth_asym_id 
_atom_site.auth_atom_id 
_atom_site.pdbx_PDB_model_num 
ATOM 1    N N   . GLN A 1 44  ? -17.003 9.384   -0.446  1.00 210.03 ? 22  GLN A N   1 
ATOM 2    C CA  . GLN A 1 44  ? -16.320 8.533   -1.414  1.00 210.03 ? 22  GLN A CA  1 
ATOM 3    C C   . GLN A 1 44  ? -14.806 8.638   -1.261  1.00 210.03 ? 22  GLN A C   1 
ATOM 4    O O   . GLN A 1 44  ? -14.259 9.731   -1.125  1.00 210.03 ? 22  GLN A O   1 
ATOM 5    C CB  . GLN A 1 44  ? -16.734 8.902   -2.838  1.00 210.03 ? 22  GLN A CB  1 
ATOM 6    C CG  . GLN A 1 44  ? -16.049 8.078   -3.912  1.00 210.03 ? 22  GLN A CG  1 
ATOM 7    C CD  . GLN A 1 44  ? -16.203 6.589   -3.683  1.00 210.03 ? 22  GLN A CD  1 
ATOM 8    O OE1 . GLN A 1 44  ? -15.281 5.922   -3.213  1.00 210.03 ? 22  GLN A OE1 1 
ATOM 9    N NE2 . GLN A 1 44  ? -17.373 6.056   -4.015  1.00 210.03 ? 22  GLN A NE2 1 
ATOM 10   N N   . GLU A 1 45  ? -14.136 7.490   -1.286  1.00 202.80 ? 23  GLU A N   1 
ATOM 11   C CA  . GLU A 1 45  ? -12.691 7.414   -1.123  1.00 202.80 ? 23  GLU A CA  1 
ATOM 12   C C   . GLU A 1 45  ? -12.005 7.296   -2.476  1.00 202.80 ? 23  GLU A C   1 
ATOM 13   O O   . GLU A 1 45  ? -12.619 6.883   -3.464  1.00 202.80 ? 23  GLU A O   1 
ATOM 14   C CB  . GLU A 1 45  ? -12.315 6.230   -0.231  1.00 202.80 ? 23  GLU A CB  1 
ATOM 15   C CG  . GLU A 1 45  ? -13.054 4.936   -0.559  1.00 202.80 ? 23  GLU A CG  1 
ATOM 16   C CD  . GLU A 1 45  ? -12.514 4.230   -1.789  1.00 202.80 ? 23  GLU A CD  1 
ATOM 17   O OE1 . GLU A 1 45  ? -11.353 4.488   -2.164  1.00 202.80 ? 23  GLU A OE1 1 
ATOM 18   O OE2 . GLU A 1 45  ? -13.253 3.417   -2.379  1.00 202.80 ? 23  GLU A OE2 1 
ATOM 19   N N   . ALA A 1 46  ? -10.727 7.651   -2.510  1.00 189.12 ? 24  ALA A N   1 
ATOM 20   C CA  . ALA A 1 46  ? -9.954  7.586   -3.738  1.00 189.12 ? 24  ALA A CA  1 
ATOM 21   C C   . ALA A 1 46  ? -9.373  6.190   -3.935  1.00 189.12 ? 24  ALA A C   1 
ATOM 22   O O   . ALA A 1 46  ? -8.942  5.546   -2.978  1.00 189.12 ? 24  ALA A O   1 
ATOM 23   C CB  . ALA A 1 46  ? -8.838  8.623   -3.708  1.00 189.12 ? 24  ALA A CB  1 
ATOM 24   N N   . PRO A 1 47  ? -9.347  5.705   -5.181  1.00 176.13 ? 25  PRO A N   1 
ATOM 25   C CA  . PRO A 1 47  ? -8.902  4.316   -5.412  1.00 176.13 ? 25  PRO A CA  1 
ATOM 26   C C   . PRO A 1 47  ? -7.496  4.034   -4.917  1.00 176.13 ? 25  PRO A C   1 
ATOM 27   O O   . PRO A 1 47  ? -7.255  2.981   -4.313  1.00 176.13 ? 25  PRO A O   1 
ATOM 28   C CB  . PRO A 1 47  ? -9.015  4.171   -6.935  1.00 176.13 ? 25  PRO A CB  1 
ATOM 29   C CG  . PRO A 1 47  ? -10.018 5.196   -7.340  1.00 176.13 ? 25  PRO A CG  1 
ATOM 30   C CD  . PRO A 1 47  ? -9.799  6.355   -6.420  1.00 176.13 ? 25  PRO A CD  1 
ATOM 31   N N   . GLU A 1 48  ? -6.554  4.947   -5.157  1.00 171.47 ? 26  GLU A N   1 
ATOM 32   C CA  . GLU A 1 48  ? -5.182  4.727   -4.712  1.00 171.47 ? 26  GLU A CA  1 
ATOM 33   C C   . GLU A 1 48  ? -5.092  4.592   -3.198  1.00 171.47 ? 26  GLU A C   1 
ATOM 34   O O   . GLU A 1 48  ? -4.166  3.953   -2.688  1.00 171.47 ? 26  GLU A O   1 
ATOM 35   C CB  . GLU A 1 48  ? -4.285  5.862   -5.199  1.00 171.47 ? 26  GLU A CB  1 
ATOM 36   C CG  . GLU A 1 48  ? -4.142  5.938   -6.706  1.00 171.47 ? 26  GLU A CG  1 
ATOM 37   C CD  . GLU A 1 48  ? -5.262  6.717   -7.369  1.00 171.47 ? 26  GLU A CD  1 
ATOM 38   O OE1 . GLU A 1 48  ? -6.185  7.150   -6.646  1.00 171.47 ? 26  GLU A OE1 1 
ATOM 39   O OE2 . GLU A 1 48  ? -5.224  6.903   -8.604  1.00 171.47 ? 26  GLU A OE2 1 
ATOM 40   N N   . ASP A 1 49  ? -6.037  5.181   -2.465  1.00 175.86 ? 27  ASP A N   1 
ATOM 41   C CA  . ASP A 1 49  ? -6.011  5.063   -1.014  1.00 175.86 ? 27  ASP A CA  1 
ATOM 42   C C   . ASP A 1 49  ? -6.326  3.645   -0.561  1.00 175.86 ? 27  ASP A C   1 
ATOM 43   O O   . ASP A 1 49  ? -5.832  3.205   0.483   1.00 175.86 ? 27  ASP A O   1 
ATOM 44   C CB  . ASP A 1 49  ? -6.994  6.050   -0.388  1.00 175.86 ? 27  ASP A CB  1 
ATOM 45   C CG  . ASP A 1 49  ? -7.142  5.854   1.104   1.00 175.86 ? 27  ASP A CG  1 
ATOM 46   O OD1 . ASP A 1 49  ? -6.165  6.108   1.837   1.00 175.86 ? 27  ASP A OD1 1 
ATOM 47   O OD2 . ASP A 1 49  ? -8.234  5.442   1.545   1.00 175.86 ? 27  ASP A OD2 1 
ATOM 48   N N   . LEU A 1 50  ? -7.138  2.915   -1.325  1.00 168.70 ? 28  LEU A N   1 
ATOM 49   C CA  . LEU A 1 50  ? -7.460  1.542   -0.957  1.00 168.70 ? 28  LEU A CA  1 
ATOM 50   C C   . LEU A 1 50  ? -6.247  0.629   -1.010  1.00 168.70 ? 28  LEU A C   1 
ATOM 51   O O   . LEU A 1 50  ? -6.248  -0.421  -0.356  1.00 168.70 ? 28  LEU A O   1 
ATOM 52   C CB  . LEU A 1 50  ? -8.550  0.993   -1.875  1.00 168.70 ? 28  LEU A CB  1 
ATOM 53   C CG  . LEU A 1 50  ? -9.912  1.670   -1.769  1.00 168.70 ? 28  LEU A CG  1 
ATOM 54   C CD1 . LEU A 1 50  ? -10.992 0.753   -2.311  1.00 168.70 ? 28  LEU A CD1 1 
ATOM 55   C CD2 . LEU A 1 50  ? -10.203 2.043   -0.326  1.00 168.70 ? 28  LEU A CD2 1 
ATOM 56   N N   . LEU A 1 51  ? -5.221  1.005   -1.771  1.00 156.20 ? 29  LEU A N   1 
ATOM 57   C CA  . LEU A 1 51  ? -4.066  0.139   -1.961  1.00 156.20 ? 29  LEU A CA  1 
ATOM 58   C C   . LEU A 1 51  ? -3.404  -0.196  -0.630  1.00 156.20 ? 29  LEU A C   1 
ATOM 59   O O   . LEU A 1 51  ? -3.320  -1.367  -0.240  1.00 156.20 ? 29  LEU A O   1 
ATOM 60   C CB  . LEU A 1 51  ? -3.073  0.811   -2.906  1.00 156.20 ? 29  LEU A CB  1 
ATOM 61   C CG  . LEU A 1 51  ? -2.065  -0.113  -3.581  1.00 156.20 ? 29  LEU A CG  1 
ATOM 62   C CD1 . LEU A 1 51  ? -2.785  -1.156  -4.403  1.00 156.20 ? 29  LEU A CD1 1 
ATOM 63   C CD2 . LEU A 1 51  ? -1.118  0.691   -4.448  1.00 156.20 ? 29  LEU A CD2 1 
ATOM 64   N N   . GLU A 1 52  ? -2.933  0.827   0.084   1.00 164.71 ? 30  GLU A N   1 
ATOM 65   C CA  . GLU A 1 52  ? -2.207  0.587   1.326   1.00 164.71 ? 30  GLU A CA  1 
ATOM 66   C C   . GLU A 1 52  ? -3.101  -0.068  2.368   1.00 164.71 ? 30  GLU A C   1 
ATOM 67   O O   . GLU A 1 52  ? -2.646  -0.919  3.143   1.00 164.71 ? 30  GLU A O   1 
ATOM 68   C CB  . GLU A 1 52  ? -1.628  1.899   1.855   1.00 164.71 ? 30  GLU A CB  1 
ATOM 69   C CG  . GLU A 1 52  ? -2.648  3.006   2.049   1.00 164.71 ? 30  GLU A CG  1 
ATOM 70   C CD  . GLU A 1 52  ? -2.922  3.783   0.776   1.00 164.71 ? 30  GLU A CD  1 
ATOM 71   O OE1 . GLU A 1 52  ? -2.718  3.226   -0.322  1.00 164.71 ? 30  GLU A OE1 1 
ATOM 72   O OE2 . GLU A 1 52  ? -3.348  4.953   0.874   1.00 164.71 ? 30  GLU A OE2 1 
ATOM 73   N N   . ARG A 1 53  ? -4.384  0.301   2.391   1.00 159.97 ? 31  ARG A N   1 
ATOM 74   C CA  . ARG A 1 53  ? -5.316  -0.321  3.321   1.00 159.97 ? 31  ARG A CA  1 
ATOM 75   C C   . ARG A 1 53  ? -5.384  -1.825  3.097   1.00 159.97 ? 31  ARG A C   1 
ATOM 76   O O   . ARG A 1 53  ? -5.199  -2.617  4.030   1.00 159.97 ? 31  ARG A O   1 
ATOM 77   C CB  . ARG A 1 53  ? -6.696  0.313   3.169   1.00 159.97 ? 31  ARG A CB  1 
ATOM 78   C CG  . ARG A 1 53  ? -7.666  -0.027  4.280   1.00 159.97 ? 31  ARG A CG  1 
ATOM 79   C CD  . ARG A 1 53  ? -8.966  0.740   4.120   1.00 159.97 ? 31  ARG A CD  1 
ATOM 80   N NE  . ARG A 1 53  ? -9.657  0.389   2.884   1.00 159.97 ? 31  ARG A NE  1 
ATOM 81   C CZ  . ARG A 1 53  ? -10.576 -0.565  2.791   1.00 159.97 ? 31  ARG A CZ  1 
ATOM 82   N NH1 . ARG A 1 53  ? -10.915 -1.266  3.863   1.00 159.97 ? 31  ARG A NH1 1 
ATOM 83   N NH2 . ARG A 1 53  ? -11.157 -0.819  1.627   1.00 159.97 ? 31  ARG A NH2 1 
ATOM 84   N N   . LEU A 1 54  ? -5.632  -2.234  1.854   1.00 151.52 ? 32  LEU A N   1 
ATOM 85   C CA  . LEU A 1 54  ? -5.766  -3.653  1.565   1.00 151.52 ? 32  LEU A CA  1 
ATOM 86   C C   . LEU A 1 54  ? -4.451  -4.391  1.778   1.00 151.52 ? 32  LEU A C   1 
ATOM 87   O O   . LEU A 1 54  ? -4.446  -5.544  2.224   1.00 151.52 ? 32  LEU A O   1 
ATOM 88   C CB  . LEU A 1 54  ? -6.270  -3.847  0.142   1.00 151.52 ? 32  LEU A CB  1 
ATOM 89   C CG  . LEU A 1 54  ? -7.671  -3.304  -0.135  1.00 151.52 ? 32  LEU A CG  1 
ATOM 90   C CD1 . LEU A 1 54  ? -8.193  -3.841  -1.453  1.00 151.52 ? 32  LEU A CD1 1 
ATOM 91   C CD2 . LEU A 1 54  ? -8.618  -3.646  1.000   1.00 151.52 ? 32  LEU A CD2 1 
ATOM 92   N N   . LEU A 1 55  ? -3.322  -3.748  1.475   1.00 143.93 ? 33  LEU A N   1 
ATOM 93   C CA  . LEU A 1 55  ? -2.045  -4.411  1.707   1.00 143.93 ? 33  LEU A CA  1 
ATOM 94   C C   . LEU A 1 55  ? -1.792  -4.628  3.192   1.00 143.93 ? 33  LEU A C   1 
ATOM 95   O O   . LEU A 1 55  ? -1.305  -5.690  3.590   1.00 143.93 ? 33  LEU A O   1 
ATOM 96   C CB  . LEU A 1 55  ? -0.903  -3.629  1.066   1.00 143.93 ? 33  LEU A CB  1 
ATOM 97   C CG  . LEU A 1 55  ? -0.582  -4.064  -0.366  1.00 143.93 ? 33  LEU A CG  1 
ATOM 98   C CD1 . LEU A 1 55  ? -1.674  -3.708  -1.343  1.00 143.93 ? 33  LEU A CD1 1 
ATOM 99   C CD2 . LEU A 1 55  ? 0.739   -3.466  -0.810  1.00 143.93 ? 33  LEU A CD2 1 
ATOM 100  N N   . GLY A 1 56  ? -2.130  -3.648  4.032   1.00 146.06 ? 34  GLY A N   1 
ATOM 101  C CA  . GLY A 1 56  ? -2.009  -3.856  5.466   1.00 146.06 ? 34  GLY A CA  1 
ATOM 102  C C   . GLY A 1 56  ? -2.913  -4.967  5.965   1.00 146.06 ? 34  GLY A C   1 
ATOM 103  O O   . GLY A 1 56  ? -2.507  -5.796  6.793   1.00 146.06 ? 34  GLY A O   1 
ATOM 104  N N   . GLU A 1 57  ? -4.154  -4.996  5.476   1.00 151.63 ? 35  GLU A N   1 
ATOM 105  C CA  . GLU A 1 57  ? -5.063  -6.078  5.837   1.00 151.63 ? 35  GLU A CA  1 
ATOM 106  C C   . GLU A 1 57  ? -4.458  -7.431  5.494   1.00 151.63 ? 35  GLU A C   1 
ATOM 107  O O   . GLU A 1 57  ? -4.441  -8.352  6.323   1.00 151.63 ? 35  GLU A O   1 
ATOM 108  C CB  . GLU A 1 57  ? -6.408  -5.899  5.132   1.00 151.63 ? 35  GLU A CB  1 
ATOM 109  C CG  . GLU A 1 57  ? -7.152  -4.591  5.418   1.00 151.63 ? 35  GLU A CG  1 
ATOM 110  C CD  . GLU A 1 57  ? -7.585  -4.399  6.868   1.00 151.63 ? 35  GLU A CD  1 
ATOM 111  O OE1 . GLU A 1 57  ? -8.463  -3.541  7.101   1.00 151.63 ? 35  GLU A OE1 1 
ATOM 112  O OE2 . GLU A 1 57  ? -7.078  -5.091  7.775   1.00 151.63 ? 35  GLU A OE2 1 
ATOM 113  N N   . MET A 1 58  ? -3.952  -7.569  4.268   1.00 143.90 ? 36  MET A N   1 
ATOM 114  C CA  . MET A 1 58  ? -3.355  -8.835  3.865   1.00 143.90 ? 36  MET A CA  1 
ATOM 115  C C   . MET A 1 58  ? -2.135  -9.167  4.711   1.00 143.90 ? 36  MET A C   1 
ATOM 116  O O   . MET A 1 58  ? -1.886  -10.337 5.034   1.00 143.90 ? 36  MET A O   1 
ATOM 117  C CB  . MET A 1 58  ? -2.985  -8.800  2.388   1.00 143.90 ? 36  MET A CB  1 
ATOM 118  C CG  . MET A 1 58  ? -2.406  -10.108 1.954   1.00 143.90 ? 36  MET A CG  1 
ATOM 119  S SD  . MET A 1 58  ? -3.674  -11.375 2.051   1.00 143.90 ? 36  MET A SD  1 
ATOM 120  C CE  . MET A 1 58  ? -3.045  -12.567 0.893   1.00 143.90 ? 36  MET A CE  1 
ATOM 121  N N   . GLU A 1 59  ? -1.360  -8.149  5.075   1.00 139.75 ? 37  GLU A N   1 
ATOM 122  C CA  . GLU A 1 59  ? -0.191  -8.368  5.915   1.00 139.75 ? 37  GLU A CA  1 
ATOM 123  C C   . GLU A 1 59  ? -0.584  -8.995  7.244   1.00 139.75 ? 37  GLU A C   1 
ATOM 124  O O   . GLU A 1 59  ? 0.056   -9.943  7.711   1.00 139.75 ? 37  GLU A O   1 
ATOM 125  C CB  . GLU A 1 59  ? 0.543   -7.047  6.138   1.00 139.75 ? 37  GLU A CB  1 
ATOM 126  C CG  . GLU A 1 59  ? 1.859   -7.172  6.882   1.00 139.75 ? 37  GLU A CG  1 
ATOM 127  C CD  . GLU A 1 59  ? 2.725   -8.321  6.397   1.00 139.75 ? 37  GLU A CD  1 
ATOM 128  O OE1 . GLU A 1 59  ? 3.493   -8.861  7.218   1.00 139.75 ? 37  GLU A OE1 1 
ATOM 129  O OE2 . GLU A 1 59  ? 2.681   -8.661  5.194   1.00 139.75 ? 37  GLU A OE2 1 
ATOM 130  N N   . LEU A 1 60  ? -1.635  -8.469  7.871   1.00 134.87 ? 38  LEU A N   1 
ATOM 131  C CA  . LEU A 1 60  ? -2.125  -9.083  9.104   1.00 134.87 ? 38  LEU A CA  1 
ATOM 132  C C   . LEU A 1 60  ? -2.612  -10.508 8.861   1.00 134.87 ? 38  LEU A C   1 
ATOM 133  O O   . LEU A 1 60  ? -2.303  -11.431 9.636   1.00 134.87 ? 38  LEU A O   1 
ATOM 134  C CB  . LEU A 1 60  ? -3.248  -8.240  9.702   1.00 134.87 ? 38  LEU A CB  1 
ATOM 135  C CG  . LEU A 1 60  ? -2.864  -7.108  10.655  1.00 134.87 ? 38  LEU A CG  1 
ATOM 136  C CD1 . LEU A 1 60  ? -2.207  -7.687  11.891  1.00 134.87 ? 38  LEU A CD1 1 
ATOM 137  C CD2 . LEU A 1 60  ? -1.958  -6.083  9.992   1.00 134.87 ? 38  LEU A CD2 1 
ATOM 138  N N   . GLU A 1 61  ? -3.379  -10.702 7.790   1.00 134.00 ? 39  GLU A N   1 
ATOM 139  C CA  . GLU A 1 61  ? -4.020  -11.991 7.573   1.00 134.00 ? 39  GLU A CA  1 
ATOM 140  C C   . GLU A 1 61  ? -2.994  -13.091 7.325   1.00 134.00 ? 39  GLU A C   1 
ATOM 141  O O   . GLU A 1 61  ? -3.216  -14.252 7.696   1.00 134.00 ? 39  GLU A O   1 
ATOM 142  C CB  . GLU A 1 61  ? -4.998  -11.867 6.412   1.00 134.00 ? 39  GLU A CB  1 
ATOM 143  C CG  . GLU A 1 61  ? -5.844  -13.082 6.157   1.00 134.00 ? 39  GLU A CG  1 
ATOM 144  C CD  . GLU A 1 61  ? -6.798  -12.858 5.003   1.00 134.00 ? 39  GLU A CD  1 
ATOM 145  O OE1 . GLU A 1 61  ? -7.521  -11.841 5.025   1.00 134.00 ? 39  GLU A OE1 1 
ATOM 146  O OE2 . GLU A 1 61  ? -6.827  -13.691 4.078   1.00 134.00 ? 39  GLU A OE2 1 
ATOM 147  N N   . LEU A 1 62  ? -1.854  -12.742 6.730   1.00 124.12 ? 40  LEU A N   1 
ATOM 148  C CA  . LEU A 1 62  ? -0.820  -13.744 6.487   1.00 124.12 ? 40  LEU A CA  1 
ATOM 149  C C   . LEU A 1 62  ? -0.276  -14.315 7.792   1.00 124.12 ? 40  LEU A C   1 
ATOM 150  O O   . LEU A 1 62  ? -0.176  -15.537 7.955   1.00 124.12 ? 40  LEU A O   1 
ATOM 151  C CB  . LEU A 1 62  ? 0.308   -13.146 5.654   1.00 124.12 ? 40  LEU A CB  1 
ATOM 152  C CG  . LEU A 1 62  ? -0.037  -13.006 4.180   1.00 124.12 ? 40  LEU A CG  1 
ATOM 153  C CD1 . LEU A 1 62  ? 1.112   -12.377 3.430   1.00 124.12 ? 40  LEU A CD1 1 
ATOM 154  C CD2 . LEU A 1 62  ? -0.366  -14.365 3.609   1.00 124.12 ? 40  LEU A CD2 1 
ATOM 155  N N   . ILE A 1 63  ? 0.098   -13.445 8.732   1.00 124.02 ? 41  ILE A N   1 
ATOM 156  C CA  . ILE A 1 63  ? 0.635   -13.956 9.986   1.00 124.02 ? 41  ILE A CA  1 
ATOM 157  C C   . ILE A 1 63  ? -0.446  -14.689 10.763  1.00 124.02 ? 41  ILE A C   1 
ATOM 158  O O   . ILE A 1 63  ? -0.154  -15.655 11.484  1.00 124.02 ? 41  ILE A O   1 
ATOM 159  C CB  . ILE A 1 63  ? 1.270   -12.824 10.813  1.00 124.02 ? 41  ILE A CB  1 
ATOM 160  C CG1 . ILE A 1 63  ? 0.205   -11.879 11.357  1.00 124.02 ? 41  ILE A CG1 1 
ATOM 161  C CG2 . ILE A 1 63  ? 2.254   -12.050 9.968   1.00 124.02 ? 41  ILE A CG2 1 
ATOM 162  C CD1 . ILE A 1 63  ? 0.744   -10.874 12.334  1.00 124.02 ? 41  ILE A CD1 1 
ATOM 163  N N   . GLU A 1 64  ? -1.707  -14.272 10.622  1.00 125.24 ? 42  GLU A N   1 
ATOM 164  C CA  . GLU A 1 64  ? -2.786  -15.044 11.230  1.00 125.24 ? 42  GLU A CA  1 
ATOM 165  C C   . GLU A 1 64  ? -2.791  -16.477 10.710  1.00 125.24 ? 42  GLU A C   1 
ATOM 166  O O   . GLU A 1 64  ? -2.840  -17.441 11.488  1.00 125.24 ? 42  GLU A O   1 
ATOM 167  C CB  . GLU A 1 64  ? -4.128  -14.367 10.960  1.00 125.24 ? 42  GLU A CB  1 
ATOM 168  C CG  . GLU A 1 64  ? -5.158  -14.576 12.055  1.00 125.24 ? 42  GLU A CG  1 
ATOM 169  C CD  . GLU A 1 64  ? -4.744  -13.987 13.392  1.00 125.24 ? 42  GLU A CD  1 
ATOM 170  O OE1 . GLU A 1 64  ? -5.409  -14.292 14.402  1.00 125.24 ? 42  GLU A OE1 1 
ATOM 171  O OE2 . GLU A 1 64  ? -3.775  -13.198 13.437  1.00 125.24 ? 42  GLU A OE2 1 
ATOM 172  N N   . LEU A 1 65  ? -2.743  -16.630 9.386   1.00 111.05 ? 43  LEU A N   1 
ATOM 173  C CA  . LEU A 1 65  ? -2.712  -17.958 8.788   1.00 111.05 ? 43  LEU A CA  1 
ATOM 174  C C   . LEU A 1 65  ? -1.515  -18.758 9.283   1.00 111.05 ? 43  LEU A C   1 
ATOM 175  O O   . LEU A 1 65  ? -1.618  -19.963 9.551   1.00 111.05 ? 43  LEU A O   1 
ATOM 176  C CB  . LEU A 1 65  ? -2.680  -17.833 7.267   1.00 111.05 ? 43  LEU A CB  1 
ATOM 177  C CG  . LEU A 1 65  ? -2.280  -19.084 6.495   1.00 111.05 ? 43  LEU A CG  1 
ATOM 178  C CD1 . LEU A 1 65  ? -3.285  -20.184 6.729   1.00 111.05 ? 43  LEU A CD1 1 
ATOM 179  C CD2 . LEU A 1 65  ? -2.178  -18.768 5.023   1.00 111.05 ? 43  LEU A CD2 1 
ATOM 180  N N   . ARG A 1 66  ? -0.363  -18.099 9.399   1.00 115.75 ? 44  ARG A N   1 
ATOM 181  C CA  . ARG A 1 66  ? 0.838   -18.788 9.863   1.00 115.75 ? 44  ARG A CA  1 
ATOM 182  C C   . ARG A 1 66  ? 0.635   -19.348 11.263  1.00 115.75 ? 44  ARG A C   1 
ATOM 183  O O   . ARG A 1 66  ? 0.962   -20.511 11.539  1.00 115.75 ? 44  ARG A O   1 
ATOM 184  C CB  . ARG A 1 66  ? 2.029   -17.836 9.832   1.00 115.75 ? 44  ARG A CB  1 
ATOM 185  C CG  . ARG A 1 66  ? 3.365   -18.523 9.985   1.00 115.75 ? 44  ARG A CG  1 
ATOM 186  C CD  . ARG A 1 66  ? 4.440   -17.540 10.403  1.00 115.75 ? 44  ARG A CD  1 
ATOM 187  N NE  . ARG A 1 66  ? 4.271   -16.238 9.767   1.00 115.75 ? 44  ARG A NE  1 
ATOM 188  C CZ  . ARG A 1 66  ? 4.722   -15.937 8.555   1.00 115.75 ? 44  ARG A CZ  1 
ATOM 189  N NH1 . ARG A 1 66  ? 5.372   -16.845 7.843   1.00 115.75 ? 44  ARG A NH1 1 
ATOM 190  N NH2 . ARG A 1 66  ? 4.522   -14.727 8.054   1.00 115.75 ? 44  ARG A NH2 1 
ATOM 191  N N   . ARG A 1 67  ? 0.092   -18.529 12.163  1.00 114.31 ? 45  ARG A N   1 
ATOM 192  C CA  . ARG A 1 67  ? -0.169  -18.995 13.522  1.00 114.31 ? 45  ARG A CA  1 
ATOM 193  C C   . ARG A 1 67  ? -1.118  -20.188 13.526  1.00 114.31 ? 45  ARG A C   1 
ATOM 194  O O   . ARG A 1 67  ? -0.903  -21.167 14.260  1.00 114.31 ? 45  ARG A O   1 
ATOM 195  C CB  . ARG A 1 67  ? -0.737  -17.850 14.354  1.00 114.31 ? 45  ARG A CB  1 
ATOM 196  C CG  . ARG A 1 67  ? -1.264  -18.267 15.703  1.00 114.31 ? 45  ARG A CG  1 
ATOM 197  C CD  . ARG A 1 67  ? -1.310  -17.083 16.645  1.00 114.31 ? 45  ARG A CD  1 
ATOM 198  N NE  . ARG A 1 67  ? -0.045  -16.354 16.651  1.00 114.31 ? 45  ARG A NE  1 
ATOM 199  C CZ  . ARG A 1 67  ? 0.074   -15.063 16.363  1.00 114.31 ? 45  ARG A CZ  1 
ATOM 200  N NH1 . ARG A 1 67  ? -0.998  -14.349 16.055  1.00 114.31 ? 45  ARG A NH1 1 
ATOM 201  N NH2 . ARG A 1 67  ? 1.266   -14.483 16.392  1.00 114.31 ? 45  ARG A NH2 1 
ATOM 202  N N   . ALA A 1 68  ? -2.178  -20.120 12.720  1.00 102.35 ? 46  ALA A N   1 
ATOM 203  C CA  . ALA A 1 68  ? -3.127  -21.230 12.683  1.00 102.35 ? 46  ALA A CA  1 
ATOM 204  C C   . ALA A 1 68  ? -2.450  -22.519 12.232  1.00 102.35 ? 46  ALA A C   1 
ATOM 205  O O   . ALA A 1 68  ? -2.662  -23.588 12.825  1.00 102.35 ? 46  ALA A O   1 
ATOM 206  C CB  . ALA A 1 68  ? -4.299  -20.890 11.770  1.00 102.35 ? 46  ALA A CB  1 
ATOM 207  N N   . LEU A 1 69  ? -1.623  -22.440 11.189  1.00 96.49  ? 47  LEU A N   1 
ATOM 208  C CA  . LEU A 1 69  ? -0.942  -23.641 10.722  1.00 96.49  ? 47  LEU A CA  1 
ATOM 209  C C   . LEU A 1 69  ? -0.002  -24.183 11.790  1.00 96.49  ? 47  LEU A C   1 
ATOM 210  O O   . LEU A 1 69  ? 0.156   -25.404 11.937  1.00 96.49  ? 47  LEU A O   1 
ATOM 211  C CB  . LEU A 1 69  ? -0.185  -23.347 9.428   1.00 96.49  ? 47  LEU A CB  1 
ATOM 212  C CG  . LEU A 1 69  ? 0.358   -24.555 8.664   1.00 96.49  ? 47  LEU A CG  1 
ATOM 213  C CD1 . LEU A 1 69  ? 0.375   -24.259 7.180   1.00 96.49  ? 47  LEU A CD1 1 
ATOM 214  C CD2 . LEU A 1 69  ? 1.750   -24.932 9.129   1.00 96.49  ? 47  LEU A CD2 1 
ATOM 215  N N   . ALA A 1 70  ? 0.637   -23.288 12.545  1.00 104.15 ? 48  ALA A N   1 
ATOM 216  C CA  . ALA A 1 70  ? 1.486   -23.730 13.646  1.00 104.15 ? 48  ALA A CA  1 
ATOM 217  C C   . ALA A 1 70  ? 0.694   -24.564 14.643  1.00 104.15 ? 48  ALA A C   1 
ATOM 218  O O   . ALA A 1 70  ? 1.115   -25.666 15.030  1.00 104.15 ? 48  ALA A O   1 
ATOM 219  C CB  . ALA A 1 70  ? 2.115   -22.524 14.338  1.00 104.15 ? 48  ALA A CB  1 
ATOM 220  N N   . GLN A 1 71  ? -0.457  -24.050 15.073  1.00 105.61 ? 49  GLN A N   1 
ATOM 221  C CA  . GLN A 1 71  ? -1.274  -24.799 16.025  1.00 105.61 ? 49  GLN A CA  1 
ATOM 222  C C   . GLN A 1 71  ? -1.683  -26.151 15.456  1.00 105.61 ? 49  GLN A C   1 
ATOM 223  O O   . GLN A 1 71  ? -1.733  -27.157 16.182  1.00 105.61 ? 49  GLN A O   1 
ATOM 224  C CB  . GLN A 1 71  ? -2.504  -23.989 16.418  1.00 105.61 ? 49  GLN A CB  1 
ATOM 225  C CG  . GLN A 1 71  ? -2.176  -22.710 17.147  1.00 105.61 ? 49  GLN A CG  1 
ATOM 226  C CD  . GLN A 1 71  ? -3.388  -22.097 17.804  1.00 105.61 ? 49  GLN A CD  1 
ATOM 227  O OE1 . GLN A 1 71  ? -4.446  -22.718 17.878  1.00 105.61 ? 49  GLN A OE1 1 
ATOM 228  N NE2 . GLN A 1 71  ? -3.242  -20.872 18.289  1.00 105.61 ? 49  GLN A NE2 1 
ATOM 229  N N   . THR A 1 72  ? -1.982  -26.191 14.157  1.00 102.35 ? 50  THR A N   1 
ATOM 230  C CA  . THR A 1 72  ? -2.319  -27.462 13.523  1.00 102.35 ? 50  THR A CA  1 
ATOM 231  C C   . THR A 1 72  ? -1.181  -28.467 13.664  1.00 102.35 ? 50  THR A C   1 
ATOM 232  O O   . THR A 1 72  ? -1.397  -29.624 14.053  1.00 102.35 ? 50  THR A O   1 
ATOM 233  C CB  . THR A 1 72  ? -2.650  -27.239 12.052  1.00 102.35 ? 50  THR A CB  1 
ATOM 234  O OG1 . THR A 1 72  ? -3.959  -26.669 11.944  1.00 102.35 ? 50  THR A OG1 1 
ATOM 235  C CG2 . THR A 1 72  ? -2.611  -28.552 11.301  1.00 102.35 ? 50  THR A CG2 1 
ATOM 236  N N   . ILE A 1 73  ? 0.037   -28.040 13.332  1.00 100.38 ? 51  ILE A N   1 
ATOM 237  C CA  . ILE A 1 73  ? 1.191   -28.929 13.443  1.00 100.38 ? 51  ILE A CA  1 
ATOM 238  C C   . ILE A 1 73  ? 1.337   -29.437 14.871  1.00 100.38 ? 51  ILE A C   1 
ATOM 239  O O   . ILE A 1 73  ? 1.636   -30.619 15.107  1.00 100.38 ? 51  ILE A O   1 
ATOM 240  C CB  . ILE A 1 73  ? 2.466   -28.214 12.970  1.00 100.38 ? 51  ILE A CB  1 
ATOM 241  C CG1 . ILE A 1 73  ? 2.344   -27.821 11.501  1.00 100.38 ? 51  ILE A CG1 1 
ATOM 242  C CG2 . ILE A 1 73  ? 3.668   -29.103 13.176  1.00 100.38 ? 51  ILE A CG2 1 
ATOM 243  C CD1 . ILE A 1 73  ? 2.539   -28.975 10.557  1.00 100.38 ? 51  ILE A CD1 1 
ATOM 244  N N   . ALA A 1 74  ? 1.128   -28.551 15.844  1.00 107.88 ? 52  ALA A N   1 
ATOM 245  C CA  . ALA A 1 74  ? 1.245   -28.949 17.244  1.00 107.88 ? 52  ALA A CA  1 
ATOM 246  C C   . ALA A 1 74  ? 0.391   -30.136 17.670  1.00 107.88 ? 52  ALA A C   1 
ATOM 247  O O   . ALA A 1 74  ? 0.901   -31.137 18.198  1.00 107.88 ? 52  ALA A O   1 
ATOM 248  C CB  . ALA A 1 74  ? 1.007   -27.741 18.150  1.00 107.88 ? 52  ALA A CB  1 
ATOM 249  N N   . THR A 1 75  ? -0.924  -30.033 17.458  1.00 111.89 ? 53  THR A N   1 
ATOM 250  C CA  . THR A 1 75  ? -1.806  -31.140 17.831  1.00 111.89 ? 53  THR A CA  1 
ATOM 251  C C   . THR A 1 75  ? -1.602  -32.424 17.001  1.00 111.89 ? 53  THR A C   1 
ATOM 252  O O   . THR A 1 75  ? -1.847  -33.553 17.453  1.00 111.89 ? 53  THR A O   1 
ATOM 253  C CB  . THR A 1 75  ? -3.260  -30.744 17.607  1.00 111.89 ? 53  THR A CB  1 
ATOM 254  O OG1 . THR A 1 75  ? -3.449  -30.394 16.233  1.00 111.89 ? 53  THR A OG1 1 
ATOM 255  C CG2 . THR A 1 75  ? -3.616  -29.553 18.471  1.00 111.89 ? 53  THR A CG2 1 
ATOM 256  N N   . PHE A 1 76  ? -1.135  -32.234 15.763  1.00 112.08 ? 54  PHE A N   1 
ATOM 257  C CA  . PHE A 1 76  ? -0.813  -33.420 14.927  1.00 112.08 ? 54  PHE A CA  1 
ATOM 258  C C   . PHE A 1 76  ? 0.311   -34.173 15.644  1.00 112.08 ? 54  PHE A C   1 
ATOM 259  O O   . PHE A 1 76  ? 0.219   -35.413 15.759  1.00 112.08 ? 54  PHE A O   1 
ATOM 260  C CB  . PHE A 1 76  ? -0.413  -32.998 13.511  1.00 112.08 ? 54  PHE A CB  1 
ATOM 261  C CG  . PHE A 1 76  ? 0.332   -34.057 12.739  1.00 112.08 ? 54  PHE A CG  1 
ATOM 262  C CD1 . PHE A 1 76  ? -0.321  -35.192 12.284  1.00 112.08 ? 54  PHE A CD1 1 
ATOM 263  C CD2 . PHE A 1 76  ? 1.687   -33.927 12.479  1.00 112.08 ? 54  PHE A CD2 1 
ATOM 264  C CE1 . PHE A 1 76  ? 0.365   -36.172 11.586  1.00 112.08 ? 54  PHE A CE1 1 
ATOM 265  C CE2 . PHE A 1 76  ? 2.373   -34.908 11.781  1.00 112.08 ? 54  PHE A CE2 1 
ATOM 266  C CZ  . PHE A 1 76  ? 1.710   -36.027 11.336  1.00 112.08 ? 54  PHE A CZ  1 
ATOM 267  N N   . LYS A 1 77  ? 1.327   -33.443 16.122  1.00 117.67 ? 55  LYS A N   1 
ATOM 268  C CA  . LYS A 1 77  ? 2.381   -34.100 16.892  1.00 117.67 ? 55  LYS A CA  1 
ATOM 269  C C   . LYS A 1 77  ? 1.824   -34.736 18.158  1.00 117.67 ? 55  LYS A C   1 
ATOM 270  O O   . LYS A 1 77  ? 2.185   -35.869 18.512  1.00 117.67 ? 55  LYS A O   1 
ATOM 271  C CB  . LYS A 1 77  ? 3.476   -33.096 17.241  1.00 117.67 ? 55  LYS A CB  1 
ATOM 272  C CG  . LYS A 1 77  ? 4.205   -32.537 16.042  1.00 117.67 ? 55  LYS A CG  1 
ATOM 273  C CD  . LYS A 1 77  ? 5.026   -33.608 15.358  1.00 117.67 ? 55  LYS A CD  1 
ATOM 274  C CE  . LYS A 1 77  ? 5.830   -33.018 14.217  1.00 117.67 ? 55  LYS A CE  1 
ATOM 275  N NZ  . LYS A 1 77  ? 6.588   -31.814 14.656  1.00 117.67 ? 55  LYS A NZ  1 
ATOM 276  N N   . SER A 1 78  ? 0.949   -34.013 18.861  1.00 121.60 ? 56  SER A N   1 
ATOM 277  C CA  . SER A 1 78  ? 0.384   -34.549 20.096  1.00 121.60 ? 56  SER A CA  1 
ATOM 278  C C   . SER A 1 78  ? -0.370  -35.848 19.841  1.00 121.60 ? 56  SER A C   1 
ATOM 279  O O   . SER A 1 78  ? -0.221  -36.824 20.593  1.00 121.60 ? 56  SER A O   1 
ATOM 280  C CB  . SER A 1 78  ? -0.535  -33.515 20.740  1.00 121.60 ? 56  SER A CB  1 
ATOM 281  O OG  . SER A 1 78  ? -1.213  -34.069 21.851  1.00 121.60 ? 56  SER A OG  1 
ATOM 282  N N   . THR A 1 79  ? -1.192  -35.878 18.792  1.00 123.98 ? 57  THR A N   1 
ATOM 283  C CA  . THR A 1 79  ? -1.941  -37.094 18.492  1.00 123.98 ? 57  THR A CA  1 
ATOM 284  C C   . THR A 1 79  ? -1.006  -38.251 18.175  1.00 123.98 ? 57  THR A C   1 
ATOM 285  O O   . THR A 1 79  ? -1.251  -39.394 18.589  1.00 123.98 ? 57  THR A O   1 
ATOM 286  C CB  . THR A 1 79  ? -2.900  -36.846 17.332  1.00 123.98 ? 57  THR A CB  1 
ATOM 287  O OG1 . THR A 1 79  ? -3.839  -35.832 17.705  1.00 123.98 ? 57  THR A OG1 1 
ATOM 288  C CG2 . THR A 1 79  ? -3.657  -38.111 17.002  1.00 123.98 ? 57  THR A CG2 1 
ATOM 289  N N   . GLU A 1 80  ? 0.072   -37.980 17.438  1.00 131.54 ? 58  GLU A N   1 
ATOM 290  C CA  . GLU A 1 80  ? 1.036   -39.041 17.166  1.00 131.54 ? 58  GLU A CA  1 
ATOM 291  C C   . GLU A 1 80  ? 1.611   -39.606 18.458  1.00 131.54 ? 58  GLU A C   1 
ATOM 292  O O   . GLU A 1 80  ? 1.731   -40.832 18.620  1.00 131.54 ? 58  GLU A O   1 
ATOM 293  C CB  . GLU A 1 80  ? 2.152   -38.522 16.267  1.00 131.54 ? 58  GLU A CB  1 
ATOM 294  C CG  . GLU A 1 80  ? 3.065   -39.609 15.752  1.00 131.54 ? 58  GLU A CG  1 
ATOM 295  C CD  . GLU A 1 80  ? 3.879   -39.157 14.563  1.00 131.54 ? 58  GLU A CD  1 
ATOM 296  O OE1 . GLU A 1 80  ? 4.044   -37.933 14.385  1.00 131.54 ? 58  GLU A OE1 1 
ATOM 297  O OE2 . GLU A 1 80  ? 4.352   -40.026 13.801  1.00 131.54 ? 58  GLU A OE2 1 
ATOM 298  N N   . ARG A 1 81  ? 1.973   -38.724 19.389  1.00 133.62 ? 59  ARG A N   1 
ATOM 299  C CA  . ARG A 1 81  ? 2.504   -39.179 20.671  1.00 133.62 ? 59  ARG A CA  1 
ATOM 300  C C   . ARG A 1 81  ? 1.503   -40.072 21.393  1.00 133.62 ? 59  ARG A C   1 
ATOM 301  O O   . ARG A 1 81  ? 1.868   -41.115 21.957  1.00 133.62 ? 59  ARG A O   1 
ATOM 302  C CB  . ARG A 1 81  ? 2.870   -37.973 21.530  1.00 133.62 ? 59  ARG A CB  1 
ATOM 303  C CG  . ARG A 1 81  ? 2.817   -38.232 23.020  1.00 133.62 ? 59  ARG A CG  1 
ATOM 304  C CD  . ARG A 1 81  ? 3.498   -37.113 23.783  1.00 133.62 ? 59  ARG A CD  1 
ATOM 305  N NE  . ARG A 1 81  ? 4.835   -36.853 23.263  1.00 133.62 ? 59  ARG A NE  1 
ATOM 306  C CZ  . ARG A 1 81  ? 5.185   -35.742 22.627  1.00 133.62 ? 59  ARG A CZ  1 
ATOM 307  N NH1 . ARG A 1 81  ? 4.295   -34.781 22.438  1.00 133.62 ? 59  ARG A NH1 1 
ATOM 308  N NH2 . ARG A 1 81  ? 6.425   -35.590 22.183  1.00 133.62 ? 59  ARG A NH2 1 
ATOM 309  N N   . GLN A 1 82  ? 0.230   -39.670 21.395  1.00 134.94 ? 60  GLN A N   1 
ATOM 310  C CA  . GLN A 1 82  ? -0.798  -40.472 22.052  1.00 134.94 ? 60  GLN A CA  1 
ATOM 311  C C   . GLN A 1 82  ? -0.888  -41.863 21.439  1.00 134.94 ? 60  GLN A C   1 
ATOM 312  O O   . GLN A 1 82  ? -0.998  -42.869 22.156  1.00 134.94 ? 60  GLN A O   1 
ATOM 313  C CB  . GLN A 1 82  ? -2.148  -39.768 21.963  1.00 134.94 ? 60  GLN A CB  1 
ATOM 314  C CG  . GLN A 1 82  ? -2.418  -38.810 23.093  1.00 134.94 ? 60  GLN A CG  1 
ATOM 315  C CD  . GLN A 1 82  ? -3.883  -38.461 23.197  1.00 134.94 ? 60  GLN A CD  1 
ATOM 316  O OE1 . GLN A 1 82  ? -4.731  -39.125 22.606  1.00 134.94 ? 60  GLN A OE1 1 
ATOM 317  N NE2 . GLN A 1 82  ? -4.190  -37.412 23.950  1.00 134.94 ? 60  GLN A NE2 1 
ATOM 318  N N   . ARG A 1 83  ? -0.871  -41.936 20.107  1.00 137.66 ? 61  ARG A N   1 
ATOM 319  C CA  . ARG A 1 83  ? -0.910  -43.238 19.448  1.00 137.66 ? 61  ARG A CA  1 
ATOM 320  C C   . ARG A 1 83  ? 0.256   -44.107 19.894  1.00 137.66 ? 61  ARG A C   1 
ATOM 321  O O   . ARG A 1 83  ? 0.087   -45.308 20.160  1.00 137.66 ? 61  ARG A O   1 
ATOM 322  C CB  . ARG A 1 83  ? -0.892  -43.063 17.933  1.00 137.66 ? 61  ARG A CB  1 
ATOM 323  C CG  . ARG A 1 83  ? -1.166  -44.340 17.153  1.00 137.66 ? 61  ARG A CG  1 
ATOM 324  C CD  . ARG A 1 83  ? 0.110   -45.082 16.806  1.00 137.66 ? 61  ARG A CD  1 
ATOM 325  N NE  . ARG A 1 83  ? 1.091   -44.209 16.178  1.00 137.66 ? 61  ARG A NE  1 
ATOM 326  C CZ  . ARG A 1 83  ? 1.148   -43.980 14.873  1.00 137.66 ? 61  ARG A CZ  1 
ATOM 327  N NH1 . ARG A 1 83  ? 0.278   -44.561 14.059  1.00 137.66 ? 61  ARG A NH1 1 
ATOM 328  N NH2 . ARG A 1 83  ? 2.074   -43.170 14.380  1.00 137.66 ? 61  ARG A NH2 1 
ATOM 329  N N   . ASP A 1 84  ? 1.455   -43.524 19.953  1.00 141.91 ? 62  ASP A N   1 
ATOM 330  C CA  . ASP A 1 84  ? 2.617   -44.298 20.377  1.00 141.91 ? 62  ASP A CA  1 
ATOM 331  C C   . ASP A 1 84  ? 2.433   -44.840 21.788  1.00 141.91 ? 62  ASP A C   1 
ATOM 332  O O   . ASP A 1 84  ? 2.734   -46.012 22.059  1.00 141.91 ? 62  ASP A O   1 
ATOM 333  C CB  . ASP A 1 84  ? 3.874   -43.440 20.291  1.00 141.91 ? 62  ASP A CB  1 
ATOM 334  C CG  . ASP A 1 84  ? 3.988   -42.717 18.971  1.00 141.91 ? 62  ASP A CG  1 
ATOM 335  O OD1 . ASP A 1 84  ? 3.539   -43.277 17.950  1.00 141.91 ? 62  ASP A OD1 1 
ATOM 336  O OD2 . ASP A 1 84  ? 4.514   -41.585 18.953  1.00 141.91 ? 62  ASP A OD2 1 
ATOM 337  N N   . ALA A 1 85  ? 1.936   -44.006 22.701  1.00 137.15 ? 63  ALA A N   1 
ATOM 338  C CA  . ALA A 1 85  ? 1.718   -44.470 24.068  1.00 137.15 ? 63  ALA A CA  1 
ATOM 339  C C   . ALA A 1 85  ? 0.727   -45.628 24.108  1.00 137.15 ? 63  ALA A C   1 
ATOM 340  O O   . ALA A 1 85  ? 0.933   -46.616 24.830  1.00 137.15 ? 63  ALA A O   1 
ATOM 341  C CB  . ALA A 1 85  ? 1.228   -43.319 24.944  1.00 137.15 ? 63  ALA A CB  1 
ATOM 342  N N   . GLN A 1 86  ? -0.355  -45.521 23.339  1.00 132.23 ? 64  GLN A N   1 
ATOM 343  C CA  . GLN A 1 86  ? -1.361  -46.578 23.338  1.00 132.23 ? 64  GLN A CA  1 
ATOM 344  C C   . GLN A 1 86  ? -0.775  -47.895 22.849  1.00 132.23 ? 64  GLN A C   1 
ATOM 345  O O   . GLN A 1 86  ? -0.979  -48.950 23.468  1.00 132.23 ? 64  GLN A O   1 
ATOM 346  C CB  . GLN A 1 86  ? -2.551  -46.168 22.476  1.00 132.23 ? 64  GLN A CB  1 
ATOM 347  C CG  . GLN A 1 86  ? -3.508  -45.233 23.173  1.00 132.23 ? 64  GLN A CG  1 
ATOM 348  C CD  . GLN A 1 86  ? -4.357  -45.941 24.198  1.00 132.23 ? 64  GLN A CD  1 
ATOM 349  O OE1 . GLN A 1 86  ? -4.355  -47.167 24.279  1.00 132.23 ? 64  GLN A OE1 1 
ATOM 350  N NE2 . GLN A 1 86  ? -5.092  -45.173 24.989  1.00 132.23 ? 64  GLN A NE2 1 
ATOM 351  N N   . GLN A 1 87  ? -0.048  -47.860 21.731  1.00 140.55 ? 65  GLN A N   1 
ATOM 352  C CA  . GLN A 1 87  ? 0.514   -49.110 21.231  1.00 140.55 ? 65  GLN A CA  1 
ATOM 353  C C   . GLN A 1 87  ? 1.559   -49.667 22.185  1.00 140.55 ? 65  GLN A C   1 
ATOM 354  O O   . GLN A 1 87  ? 1.717   -50.890 22.282  1.00 140.55 ? 65  GLN A O   1 
ATOM 355  C CB  . GLN A 1 87  ? 1.106   -48.923 19.835  1.00 140.55 ? 65  GLN A CB  1 
ATOM 356  C CG  . GLN A 1 87  ? 2.322   -48.035 19.779  1.00 140.55 ? 65  GLN A CG  1 
ATOM 357  C CD  . GLN A 1 87  ? 2.843   -47.864 18.370  1.00 140.55 ? 65  GLN A CD  1 
ATOM 358  O OE1 . GLN A 1 87  ? 2.332   -48.472 17.430  1.00 140.55 ? 65  GLN A OE1 1 
ATOM 359  N NE2 . GLN A 1 87  ? 3.861   -47.027 18.214  1.00 140.55 ? 65  GLN A NE2 1 
ATOM 360  N N   . LEU A 1 88  ? 2.253   -48.801 22.926  1.00 138.46 ? 66  LEU A N   1 
ATOM 361  C CA  . LEU A 1 88  ? 3.189   -49.292 23.930  1.00 138.46 ? 66  LEU A CA  1 
ATOM 362  C C   . LEU A 1 88  ? 2.461   -50.056 25.031  1.00 138.46 ? 66  LEU A C   1 
ATOM 363  O O   . LEU A 1 88  ? 2.903   -51.129 25.462  1.00 138.46 ? 66  LEU A O   1 
ATOM 364  C CB  . LEU A 1 88  ? 3.980   -48.130 24.520  1.00 138.46 ? 66  LEU A CB  1 
ATOM 365  C CG  . LEU A 1 88  ? 4.902   -48.530 25.667  1.00 138.46 ? 66  LEU A CG  1 
ATOM 366  C CD1 . LEU A 1 88  ? 5.898   -49.570 25.190  1.00 138.46 ? 66  LEU A CD1 1 
ATOM 367  C CD2 . LEU A 1 88  ? 5.613   -47.314 26.224  1.00 138.46 ? 66  LEU A CD2 1 
ATOM 368  N N   . ILE A 1 89  ? 1.343   -49.506 25.508  1.00 138.64 ? 67  ILE A N   1 
ATOM 369  C CA  . ILE A 1 89  ? 0.568   -50.202 26.532  1.00 138.64 ? 67  ILE A CA  1 
ATOM 370  C C   . ILE A 1 89  ? 0.079   -51.548 26.009  1.00 138.64 ? 67  ILE A C   1 
ATOM 371  O O   . ILE A 1 89  ? 0.103   -52.563 26.724  1.00 138.64 ? 67  ILE A O   1 
ATOM 372  C CB  . ILE A 1 89  ? -0.602  -49.326 27.009  1.00 138.64 ? 67  ILE A CB  1 
ATOM 373  C CG1 . ILE A 1 89  ? -0.091  -48.218 27.925  1.00 138.64 ? 67  ILE A CG1 1 
ATOM 374  C CG2 . ILE A 1 89  ? -1.639  -50.162 27.724  1.00 138.64 ? 67  ILE A CG2 1 
ATOM 375  C CD1 . ILE A 1 89  ? -1.165  -47.256 28.361  1.00 138.64 ? 67  ILE A CD1 1 
ATOM 376  N N   . ALA A 1 90  ? -0.383  -51.576 24.758  1.00 144.47 ? 68  ALA A N   1 
ATOM 377  C CA  . ALA A 1 90  ? -0.814  -52.840 24.172  1.00 144.47 ? 68  ALA A CA  1 
ATOM 378  C C   . ALA A 1 90  ? 0.323   -53.852 24.151  1.00 144.47 ? 68  ALA A C   1 
ATOM 379  O O   . ALA A 1 90  ? 0.128   -55.030 24.477  1.00 144.47 ? 68  ALA A O   1 
ATOM 380  C CB  . ALA A 1 90  ? -1.350  -52.609 22.761  1.00 144.47 ? 68  ALA A CB  1 
ATOM 381  N N   . GLN A 1 91  ? 1.523   -53.409 23.772  1.00 152.74 ? 69  GLN A N   1 
ATOM 382  C CA  . GLN A 1 91  ? 2.669   -54.310 23.760  1.00 152.74 ? 69  GLN A CA  1 
ATOM 383  C C   . GLN A 1 91  ? 2.968   -54.841 25.155  1.00 152.74 ? 69  GLN A C   1 
ATOM 384  O O   . GLN A 1 91  ? 3.318   -56.017 25.322  1.00 152.74 ? 69  GLN A O   1 
ATOM 385  C CB  . GLN A 1 91  ? 3.888   -53.593 23.186  1.00 152.74 ? 69  GLN A CB  1 
ATOM 386  C CG  . GLN A 1 91  ? 5.151   -54.423 23.211  1.00 152.74 ? 69  GLN A CG  1 
ATOM 387  C CD  . GLN A 1 91  ? 4.938   -55.808 22.643  1.00 152.74 ? 69  GLN A CD  1 
ATOM 388  O OE1 . GLN A 1 91  ? 4.431   -55.965 21.534  1.00 152.74 ? 69  GLN A OE1 1 
ATOM 389  N NE2 . GLN A 1 91  ? 5.318   -56.823 23.406  1.00 152.74 ? 69  GLN A NE2 1 
ATOM 390  N N   . ARG A 1 92  ? 2.838   -53.988 26.171  1.00 153.01 ? 70  ARG A N   1 
ATOM 391  C CA  . ARG A 1 92  ? 3.100   -54.440 27.534  1.00 153.01 ? 70  ARG A CA  1 
ATOM 392  C C   . ARG A 1 92  ? 2.103   -55.509 27.963  1.00 153.01 ? 70  ARG A C   1 
ATOM 393  O O   . ARG A 1 92  ? 2.476   -56.508 28.593  1.00 153.01 ? 70  ARG A O   1 
ATOM 394  C CB  . ARG A 1 92  ? 3.058   -53.257 28.496  1.00 153.01 ? 70  ARG A CB  1 
ATOM 395  C CG  . ARG A 1 92  ? 3.622   -53.568 29.862  1.00 153.01 ? 70  ARG A CG  1 
ATOM 396  C CD  . ARG A 1 92  ? 3.190   -52.527 30.865  1.00 153.01 ? 70  ARG A CD  1 
ATOM 397  N NE  . ARG A 1 92  ? 1.742   -52.534 31.043  1.00 153.01 ? 70  ARG A NE  1 
ATOM 398  C CZ  . ARG A 1 92  ? 1.068   -51.590 31.689  1.00 153.01 ? 70  ARG A CZ  1 
ATOM 399  N NH1 . ARG A 1 92  ? 1.710   -50.558 32.217  1.00 153.01 ? 70  ARG A NH1 1 
ATOM 400  N NH2 . ARG A 1 92  ? -0.250  -51.675 31.805  1.00 153.01 ? 70  ARG A NH2 1 
ATOM 401  N N   . TRP A 1 93  ? 0.825   -55.311 27.639  1.00 148.52 ? 71  TRP A N   1 
ATOM 402  C CA  . TRP A 1 93  ? -0.156  -56.345 27.951  1.00 148.52 ? 71  TRP A CA  1 
ATOM 403  C C   . TRP A 1 93  ? 0.141   -57.632 27.198  1.00 148.52 ? 71  TRP A C   1 
ATOM 404  O O   . TRP A 1 93  ? -0.076  -58.728 27.727  1.00 148.52 ? 71  TRP A O   1 
ATOM 405  C CB  . TRP A 1 93  ? -1.566  -55.860 27.638  1.00 148.52 ? 71  TRP A CB  1 
ATOM 406  C CG  . TRP A 1 93  ? -2.287  -55.393 28.845  1.00 148.52 ? 71  TRP A CG  1 
ATOM 407  C CD1 . TRP A 1 93  ? -2.519  -54.104 29.210  1.00 148.52 ? 71  TRP A CD1 1 
ATOM 408  C CD2 . TRP A 1 93  ? -2.860  -56.210 29.868  1.00 148.52 ? 71  TRP A CD2 1 
ATOM 409  N NE1 . TRP A 1 93  ? -3.211  -54.064 30.394  1.00 148.52 ? 71  TRP A NE1 1 
ATOM 410  C CE2 . TRP A 1 93  ? -3.433  -55.346 30.818  1.00 148.52 ? 71  TRP A CE2 1 
ATOM 411  C CE3 . TRP A 1 93  ? -2.947  -57.587 30.068  1.00 148.52 ? 71  TRP A CE3 1 
ATOM 412  C CZ2 . TRP A 1 93  ? -4.083  -55.813 31.952  1.00 148.52 ? 71  TRP A CZ2 1 
ATOM 413  C CZ3 . TRP A 1 93  ? -3.595  -58.050 31.194  1.00 148.52 ? 71  TRP A CZ3 1 
ATOM 414  C CH2 . TRP A 1 93  ? -4.154  -57.167 32.123  1.00 148.52 ? 71  TRP A CH2 1 
ATOM 415  N N   . TYR A 1 94  ? 0.642   -57.521 25.967  1.00 154.65 ? 72  TYR A N   1 
ATOM 416  C CA  . TYR A 1 94  ? 1.051   -58.715 25.238  1.00 154.65 ? 72  TYR A CA  1 
ATOM 417  C C   . TYR A 1 94  ? 2.177   -59.441 25.962  1.00 154.65 ? 72  TYR A C   1 
ATOM 418  O O   . TYR A 1 94  ? 2.198   -60.675 26.018  1.00 154.65 ? 72  TYR A O   1 
ATOM 419  C CB  . TYR A 1 94  ? 1.485   -58.346 23.823  1.00 154.65 ? 72  TYR A CB  1 
ATOM 420  C CG  . TYR A 1 94  ? 2.020   -59.516 23.037  1.00 154.65 ? 72  TYR A CG  1 
ATOM 421  C CD1 . TYR A 1 94  ? 1.163   -60.377 22.372  1.00 154.65 ? 72  TYR A CD1 1 
ATOM 422  C CD2 . TYR A 1 94  ? 3.382   -59.759 22.959  1.00 154.65 ? 72  TYR A CD2 1 
ATOM 423  C CE1 . TYR A 1 94  ? 1.645   -61.446 21.653  1.00 154.65 ? 72  TYR A CE1 1 
ATOM 424  C CE2 . TYR A 1 94  ? 3.874   -60.828 22.244  1.00 154.65 ? 72  TYR A CE2 1 
ATOM 425  C CZ  . TYR A 1 94  ? 3.001   -61.667 21.591  1.00 154.65 ? 72  TYR A CZ  1 
ATOM 426  O OH  . TYR A 1 94  ? 3.487   -62.734 20.875  1.00 154.65 ? 72  TYR A OH  1 
ATOM 427  N N   . GLU A 1 95  ? 3.136   -58.687 26.500  1.00 159.70 ? 73  GLU A N   1 
ATOM 428  C CA  . GLU A 1 95  ? 4.219   -59.303 27.264  1.00 159.70 ? 73  GLU A CA  1 
ATOM 429  C C   . GLU A 1 95  ? 3.674   -60.039 28.480  1.00 159.70 ? 73  GLU A C   1 
ATOM 430  O O   . GLU A 1 95  ? 4.104   -61.156 28.796  1.00 159.70 ? 73  GLU A O   1 
ATOM 431  C CB  . GLU A 1 95  ? 5.228   -58.244 27.701  1.00 159.70 ? 73  GLU A CB  1 
ATOM 432  C CG  . GLU A 1 95  ? 5.828   -57.447 26.568  1.00 159.70 ? 73  GLU A CG  1 
ATOM 433  C CD  . GLU A 1 95  ? 6.181   -56.036 26.984  1.00 159.70 ? 73  GLU A CD  1 
ATOM 434  O OE1 . GLU A 1 95  ? 6.679   -55.859 28.116  1.00 159.70 ? 73  GLU A OE1 1 
ATOM 435  O OE2 . GLU A 1 95  ? 5.957   -55.105 26.185  1.00 159.70 ? 73  GLU A OE2 1 
ATOM 436  N N   . LYS A 1 96  ? 2.737   -59.408 29.188  1.00 160.40 ? 74  LYS A N   1 
ATOM 437  C CA  . LYS A 1 96  ? 2.122   -60.068 30.334  1.00 160.40 ? 74  LYS A CA  1 
ATOM 438  C C   . LYS A 1 96  ? 1.428   -61.357 29.917  1.00 160.40 ? 74  LYS A C   1 
ATOM 439  O O   . LYS A 1 96  ? 1.519   -62.374 30.614  1.00 160.40 ? 74  LYS A O   1 
ATOM 440  C CB  . LYS A 1 96  ? 1.133   -59.129 31.021  1.00 160.40 ? 74  LYS A CB  1 
ATOM 441  C CG  . LYS A 1 96  ? 1.782   -58.134 31.960  1.00 160.40 ? 74  LYS A CG  1 
ATOM 442  C CD  . LYS A 1 96  ? 0.739   -57.390 32.770  1.00 160.40 ? 74  LYS A CD  1 
ATOM 443  C CE  . LYS A 1 96  ? 1.380   -56.331 33.648  1.00 160.40 ? 74  LYS A CE  1 
ATOM 444  N NZ  . LYS A 1 96  ? 0.362   -55.543 34.394  1.00 160.40 ? 74  LYS A NZ  1 
ATOM 445  N N   . ALA A 1 97  ? 0.734   -61.334 28.779  1.00 163.75 ? 75  ALA A N   1 
ATOM 446  C CA  . ALA A 1 97  ? 0.073   -62.543 28.296  1.00 163.75 ? 75  ALA A CA  1 
ATOM 447  C C   . ALA A 1 97  ? 1.083   -63.638 27.987  1.00 163.75 ? 75  ALA A C   1 
ATOM 448  O O   . ALA A 1 97  ? 0.868   -64.809 28.324  1.00 163.75 ? 75  ALA A O   1 
ATOM 449  C CB  . ALA A 1 97  ? -0.758  -62.227 27.055  1.00 163.75 ? 75  ALA A CB  1 
ATOM 450  N N   . GLN A 1 98  ? 2.186   -63.275 27.331  1.00 168.92 ? 76  GLN A N   1 
ATOM 451  C CA  . GLN A 1 98  ? 3.225   -64.251 27.025  1.00 168.92 ? 76  GLN A CA  1 
ATOM 452  C C   . GLN A 1 98  ? 3.771   -64.875 28.301  1.00 168.92 ? 76  GLN A C   1 
ATOM 453  O O   . GLN A 1 98  ? 3.956   -66.096 28.383  1.00 168.92 ? 76  GLN A O   1 
ATOM 454  C CB  . GLN A 1 98  ? 4.347   -63.590 26.229  1.00 168.92 ? 76  GLN A CB  1 
ATOM 455  C CG  . GLN A 1 98  ? 5.590   -64.449 26.082  1.00 168.92 ? 76  GLN A CG  1 
ATOM 456  C CD  . GLN A 1 98  ? 5.323   -65.740 25.336  1.00 168.92 ? 76  GLN A CD  1 
ATOM 457  O OE1 . GLN A 1 98  ? 5.041   -66.773 25.940  1.00 168.92 ? 76  GLN A OE1 1 
ATOM 458  N NE2 . GLN A 1 98  ? 5.413   -65.687 24.013  1.00 168.92 ? 76  GLN A NE2 1 
ATOM 459  N N   . ALA A 1 99  ? 4.029   -64.049 29.313  1.00 168.32 ? 77  ALA A N   1 
ATOM 460  C CA  . ALA A 1 99  ? 4.519   -64.576 30.583  1.00 168.32 ? 77  ALA A CA  1 
ATOM 461  C C   . ALA A 1 99  ? 3.485   -65.483 31.237  1.00 168.32 ? 77  ALA A C   1 
ATOM 462  O O   . ALA A 1 99  ? 3.835   -66.491 31.860  1.00 168.32 ? 77  ALA A O   1 
ATOM 463  C CB  . ALA A 1 99  ? 4.898   -63.429 31.516  1.00 168.32 ? 77  ALA A CB  1 
ATOM 464  N N   . ALA A 1 100 ? 2.201   -65.142 31.103  1.00 172.01 ? 78  ALA A N   1 
ATOM 465  C CA  . ALA A 1 100 ? 1.157   -65.935 31.741  1.00 172.01 ? 78  ALA A CA  1 
ATOM 466  C C   . ALA A 1 100 ? 0.993   -67.287 31.062  1.00 172.01 ? 78  ALA A C   1 
ATOM 467  O O   . ALA A 1 100 ? 0.654   -68.278 31.719  1.00 172.01 ? 78  ALA A O   1 
ATOM 468  C CB  . ALA A 1 100 ? -0.165  -65.170 31.732  1.00 172.01 ? 78  ALA A CB  1 
ATOM 469  N N   . LEU A 1 101 ? 1.204   -67.347 29.745  1.00 177.47 ? 79  LEU A N   1 
ATOM 470  C CA  . LEU A 1 101 ? 1.163   -68.635 29.063  1.00 177.47 ? 79  LEU A CA  1 
ATOM 471  C C   . LEU A 1 101 ? 2.231   -69.569 29.612  1.00 177.47 ? 79  LEU A C   1 
ATOM 472  O O   . LEU A 1 101 ? 1.992   -70.770 29.781  1.00 177.47 ? 79  LEU A O   1 
ATOM 473  C CB  . LEU A 1 101 ? 1.338   -68.455 27.558  1.00 177.47 ? 79  LEU A CB  1 
ATOM 474  C CG  . LEU A 1 101 ? 1.299   -69.759 26.758  1.00 177.47 ? 79  LEU A CG  1 
ATOM 475  C CD1 . LEU A 1 101 ? 0.386   -69.619 25.553  1.00 177.47 ? 79  LEU A CD1 1 
ATOM 476  C CD2 . LEU A 1 101 ? 2.697   -70.178 26.327  1.00 177.47 ? 79  LEU A CD2 1 
ATOM 477  N N   . ASP A 1 102 ? 3.418   -69.035 29.882  1.00 176.94 ? 80  ASP A N   1 
ATOM 478  C CA  . ASP A 1 102 ? 4.425   -69.791 30.608  1.00 176.94 ? 80  ASP A CA  1 
ATOM 479  C C   . ASP A 1 102 ? 3.855   -70.228 31.949  1.00 176.94 ? 80  ASP A C   1 
ATOM 480  O O   . ASP A 1 102 ? 3.024   -69.533 32.540  1.00 176.94 ? 80  ASP A O   1 
ATOM 481  C CB  . ASP A 1 102 ? 5.680   -68.946 30.806  1.00 176.94 ? 80  ASP A CB  1 
ATOM 482  C CG  . ASP A 1 102 ? 6.212   -68.390 29.504  1.00 176.94 ? 80  ASP A CG  1 
ATOM 483  O OD1 . ASP A 1 102 ? 6.032   -69.050 28.460  1.00 176.94 ? 80  ASP A OD1 1 
ATOM 484  O OD2 . ASP A 1 102 ? 6.803   -67.291 29.522  1.00 176.94 ? 80  ASP A OD2 1 
ATOM 485  N N   . ARG A 1 103 ? 4.294   -71.396 32.415  1.00 178.01 ? 81  ARG A N   1 
ATOM 486  C CA  . ARG A 1 103 ? 3.756   -72.114 33.572  1.00 178.01 ? 81  ARG A CA  1 
ATOM 487  C C   . ARG A 1 103 ? 2.411   -72.735 33.226  1.00 178.01 ? 81  ARG A C   1 
ATOM 488  O O   . ARG A 1 103 ? 1.710   -73.218 34.125  1.00 178.01 ? 81  ARG A O   1 
ATOM 489  C CB  . ARG A 1 103 ? 3.604   -71.244 34.827  1.00 178.01 ? 81  ARG A CB  1 
ATOM 490  C CG  . ARG A 1 103 ? 4.893   -71.007 35.596  1.00 178.01 ? 81  ARG A CG  1 
ATOM 491  C CD  . ARG A 1 103 ? 5.842   -70.101 34.833  1.00 178.01 ? 81  ARG A CD  1 
ATOM 492  N NE  . ARG A 1 103 ? 7.105   -69.919 35.538  1.00 178.01 ? 81  ARG A NE  1 
ATOM 493  C CZ  . ARG A 1 103 ? 8.237   -69.548 34.950  1.00 178.01 ? 81  ARG A CZ  1 
ATOM 494  N NH1 . ARG A 1 103 ? 8.266   -69.323 33.644  1.00 178.01 ? 81  ARG A NH1 1 
ATOM 495  N NH2 . ARG A 1 103 ? 9.343   -69.404 35.668  1.00 178.01 ? 81  ARG A NH2 1 
ATOM 496  N N   . GLY A 1 104 ? 2.027   -72.731 31.952  1.00 177.01 ? 82  GLY A N   1 
ATOM 497  C CA  . GLY A 1 104 ? 0.821   -73.414 31.521  1.00 177.01 ? 82  GLY A CA  1 
ATOM 498  C C   . GLY A 1 104 ? -0.465  -72.848 32.077  1.00 177.01 ? 82  GLY A C   1 
ATOM 499  O O   . GLY A 1 104 ? -1.486  -73.544 32.086  1.00 177.01 ? 82  GLY A O   1 
ATOM 500  N N   . ASN A 1 105 ? -0.452  -71.602 32.541  1.00 175.54 ? 83  ASN A N   1 
ATOM 501  C CA  . ASN A 1 105 ? -1.669  -70.959 33.037  1.00 175.54 ? 83  ASN A CA  1 
ATOM 502  C C   . ASN A 1 105 ? -2.370  -70.258 31.873  1.00 175.54 ? 83  ASN A C   1 
ATOM 503  O O   . ASN A 1 105 ? -2.306  -69.041 31.695  1.00 175.54 ? 83  ASN A O   1 
ATOM 504  C CB  . ASN A 1 105 ? -1.343  -69.999 34.171  1.00 175.54 ? 83  ASN A CB  1 
ATOM 505  C CG  . ASN A 1 105 ? -2.574  -69.575 34.939  1.00 175.54 ? 83  ASN A CG  1 
ATOM 506  O OD1 . ASN A 1 105 ? -3.692  -69.973 34.612  1.00 175.54 ? 83  ASN A OD1 1 
ATOM 507  N ND2 . ASN A 1 105 ? -2.377  -68.769 35.973  1.00 175.54 ? 83  ASN A ND2 1 
ATOM 508  N N   . GLU A 1 106 ? -3.056  -71.075 31.071  1.00 176.90 ? 84  GLU A N   1 
ATOM 509  C CA  . GLU A 1 106 ? -3.636  -70.583 29.826  1.00 176.90 ? 84  GLU A CA  1 
ATOM 510  C C   . GLU A 1 106 ? -4.761  -69.587 30.071  1.00 176.90 ? 84  GLU A C   1 
ATOM 511  O O   . GLU A 1 106 ? -5.036  -68.745 29.210  1.00 176.90 ? 84  GLU A O   1 
ATOM 512  C CB  . GLU A 1 106 ? -4.144  -71.758 28.991  1.00 176.90 ? 84  GLU A CB  1 
ATOM 513  C CG  . GLU A 1 106 ? -5.183  -72.619 29.694  1.00 176.90 ? 84  GLU A CG  1 
ATOM 514  C CD  . GLU A 1 106 ? -6.580  -72.043 29.600  1.00 176.90 ? 84  GLU A CD  1 
ATOM 515  O OE1 . GLU A 1 106 ? -6.895  -71.411 28.571  1.00 176.90 ? 84  GLU A OE1 1 
ATOM 516  O OE2 . GLU A 1 106 ? -7.360  -72.209 30.562  1.00 176.90 ? 84  GLU A OE2 1 
ATOM 517  N N   . GLN A 1 107 ? -5.430  -69.674 31.220  1.00 174.38 ? 85  GLN A N   1 
ATOM 518  C CA  . GLN A 1 107 ? -6.596  -68.830 31.457  1.00 174.38 ? 85  GLN A CA  1 
ATOM 519  C C   . GLN A 1 107 ? -6.210  -67.356 31.495  1.00 174.38 ? 85  GLN A C   1 
ATOM 520  O O   . GLN A 1 107 ? -6.827  -66.519 30.820  1.00 174.38 ? 85  GLN A O   1 
ATOM 521  C CB  . GLN A 1 107 ? -7.281  -69.245 32.757  1.00 174.38 ? 85  GLN A CB  1 
ATOM 522  C CG  . GLN A 1 107 ? -8.746  -68.879 32.808  1.00 174.38 ? 85  GLN A CG  1 
ATOM 523  C CD  . GLN A 1 107 ? -9.461  -69.213 31.517  1.00 174.38 ? 85  GLN A CD  1 
ATOM 524  O OE1 . GLN A 1 107 ? -9.997  -68.333 30.848  1.00 174.38 ? 85  GLN A OE1 1 
ATOM 525  N NE2 . GLN A 1 107 ? -9.468  -70.491 31.159  1.00 174.38 ? 85  GLN A NE2 1 
ATOM 526  N N   . LEU A 1 108 ? -5.197  -67.021 32.295  1.00 172.69 ? 86  LEU A N   1 
ATOM 527  C CA  . LEU A 1 108 ? -4.746  -65.638 32.374  1.00 172.69 ? 86  LEU A CA  1 
ATOM 528  C C   . LEU A 1 108 ? -4.241  -65.149 31.024  1.00 172.69 ? 86  LEU A C   1 
ATOM 529  O O   . LEU A 1 108 ? -4.446  -63.986 30.659  1.00 172.69 ? 86  LEU A O   1 
ATOM 530  C CB  . LEU A 1 108 ? -3.660  -65.502 33.439  1.00 172.69 ? 86  LEU A CB  1 
ATOM 531  C CG  . LEU A 1 108 ? -4.097  -65.863 34.857  1.00 172.69 ? 86  LEU A CG  1 
ATOM 532  C CD1 . LEU A 1 108 ? -3.086  -65.357 35.870  1.00 172.69 ? 86  LEU A CD1 1 
ATOM 533  C CD2 . LEU A 1 108 ? -5.480  -65.304 35.153  1.00 172.69 ? 86  LEU A CD2 1 
ATOM 534  N N   . ALA A 1 109 ? -3.573  -66.023 30.270  1.00 172.24 ? 87  ALA A N   1 
ATOM 535  C CA  . ALA A 1 109 ? -3.166  -65.662 28.919  1.00 172.24 ? 87  ALA A CA  1 
ATOM 536  C C   . ALA A 1 109 ? -4.367  -65.305 28.058  1.00 172.24 ? 87  ALA A C   1 
ATOM 537  O O   . ALA A 1 109 ? -4.324  -64.326 27.305  1.00 172.24 ? 87  ALA A O   1 
ATOM 538  C CB  . ALA A 1 109 ? -2.374  -66.803 28.285  1.00 172.24 ? 87  ALA A CB  1 
ATOM 539  N N   . ARG A 1 110 ? -5.448  -66.078 28.166  1.00 171.07 ? 88  ARG A N   1 
ATOM 540  C CA  . ARG A 1 110 ? -6.653  -65.786 27.399  1.00 171.07 ? 88  ARG A CA  1 
ATOM 541  C C   . ARG A 1 110 ? -7.229  -64.432 27.783  1.00 171.07 ? 88  ARG A C   1 
ATOM 542  O O   . ARG A 1 110 ? -7.588  -63.625 26.918  1.00 171.07 ? 88  ARG A O   1 
ATOM 543  C CB  . ARG A 1 110 ? -7.689  -66.888 27.612  1.00 171.07 ? 88  ARG A CB  1 
ATOM 544  C CG  . ARG A 1 110 ? -7.386  -68.174 26.875  1.00 171.07 ? 88  ARG A CG  1 
ATOM 545  C CD  . ARG A 1 110 ? -8.405  -68.423 25.782  1.00 171.07 ? 88  ARG A CD  1 
ATOM 546  N NE  . ARG A 1 110 ? -8.172  -69.691 25.102  1.00 171.07 ? 88  ARG A NE  1 
ATOM 547  C CZ  . ARG A 1 110 ? -8.966  -70.187 24.160  1.00 171.07 ? 88  ARG A CZ  1 
ATOM 548  N NH1 . ARG A 1 110 ? -10.048 -69.520 23.785  1.00 171.07 ? 88  ARG A NH1 1 
ATOM 549  N NH2 . ARG A 1 110 ? -8.678  -71.349 23.593  1.00 171.07 ? 88  ARG A NH2 1 
ATOM 550  N N   . GLU A 1 111 ? -7.329  -64.168 29.088  1.00 171.21 ? 89  GLU A N   1 
ATOM 551  C CA  . GLU A 1 111 ? -7.883  -62.885 29.514  1.00 171.21 ? 89  GLU A CA  1 
ATOM 552  C C   . GLU A 1 111 ? -7.013  -61.716 29.067  1.00 171.21 ? 89  GLU A C   1 
ATOM 553  O O   . GLU A 1 111 ? -7.538  -60.680 28.643  1.00 171.21 ? 89  GLU A O   1 
ATOM 554  C CB  . GLU A 1 111 ? -8.083  -62.849 31.028  1.00 171.21 ? 89  GLU A CB  1 
ATOM 555  C CG  . GLU A 1 111 ? -9.299  -63.628 31.507  1.00 171.21 ? 89  GLU A CG  1 
ATOM 556  C CD  . GLU A 1 111 ? -8.937  -64.881 32.270  1.00 171.21 ? 89  GLU A CD  1 
ATOM 557  O OE1 . GLU A 1 111 ? -7.793  -64.967 32.762  1.00 171.21 ? 89  GLU A OE1 1 
ATOM 558  O OE2 . GLU A 1 111 ? -9.793  -65.785 32.380  1.00 171.21 ? 89  GLU A OE2 1 
ATOM 559  N N   . ALA A 1 112 ? -5.690  -61.862 29.128  1.00 164.57 ? 90  ALA A N   1 
ATOM 560  C CA  . ALA A 1 112 ? -4.814  -60.774 28.709  1.00 164.57 ? 90  ALA A CA  1 
ATOM 561  C C   . ALA A 1 112 ? -4.906  -60.542 27.206  1.00 164.57 ? 90  ALA A C   1 
ATOM 562  O O   . ALA A 1 112 ? -4.927  -59.395 26.737  1.00 164.57 ? 90  ALA A O   1 
ATOM 563  C CB  . ALA A 1 112 ? -3.376  -61.072 29.128  1.00 164.57 ? 90  ALA A CB  1 
ATOM 564  N N   . LEU A 1 113 ? -4.949  -61.624 26.428  1.00 162.15 ? 91  LEU A N   1 
ATOM 565  C CA  . LEU A 1 113 ? -5.114  -61.478 24.988  1.00 162.15 ? 91  LEU A CA  1 
ATOM 566  C C   . LEU A 1 113 ? -6.435  -60.800 24.661  1.00 162.15 ? 91  LEU A C   1 
ATOM 567  O O   . LEU A 1 113 ? -6.513  -59.989 23.732  1.00 162.15 ? 91  LEU A O   1 
ATOM 568  C CB  . LEU A 1 113 ? -5.021  -62.840 24.306  1.00 162.15 ? 91  LEU A CB  1 
ATOM 569  C CG  . LEU A 1 113 ? -3.612  -63.425 24.235  1.00 162.15 ? 91  LEU A CG  1 
ATOM 570  C CD1 . LEU A 1 113 ? -3.565  -64.583 23.255  1.00 162.15 ? 91  LEU A CD1 1 
ATOM 571  C CD2 . LEU A 1 113 ? -2.609  -62.355 23.851  1.00 162.15 ? 91  LEU A CD2 1 
ATOM 572  N N   . GLY A 1 114 ? -7.487  -61.117 25.416  1.00 160.23 ? 92  GLY A N   1 
ATOM 573  C CA  . GLY A 1 114 ? -8.735  -60.394 25.248  1.00 160.23 ? 92  GLY A CA  1 
ATOM 574  C C   . GLY A 1 114 ? -8.592  -58.922 25.577  1.00 160.23 ? 92  GLY A C   1 
ATOM 575  O O   . GLY A 1 114 ? -9.168  -58.064 24.906  1.00 160.23 ? 92  GLY A O   1 
ATOM 576  N N   . GLN A 1 115 ? -7.812  -58.612 26.614  1.00 158.81 ? 93  GLN A N   1 
ATOM 577  C CA  . GLN A 1 115 ? -7.599  -57.220 26.994  1.00 158.81 ? 93  GLN A CA  1 
ATOM 578  C C   . GLN A 1 115 ? -6.898  -56.443 25.887  1.00 158.81 ? 93  GLN A C   1 
ATOM 579  O O   . GLN A 1 115 ? -7.186  -55.263 25.662  1.00 158.81 ? 93  GLN A O   1 
ATOM 580  C CB  . GLN A 1 115 ? -6.784  -57.155 28.283  1.00 158.81 ? 93  GLN A CB  1 
ATOM 581  C CG  . GLN A 1 115 ? -6.843  -55.815 28.971  1.00 158.81 ? 93  GLN A CG  1 
ATOM 582  C CD  . GLN A 1 115 ? -8.265  -55.354 29.185  1.00 158.81 ? 93  GLN A CD  1 
ATOM 583  O OE1 . GLN A 1 115 ? -8.725  -54.410 28.546  1.00 158.81 ? 93  GLN A OE1 1 
ATOM 584  N NE2 . GLN A 1 115 ? -8.974  -56.024 30.084  1.00 158.81 ? 93  GLN A NE2 1 
ATOM 585  N N   . ARG A 1 116 ? -5.972  -57.096 25.185  1.00 154.70 ? 94  ARG A N   1 
ATOM 586  C CA  . ARG A 1 116 ? -5.144  -56.417 24.191  1.00 154.70 ? 94  ARG A CA  1 
ATOM 587  C C   . ARG A 1 116 ? -5.948  -55.818 23.035  1.00 154.70 ? 94  ARG A C   1 
ATOM 588  O O   . ARG A 1 116 ? -5.464  -54.892 22.365  1.00 154.70 ? 94  ARG A O   1 
ATOM 589  C CB  . ARG A 1 116 ? -4.115  -57.411 23.656  1.00 154.70 ? 94  ARG A CB  1 
ATOM 590  C CG  . ARG A 1 116 ? -3.011  -56.814 22.832  1.00 154.70 ? 94  ARG A CG  1 
ATOM 591  C CD  . ARG A 1 116 ? -1.867  -57.794 22.731  1.00 154.70 ? 94  ARG A CD  1 
ATOM 592  N NE  . ARG A 1 116 ? -1.083  -57.599 21.519  1.00 154.70 ? 94  ARG A NE  1 
ATOM 593  C CZ  . ARG A 1 116 ? -1.366  -58.170 20.355  1.00 154.70 ? 94  ARG A CZ  1 
ATOM 594  N NH1 . ARG A 1 116 ? -2.416  -58.970 20.247  1.00 154.70 ? 94  ARG A NH1 1 
ATOM 595  N NH2 . ARG A 1 116 ? -0.601  -57.943 19.298  1.00 154.70 ? 94  ARG A NH2 1 
ATOM 596  N N   . GLN A 1 117 ? -7.165  -56.309 22.802  1.00 154.27 ? 95  GLN A N   1 
ATOM 597  C CA  . GLN A 1 117 ? -7.866  -56.011 21.555  1.00 154.27 ? 95  GLN A CA  1 
ATOM 598  C C   . GLN A 1 117 ? -8.294  -54.551 21.477  1.00 154.27 ? 95  GLN A C   1 
ATOM 599  O O   . GLN A 1 117 ? -8.185  -53.920 20.418  1.00 154.27 ? 95  GLN A O   1 
ATOM 600  C CB  . GLN A 1 117 ? -9.074  -56.933 21.409  1.00 154.27 ? 95  GLN A CB  1 
ATOM 601  C CG  . GLN A 1 117 ? -8.706  -58.375 21.130  1.00 154.27 ? 95  GLN A CG  1 
ATOM 602  C CD  . GLN A 1 117 ? -7.868  -58.530 19.877  1.00 154.27 ? 95  GLN A CD  1 
ATOM 603  O OE1 . GLN A 1 117 ? -7.990  -57.751 18.933  1.00 154.27 ? 95  GLN A OE1 1 
ATOM 604  N NE2 . GLN A 1 117 ? -7.006  -59.539 19.866  1.00 154.27 ? 95  GLN A NE2 1 
ATOM 605  N N   . SER A 1 118 ? -8.818  -54.007 22.576  1.00 152.47 ? 96  SER A N   1 
ATOM 606  C CA  . SER A 1 118 ? -9.270  -52.620 22.561  1.00 152.47 ? 96  SER A CA  1 
ATOM 607  C C   . SER A 1 118 ? -8.125  -51.674 22.230  1.00 152.47 ? 96  SER A C   1 
ATOM 608  O O   . SER A 1 118 ? -8.281  -50.742 21.427  1.00 152.47 ? 96  SER A O   1 
ATOM 609  C CB  . SER A 1 118 ? -9.884  -52.258 23.910  1.00 152.47 ? 96  SER A CB  1 
ATOM 610  O OG  . SER A 1 118 ? -8.884  -51.794 24.800  1.00 152.47 ? 96  SER A OG  1 
ATOM 611  N N   . TYR A 1 119 ? -6.963  -51.906 22.834  1.00 147.37 ? 97  TYR A N   1 
ATOM 612  C CA  . TYR A 1 119 ? -5.817  -51.053 22.566  1.00 147.37 ? 97  TYR A CA  1 
ATOM 613  C C   . TYR A 1 119 ? -5.343  -51.214 21.130  1.00 147.37 ? 97  TYR A C   1 
ATOM 614  O O   . TYR A 1 119 ? -4.961  -50.229 20.484  1.00 147.37 ? 97  TYR A O   1 
ATOM 615  C CB  . TYR A 1 119 ? -4.702  -51.367 23.557  1.00 147.37 ? 97  TYR A CB  1 
ATOM 616  C CG  . TYR A 1 119 ? -5.098  -51.106 24.990  1.00 147.37 ? 97  TYR A CG  1 
ATOM 617  C CD1 . TYR A 1 119 ? -6.130  -50.231 25.294  1.00 147.37 ? 97  TYR A CD1 1 
ATOM 618  C CD2 . TYR A 1 119 ? -4.450  -51.737 26.038  1.00 147.37 ? 97  TYR A CD2 1 
ATOM 619  C CE1 . TYR A 1 119 ? -6.500  -49.988 26.597  1.00 147.37 ? 97  TYR A CE1 1 
ATOM 620  C CE2 . TYR A 1 119 ? -4.816  -51.503 27.346  1.00 147.37 ? 97  TYR A CE2 1 
ATOM 621  C CZ  . TYR A 1 119 ? -5.839  -50.626 27.618  1.00 147.37 ? 97  TYR A CZ  1 
ATOM 622  O OH  . TYR A 1 119 ? -6.207  -50.388 28.919  1.00 147.37 ? 97  TYR A OH  1 
ATOM 623  N N   . GLN A 1 120 ? -5.369  -52.442 20.607  1.00 148.56 ? 98  GLN A N   1 
ATOM 624  C CA  . GLN A 1 120 ? -5.041  -52.628 19.197  1.00 148.56 ? 98  GLN A CA  1 
ATOM 625  C C   . GLN A 1 120 ? -5.961  -51.804 18.304  1.00 148.56 ? 98  GLN A C   1 
ATOM 626  O O   . GLN A 1 120 ? -5.502  -51.129 17.371  1.00 148.56 ? 98  GLN A O   1 
ATOM 627  C CB  . GLN A 1 120 ? -5.122  -54.107 18.831  1.00 148.56 ? 98  GLN A CB  1 
ATOM 628  C CG  . GLN A 1 120 ? -3.814  -54.835 19.011  1.00 148.56 ? 98  GLN A CG  1 
ATOM 629  C CD  . GLN A 1 120 ? -2.644  -54.041 18.478  1.00 148.56 ? 98  GLN A CD  1 
ATOM 630  O OE1 . GLN A 1 120 ? -1.721  -53.704 19.217  1.00 148.56 ? 98  GLN A OE1 1 
ATOM 631  N NE2 . GLN A 1 120 ? -2.673  -53.739 17.187  1.00 148.56 ? 98  GLN A NE2 1 
ATOM 632  N N   . SER A 1 121 ? -7.262  -51.839 18.585  1.00 152.14 ? 99  SER A N   1 
ATOM 633  C CA  . SER A 1 121 ? -8.220  -51.109 17.760  1.00 152.14 ? 99  SER A CA  1 
ATOM 634  C C   . SER A 1 121 ? -7.977  -49.606 17.829  1.00 152.14 ? 99  SER A C   1 
ATOM 635  O O   . SER A 1 121 ? -8.028  -48.907 16.807  1.00 152.14 ? 99  SER A O   1 
ATOM 636  C CB  . SER A 1 121 ? -9.643  -51.445 18.197  1.00 152.14 ? 99  SER A CB  1 
ATOM 637  O OG  . SER A 1 121 ? -9.756  -51.407 19.606  1.00 152.14 ? 99  SER A OG  1 
ATOM 638  N N   . HIS A 1 122 ? -7.727  -49.085 19.032  1.00 148.15 ? 100 HIS A N   1 
ATOM 639  C CA  . HIS A 1 122 ? -7.473  -47.654 19.160  1.00 148.15 ? 100 HIS A CA  1 
ATOM 640  C C   . HIS A 1 122 ? -6.213  -47.248 18.411  1.00 148.15 ? 100 HIS A C   1 
ATOM 641  O O   . HIS A 1 122 ? -6.182  -46.196 17.755  1.00 148.15 ? 100 HIS A O   1 
ATOM 642  C CB  . HIS A 1 122 ? -7.367  -47.260 20.630  1.00 148.15 ? 100 HIS A CB  1 
ATOM 643  C CG  . HIS A 1 122 ? -8.684  -47.209 21.333  1.00 148.15 ? 100 HIS A CG  1 
ATOM 644  N ND1 . HIS A 1 122 ? -8.799  -46.970 22.683  1.00 148.15 ? 100 HIS A ND1 1 
ATOM 645  C CD2 . HIS A 1 122 ? -9.946  -47.366 20.869  1.00 148.15 ? 100 HIS A CD2 1 
ATOM 646  C CE1 . HIS A 1 122 ? -10.074 -46.981 23.024  1.00 148.15 ? 100 HIS A CE1 1 
ATOM 647  N NE2 . HIS A 1 122 ? -10.792 -47.220 21.941  1.00 148.15 ? 100 HIS A NE2 1 
ATOM 648  N N   . THR A 1 123 ? -5.160  -48.060 18.506  1.00 148.49 ? 101 THR A N   1 
ATOM 649  C CA  . THR A 1 123 ? -3.947  -47.791 17.744  1.00 148.49 ? 101 THR A CA  1 
ATOM 650  C C   . THR A 1 123 ? -4.250  -47.718 16.253  1.00 148.49 ? 101 THR A C   1 
ATOM 651  O O   . THR A 1 123 ? -3.782  -46.811 15.553  1.00 148.49 ? 101 THR A O   1 
ATOM 652  C CB  . THR A 1 123 ? -2.904  -48.868 18.032  1.00 148.49 ? 101 THR A CB  1 
ATOM 653  O OG1 . THR A 1 123 ? -2.464  -48.756 19.391  1.00 148.49 ? 101 THR A OG1 1 
ATOM 654  C CG2 . THR A 1 123 ? -1.713  -48.722 17.104  1.00 148.49 ? 101 THR A CG2 1 
ATOM 655  N N   . GLU A 1 124 ? -5.041  -48.669 15.755  1.00 153.09 ? 102 GLU A N   1 
ATOM 656  C CA  . GLU A 1 124 ? -5.381  -48.668 14.334  1.00 153.09 ? 102 GLU A CA  1 
ATOM 657  C C   . GLU A 1 124 ? -6.130  -47.399 13.946  1.00 153.09 ? 102 GLU A C   1 
ATOM 658  O O   . GLU A 1 124 ? -5.834  -46.776 12.918  1.00 153.09 ? 102 GLU A O   1 
ATOM 659  C CB  . GLU A 1 124 ? -6.207  -49.906 13.995  1.00 153.09 ? 102 GLU A CB  1 
ATOM 660  C CG  . GLU A 1 124 ? -5.442  -51.204 14.135  1.00 153.09 ? 102 GLU A CG  1 
ATOM 661  C CD  . GLU A 1 124 ? -4.093  -51.158 13.445  1.00 153.09 ? 102 GLU A CD  1 
ATOM 662  O OE1 . GLU A 1 124 ? -4.025  -50.678 12.295  1.00 153.09 ? 102 GLU A OE1 1 
ATOM 663  O OE2 . GLU A 1 124 ? -3.099  -51.601 14.056  1.00 153.09 ? 102 GLU A OE2 1 
ATOM 664  N N   . ALA A 1 125 ? -7.109  -47.003 14.762  1.00 143.87 ? 103 ALA A N   1 
ATOM 665  C CA  . ALA A 1 125 ? -7.897  -45.814 14.450  1.00 143.87 ? 103 ALA A CA  1 
ATOM 666  C C   . ALA A 1 125 ? -7.019  -44.570 14.396  1.00 143.87 ? 103 ALA A C   1 
ATOM 667  O O   . ALA A 1 125 ? -7.136  -43.744 13.477  1.00 143.87 ? 103 ALA A O   1 
ATOM 668  C CB  . ALA A 1 125 ? -9.012  -45.642 15.479  1.00 143.87 ? 103 ALA A CB  1 
ATOM 669  N N   . LEU A 1 126 ? -6.134  -44.413 15.378  1.00 140.11 ? 104 LEU A N   1 
ATOM 670  C CA  . LEU A 1 126 ? -5.284  -43.227 15.400  1.00 140.11 ? 104 LEU A CA  1 
ATOM 671  C C   . LEU A 1 126 ? -4.321  -43.215 14.220  1.00 140.11 ? 104 LEU A C   1 
ATOM 672  O O   . LEU A 1 126 ? -4.083  -42.159 13.615  1.00 140.11 ? 104 LEU A O   1 
ATOM 673  C CB  . LEU A 1 126 ? -4.530  -43.148 16.724  1.00 140.11 ? 104 LEU A CB  1 
ATOM 674  C CG  . LEU A 1 126 ? -5.431  -42.930 17.938  1.00 140.11 ? 104 LEU A CG  1 
ATOM 675  C CD1 . LEU A 1 126 ? -4.604  -42.593 19.164  1.00 140.11 ? 104 LEU A CD1 1 
ATOM 676  C CD2 . LEU A 1 126 ? -6.443  -41.837 17.652  1.00 140.11 ? 104 LEU A CD2 1 
ATOM 677  N N   . GLY A 1 127 ? -3.746  -44.372 13.883  1.00 148.31 ? 105 GLY A N   1 
ATOM 678  C CA  . GLY A 1 127 ? -2.901  -44.440 12.702  1.00 148.31 ? 105 GLY A CA  1 
ATOM 679  C C   . GLY A 1 127 ? -3.644  -44.026 11.446  1.00 148.31 ? 105 GLY A C   1 
ATOM 680  O O   . GLY A 1 127 ? -3.111  -43.293 10.605  1.00 148.31 ? 105 GLY A O   1 
ATOM 681  N N   . LYS A 1 128 ? -4.886  -44.490 11.307  1.00 150.58 ? 106 LYS A N   1 
ATOM 682  C CA  . LYS A 1 128 ? -5.741  -44.052 10.208  1.00 150.58 ? 106 LYS A CA  1 
ATOM 683  C C   . LYS A 1 128 ? -5.854  -42.533 10.165  1.00 150.58 ? 106 LYS A C   1 
ATOM 684  O O   . LYS A 1 128 ? -5.608  -41.904 9.126   1.00 150.58 ? 106 LYS A O   1 
ATOM 685  C CB  . LYS A 1 128 ? -7.117  -44.709 10.353  1.00 150.58 ? 106 LYS A CB  1 
ATOM 686  C CG  . LYS A 1 128 ? -7.171  -46.220 10.170  1.00 150.58 ? 106 LYS A CG  1 
ATOM 687  C CD  . LYS A 1 128 ? -8.587  -46.755 10.362  1.00 150.58 ? 106 LYS A CD  1 
ATOM 688  C CE  . LYS A 1 128 ? -8.625  -48.269 10.150  1.00 150.58 ? 106 LYS A CE  1 
ATOM 689  N NZ  . LYS A 1 128 ? -9.974  -48.863 10.346  1.00 150.58 ? 106 LYS A NZ  1 
ATOM 690  N N   . SER A 1 129 ? -6.235  -41.925 11.290  1.00 142.83 ? 107 SER A N   1 
ATOM 691  C CA  . SER A 1 129 ? -6.476  -40.484 11.291  1.00 142.83 ? 107 SER A CA  1 
ATOM 692  C C   . SER A 1 129 ? -5.216  -39.709 10.926  1.00 142.83 ? 107 SER A C   1 
ATOM 693  O O   . SER A 1 129 ? -5.275  -38.716 10.188  1.00 142.83 ? 107 SER A O   1 
ATOM 694  C CB  . SER A 1 129 ? -7.002  -40.040 12.653  1.00 142.83 ? 107 SER A CB  1 
ATOM 695  O OG  . SER A 1 129 ? -7.435  -38.694 12.609  1.00 142.83 ? 107 SER A OG  1 
ATOM 696  N N   . LEU A 1 130 ? -4.060  -40.155 11.417  1.00 142.18 ? 108 LEU A N   1 
ATOM 697  C CA  . LEU A 1 130 ? -2.818  -39.447 11.119  1.00 142.18 ? 108 LEU A CA  1 
ATOM 698  C C   . LEU A 1 130 ? -2.444  -39.581 9.649   1.00 142.18 ? 108 LEU A C   1 
ATOM 699  O O   . LEU A 1 130 ? -2.078  -38.589 8.990   1.00 142.18 ? 108 LEU A O   1 
ATOM 700  C CB  . LEU A 1 130 ? -1.698  -39.975 12.005  1.00 142.18 ? 108 LEU A CB  1 
ATOM 701  C CG  . LEU A 1 130 ? -1.935  -39.714 13.485  1.00 142.18 ? 108 LEU A CG  1 
ATOM 702  C CD1 . LEU A 1 130 ? -0.679  -40.022 14.261  1.00 142.18 ? 108 LEU A CD1 1 
ATOM 703  C CD2 . LEU A 1 130 ? -2.355  -38.276 13.690  1.00 142.18 ? 108 LEU A CD2 1 
ATOM 704  N N   . GLY A 1 131 ? -2.483  -40.812 9.130   1.00 149.09 ? 109 GLY A N   1 
ATOM 705  C CA  . GLY A 1 131 ? -2.226  -41.012 7.719   1.00 149.09 ? 109 GLY A CA  1 
ATOM 706  C C   . GLY A 1 131 ? -3.147  -40.189 6.847   1.00 149.09 ? 109 GLY A C   1 
ATOM 707  O O   . GLY A 1 131 ? -2.790  -39.824 5.726   1.00 149.09 ? 109 GLY A O   1 
ATOM 708  N N   . GLU A 1 132 ? -4.340  -39.878 7.350   1.00 153.05 ? 110 GLU A N   1 
ATOM 709  C CA  . GLU A 1 132 ? -5.215  -38.972 6.617   1.00 153.05 ? 110 GLU A CA  1 
ATOM 710  C C   . GLU A 1 132 ? -4.696  -37.538 6.686   1.00 153.05 ? 110 GLU A C   1 
ATOM 711  O O   . GLU A 1 132 ? -4.510  -36.885 5.654   1.00 153.05 ? 110 GLU A O   1 
ATOM 712  C CB  . GLU A 1 132 ? -6.643  -39.072 7.160   1.00 153.05 ? 110 GLU A CB  1 
ATOM 713  C CG  . GLU A 1 132 ? -7.682  -38.272 6.381   1.00 153.05 ? 110 GLU A CG  1 
ATOM 714  C CD  . GLU A 1 132 ? -7.694  -36.798 6.740   1.00 153.05 ? 110 GLU A CD  1 
ATOM 715  O OE1 . GLU A 1 132 ? -7.253  -36.456 7.854   1.00 153.05 ? 110 GLU A OE1 1 
ATOM 716  O OE2 . GLU A 1 132 ? -8.136  -35.986 5.902   1.00 153.05 ? 110 GLU A OE2 1 
ATOM 717  N N   . GLN A 1 133 ? -4.449  -37.034 7.897   1.00 137.36 ? 111 GLN A N   1 
ATOM 718  C CA  . GLN A 1 133 ? -4.178  -35.607 8.070   1.00 137.36 ? 111 GLN A CA  1 
ATOM 719  C C   . GLN A 1 133 ? -2.880  -35.144 7.417   1.00 137.36 ? 111 GLN A C   1 
ATOM 720  O O   . GLN A 1 133 ? -2.777  -33.958 7.049   1.00 137.36 ? 111 GLN A O   1 
ATOM 721  C CB  . GLN A 1 133 ? -4.141  -35.257 9.553   1.00 137.36 ? 111 GLN A CB  1 
ATOM 722  C CG  . GLN A 1 133 ? -5.500  -35.236 10.211  1.00 137.36 ? 111 GLN A CG  1 
ATOM 723  C CD  . GLN A 1 133 ? -5.477  -34.558 11.560  1.00 137.36 ? 111 GLN A CD  1 
ATOM 724  O OE1 . GLN A 1 133 ? -6.394  -34.718 12.364  1.00 137.36 ? 111 GLN A OE1 1 
ATOM 725  N NE2 . GLN A 1 133 ? -4.424  -33.796 11.821  1.00 137.36 ? 111 GLN A NE2 1 
ATOM 726  N N   . ARG A 1 134 ? -1.894  -36.035 7.279   1.00 135.99 ? 112 ARG A N   1 
ATOM 727  C CA  . ARG A 1 134 ? -0.569  -35.603 6.830   1.00 135.99 ? 112 ARG A CA  1 
ATOM 728  C C   . ARG A 1 134 ? -0.632  -34.853 5.500   1.00 135.99 ? 112 ARG A C   1 
ATOM 729  O O   . ARG A 1 134 ? -0.067  -33.756 5.362   1.00 135.99 ? 112 ARG A O   1 
ATOM 730  C CB  . ARG A 1 134 ? 0.362   -36.805 6.718   1.00 135.99 ? 112 ARG A CB  1 
ATOM 731  C CG  . ARG A 1 134 ? 0.666   -37.459 8.044   1.00 135.99 ? 112 ARG A CG  1 
ATOM 732  C CD  . ARG A 1 134 ? 1.219   -38.855 7.847   1.00 135.99 ? 112 ARG A CD  1 
ATOM 733  N NE  . ARG A 1 134 ? 2.626   -38.821 7.469   1.00 135.99 ? 112 ARG A NE  1 
ATOM 734  C CZ  . ARG A 1 134 ? 3.623   -38.651 8.329   1.00 135.99 ? 112 ARG A CZ  1 
ATOM 735  N NH1 . ARG A 1 134 ? 3.367   -38.506 9.623   1.00 135.99 ? 112 ARG A NH1 1 
ATOM 736  N NH2 . ARG A 1 134 ? 4.875   -38.632 7.898   1.00 135.99 ? 112 ARG A NH2 1 
ATOM 737  N N   . ALA A 1 135 ? -1.306  -35.433 4.507   1.00 131.03 ? 113 ALA A N   1 
ATOM 738  C CA  . ALA A 1 135 ? -1.326  -34.830 3.177   1.00 131.03 ? 113 ALA A CA  1 
ATOM 739  C C   . ALA A 1 135 ? -1.980  -33.457 3.200   1.00 131.03 ? 113 ALA A C   1 
ATOM 740  O O   . ALA A 1 135 ? -1.561  -32.544 2.476   1.00 131.03 ? 113 ALA A O   1 
ATOM 741  C CB  . ALA A 1 135 ? -2.046  -35.750 2.195   1.00 131.03 ? 113 ALA A CB  1 
ATOM 742  N N   . LEU A 1 136 ? -3.012  -33.287 4.026   1.00 124.20 ? 114 LEU A N   1 
ATOM 743  C CA  . LEU A 1 136 ? -3.669  -31.990 4.105   1.00 124.20 ? 114 LEU A CA  1 
ATOM 744  C C   . LEU A 1 136 ? -2.747  -30.911 4.651   1.00 124.20 ? 114 LEU A C   1 
ATOM 745  O O   . LEU A 1 136 ? -2.712  -29.789 4.120   1.00 124.20 ? 114 LEU A O   1 
ATOM 746  C CB  . LEU A 1 136 ? -4.939  -32.093 4.943   1.00 124.20 ? 114 LEU A CB  1 
ATOM 747  C CG  . LEU A 1 136 ? -6.201  -32.417 4.143   1.00 124.20 ? 114 LEU A CG  1 
ATOM 748  C CD1 . LEU A 1 136 ? -6.190  -33.866 3.692   1.00 124.20 ? 114 LEU A CD1 1 
ATOM 749  C CD2 . LEU A 1 136 ? -7.447  -32.119 4.953   1.00 124.20 ? 114 LEU A CD2 1 
ATOM 750  N N   . VAL A 1 137 ? -1.986  -31.225 5.702   1.00 123.02 ? 115 VAL A N   1 
ATOM 751  C CA  . VAL A 1 137 ? -1.080  -30.183 6.186   1.00 123.02 ? 115 VAL A CA  1 
ATOM 752  C C   . VAL A 1 137 ? 0.022   -29.914 5.164   1.00 123.02 ? 115 VAL A C   1 
ATOM 753  O O   . VAL A 1 137 ? 0.492   -28.774 5.032   1.00 123.02 ? 115 VAL A O   1 
ATOM 754  C CB  . VAL A 1 137 ? -0.480  -30.512 7.568   1.00 123.02 ? 115 VAL A CB  1 
ATOM 755  C CG1 . VAL A 1 137 ? -1.548  -30.567 8.622   1.00 123.02 ? 115 VAL A CG1 1 
ATOM 756  C CG2 . VAL A 1 137 ? 0.315   -31.807 7.531   1.00 123.02 ? 115 VAL A CG2 1 
ATOM 757  N N   . GLU A 1 138 ? 0.416   -30.928 4.392   1.00 125.09 ? 116 GLU A N   1 
ATOM 758  C CA  . GLU A 1 138 ? 1.417   -30.693 3.352   1.00 125.09 ? 116 GLU A CA  1 
ATOM 759  C C   . GLU A 1 138 ? 0.872   -29.690 2.343   1.00 125.09 ? 116 GLU A C   1 
ATOM 760  O O   . GLU A 1 138 ? 1.545   -28.710 1.980   1.00 125.09 ? 116 GLU A O   1 
ATOM 761  C CB  . GLU A 1 138 ? 1.805   -31.995 2.655   1.00 125.09 ? 116 GLU A CB  1 
ATOM 762  C CG  . GLU A 1 138 ? 2.630   -32.919 3.517   1.00 125.09 ? 116 GLU A CG  1 
ATOM 763  C CD  . GLU A 1 138 ? 3.866   -32.241 4.060   1.00 125.09 ? 116 GLU A CD  1 
ATOM 764  O OE1 . GLU A 1 138 ? 4.525   -31.507 3.296   1.00 125.09 ? 116 GLU A OE1 1 
ATOM 765  O OE2 . GLU A 1 138 ? 4.174   -32.437 5.254   1.00 125.09 ? 116 GLU A OE2 1 
ATOM 766  N N   . GLN A 1 139 ? -0.355  -29.925 1.880   1.00 122.75 ? 117 GLN A N   1 
ATOM 767  C CA  . GLN A 1 139 ? -0.953  -29.045 0.885   1.00 122.75 ? 117 GLN A CA  1 
ATOM 768  C C   . GLN A 1 139 ? -1.093  -27.625 1.412   1.00 122.75 ? 117 GLN A C   1 
ATOM 769  O O   . GLN A 1 139 ? -0.788  -26.654 0.703   1.00 122.75 ? 117 GLN A O   1 
ATOM 770  C CB  . GLN A 1 139 ? -2.307  -29.597 0.455   1.00 122.75 ? 117 GLN A CB  1 
ATOM 771  C CG  . GLN A 1 139 ? -3.177  -28.594 -0.264  1.00 122.75 ? 117 GLN A CG  1 
ATOM 772  C CD  . GLN A 1 139 ? -4.606  -29.069 -0.404  1.00 122.75 ? 117 GLN A CD  1 
ATOM 773  O OE1 . GLN A 1 139 ? -5.007  -30.055 0.212   1.00 122.75 ? 117 GLN A OE1 1 
ATOM 774  N NE2 . GLN A 1 139 ? -5.384  -28.370 -1.220  1.00 122.75 ? 117 GLN A NE2 1 
ATOM 775  N N   . VAL A 1 140 ? -1.556  -27.475 2.656   1.00 112.57 ? 118 VAL A N   1 
ATOM 776  C CA  . VAL A 1 140 ? -1.751  -26.118 3.155   1.00 112.57 ? 118 VAL A CA  1 
ATOM 777  C C   . VAL A 1 140 ? -0.412  -25.417 3.347   1.00 112.57 ? 118 VAL A C   1 
ATOM 778  O O   . VAL A 1 140 ? -0.305  -24.201 3.129   1.00 112.57 ? 118 VAL A O   1 
ATOM 779  C CB  . VAL A 1 140 ? -2.597  -26.118 4.441   1.00 112.57 ? 118 VAL A CB  1 
ATOM 780  C CG1 . VAL A 1 140 ? -1.901  -26.858 5.542   1.00 112.57 ? 118 VAL A CG1 1 
ATOM 781  C CG2 . VAL A 1 140 ? -2.902  -24.700 4.871   1.00 112.57 ? 118 VAL A CG2 1 
ATOM 782  N N   . ARG A 1 141 ? 0.640   -26.153 3.718   1.00 113.68 ? 119 ARG A N   1 
ATOM 783  C CA  . ARG A 1 141 ? 1.955   -25.530 3.805   1.00 113.68 ? 119 ARG A CA  1 
ATOM 784  C C   . ARG A 1 141 ? 2.408   -25.015 2.443   1.00 113.68 ? 119 ARG A C   1 
ATOM 785  O O   . ARG A 1 141 ? 2.944   -23.900 2.333   1.00 113.68 ? 119 ARG A O   1 
ATOM 786  C CB  . ARG A 1 141 ? 2.967   -26.520 4.371   1.00 113.68 ? 119 ARG A CB  1 
ATOM 787  C CG  . ARG A 1 141 ? 4.401   -26.067 4.231   1.00 113.68 ? 119 ARG A CG  1 
ATOM 788  C CD  . ARG A 1 141 ? 5.371   -27.160 4.639   1.00 113.68 ? 119 ARG A CD  1 
ATOM 789  N NE  . ARG A 1 141 ? 5.517   -27.249 6.087   1.00 113.68 ? 119 ARG A NE  1 
ATOM 790  C CZ  . ARG A 1 141 ? 5.340   -28.363 6.787   1.00 113.68 ? 119 ARG A CZ  1 
ATOM 791  N NH1 . ARG A 1 141 ? 5.012   -29.487 6.168   1.00 113.68 ? 119 ARG A NH1 1 
ATOM 792  N NH2 . ARG A 1 141 ? 5.495   -28.354 8.102   1.00 113.68 ? 119 ARG A NH2 1 
ATOM 793  N N   . GLY A 1 142 ? 2.205   -25.814 1.395   1.00 111.86 ? 120 GLY A N   1 
ATOM 794  C CA  . GLY A 1 142 ? 2.552   -25.345 0.059   1.00 111.86 ? 120 GLY A CA  1 
ATOM 795  C C   . GLY A 1 142 ? 1.805   -24.080 -0.322  1.00 111.86 ? 120 GLY A C   1 
ATOM 796  O O   . GLY A 1 142 ? 2.384   -23.129 -0.871  1.00 111.86 ? 120 GLY A O   1 
ATOM 797  N N   . GLN A 1 143 ? 0.500   -24.056 -0.041  1.00 113.05 ? 121 GLN A N   1 
ATOM 798  C CA  . GLN A 1 143 ? -0.287  -22.859 -0.322  1.00 113.05 ? 121 GLN A CA  1 
ATOM 799  C C   . GLN A 1 143 ? 0.277   -21.646 0.402   1.00 113.05 ? 121 GLN A C   1 
ATOM 800  O O   . GLN A 1 143 ? 0.365   -20.551 -0.174  1.00 113.05 ? 121 GLN A O   1 
ATOM 801  C CB  . GLN A 1 143 ? -1.741  -23.076 0.082   1.00 113.05 ? 121 GLN A CB  1 
ATOM 802  C CG  . GLN A 1 143 ? -2.468  -24.118 -0.728  1.00 113.05 ? 121 GLN A CG  1 
ATOM 803  C CD  . GLN A 1 143 ? -3.900  -24.288 -0.277  1.00 113.05 ? 121 GLN A CD  1 
ATOM 804  O OE1 . GLN A 1 143 ? -4.436  -23.451 0.449   1.00 113.05 ? 121 GLN A OE1 1 
ATOM 805  N NE2 . GLN A 1 143 ? -4.528  -25.378 -0.698  1.00 113.05 ? 121 GLN A NE2 1 
ATOM 806  N N   . LEU A 1 144 ? 0.648   -21.816 1.672   1.00 110.46 ? 122 LEU A N   1 
ATOM 807  C CA  . LEU A 1 144 ? 1.196   -20.694 2.426   1.00 110.46 ? 122 LEU A CA  1 
ATOM 808  C C   . LEU A 1 144 ? 2.475   -20.178 1.788   1.00 110.46 ? 122 LEU A C   1 
ATOM 809  O O   . LEU A 1 144 ? 2.680   -18.962 1.691   1.00 110.46 ? 122 LEU A O   1 
ATOM 810  C CB  . LEU A 1 144 ? 1.453   -21.099 3.873   1.00 110.46 ? 122 LEU A CB  1 
ATOM 811  C CG  . LEU A 1 144 ? 2.227   -20.056 4.674   1.00 110.46 ? 122 LEU A CG  1 
ATOM 812  C CD1 . LEU A 1 144 ? 1.445   -18.769 4.742   1.00 110.46 ? 122 LEU A CD1 1 
ATOM 813  C CD2 . LEU A 1 144 ? 2.529   -20.562 6.064   1.00 110.46 ? 122 LEU A CD2 1 
ATOM 814  N N   . GLN A 1 145 ? 3.354   -21.086 1.364   1.00 117.10 ? 123 GLN A N   1 
ATOM 815  C CA  . GLN A 1 145 ? 4.574   -20.655 0.687   1.00 117.10 ? 123 GLN A CA  1 
ATOM 816  C C   . GLN A 1 145 ? 4.251   -19.789 -0.523  1.00 117.10 ? 123 GLN A C   1 
ATOM 817  O O   . GLN A 1 145 ? 4.797   -18.684 -0.689  1.00 117.10 ? 123 GLN A O   1 
ATOM 818  C CB  . GLN A 1 145 ? 5.395   -21.868 0.261   1.00 117.10 ? 123 GLN A CB  1 
ATOM 819  C CG  . GLN A 1 145 ? 6.480   -22.257 1.231   1.00 117.10 ? 123 GLN A CG  1 
ATOM 820  C CD  . GLN A 1 145 ? 7.470   -23.217 0.618   1.00 117.10 ? 123 GLN A CD  1 
ATOM 821  O OE1 . GLN A 1 145 ? 7.512   -23.385 -0.600  1.00 117.10 ? 123 GLN A OE1 1 
ATOM 822  N NE2 . GLN A 1 145 ? 8.274   -23.859 1.456   1.00 117.10 ? 123 GLN A NE2 1 
ATOM 823  N N   . LYS A 1 146 ? 3.360   -20.282 -1.387  1.00 115.38 ? 124 LYS A N   1 
ATOM 824  C CA  . LYS A 1 146 ? 3.063   -19.550 -2.613  1.00 115.38 ? 124 LYS A CA  1 
ATOM 825  C C   . LYS A 1 146 ? 2.485   -18.172 -2.313  1.00 115.38 ? 124 LYS A C   1 
ATOM 826  O O   . LYS A 1 146 ? 2.867   -17.173 -2.943  1.00 115.38 ? 124 LYS A O   1 
ATOM 827  C CB  . LYS A 1 146 ? 2.108   -20.358 -3.484  1.00 115.38 ? 124 LYS A CB  1 
ATOM 828  C CG  . LYS A 1 146 ? 1.890   -19.764 -4.858  1.00 115.38 ? 124 LYS A CG  1 
ATOM 829  C CD  . LYS A 1 146 ? 1.667   -20.850 -5.895  1.00 115.38 ? 124 LYS A CD  1 
ATOM 830  C CE  . LYS A 1 146 ? 0.650   -21.873 -5.417  1.00 115.38 ? 124 LYS A CE  1 
ATOM 831  N NZ  . LYS A 1 146 ? -0.661  -21.245 -5.092  1.00 115.38 ? 124 LYS A NZ  1 
ATOM 832  N N   . LEU A 1 147 ? 1.569   -18.093 -1.348  1.00 114.95 ? 125 LEU A N   1 
ATOM 833  C CA  . LEU A 1 147 ? 0.982   -16.801 -1.008  1.00 114.95 ? 125 LEU A CA  1 
ATOM 834  C C   . LEU A 1 147 ? 2.031   -15.845 -0.461  1.00 114.95 ? 125 LEU A C   1 
ATOM 835  O O   . LEU A 1 147 ? 2.042   -14.653 -0.805  1.00 114.95 ? 125 LEU A O   1 
ATOM 836  C CB  . LEU A 1 147 ? -0.146  -16.980 0.002   1.00 114.95 ? 125 LEU A CB  1 
ATOM 837  C CG  . LEU A 1 147 ? -1.364  -17.756 -0.479  1.00 114.95 ? 125 LEU A CG  1 
ATOM 838  C CD1 . LEU A 1 147 ? -2.564  -17.420 0.381   1.00 114.95 ? 125 LEU A CD1 1 
ATOM 839  C CD2 . LEU A 1 147 ? -1.645  -17.450 -1.935  1.00 114.95 ? 125 LEU A CD2 1 
ATOM 840  N N   . GLU A 1 148 ? 2.908   -16.343 0.412   1.00 124.97 ? 126 GLU A N   1 
ATOM 841  C CA  . GLU A 1 148 ? 3.928   -15.481 0.989   1.00 124.97 ? 126 GLU A CA  1 
ATOM 842  C C   . GLU A 1 148 ? 4.847   -14.924 -0.082  1.00 124.97 ? 126 GLU A C   1 
ATOM 843  O O   . GLU A 1 148 ? 5.344   -13.802 0.050   1.00 124.97 ? 126 GLU A O   1 
ATOM 844  C CB  . GLU A 1 148 ? 4.733   -16.247 2.037   1.00 124.97 ? 126 GLU A CB  1 
ATOM 845  C CG  . GLU A 1 148 ? 5.204   -15.389 3.197   1.00 124.97 ? 126 GLU A CG  1 
ATOM 846  C CD  . GLU A 1 148 ? 5.671   -16.211 4.383   1.00 124.97 ? 126 GLU A CD  1 
ATOM 847  O OE1 . GLU A 1 148 ? 6.513   -17.113 4.190   1.00 124.97 ? 126 GLU A OE1 1 
ATOM 848  O OE2 . GLU A 1 148 ? 5.197   -15.954 5.511   1.00 124.97 ? 126 GLU A OE2 1 
ATOM 849  N N   . ARG A 1 149 ? 5.081   -15.682 -1.150  1.00 122.58 ? 127 ARG A N   1 
ATOM 850  C CA  . ARG A 1 149 ? 5.874   -15.135 -2.249  1.00 122.58 ? 127 ARG A CA  1 
ATOM 851  C C   . ARG A 1 149 ? 5.102   -14.056 -3.003  1.00 122.58 ? 127 ARG A C   1 
ATOM 852  O O   . ARG A 1 149 ? 5.614   -12.947 -3.236  1.00 122.58 ? 127 ARG A O   1 
ATOM 853  C CB  . ARG A 1 149 ? 6.298   -16.253 -3.192  1.00 122.58 ? 127 ARG A CB  1 
ATOM 854  C CG  . ARG A 1 149 ? 6.733   -15.770 -4.553  1.00 122.58 ? 127 ARG A CG  1 
ATOM 855  C CD  . ARG A 1 149 ? 7.264   -16.927 -5.367  1.00 122.58 ? 127 ARG A CD  1 
ATOM 856  N NE  . ARG A 1 149 ? 8.150   -17.769 -4.569  1.00 122.58 ? 127 ARG A NE  1 
ATOM 857  C CZ  . ARG A 1 149 ? 8.484   -19.014 -4.889  1.00 122.58 ? 127 ARG A CZ  1 
ATOM 858  N NH1 . ARG A 1 149 ? 8.008   -19.568 -5.995  1.00 122.58 ? 127 ARG A NH1 1 
ATOM 859  N NH2 . ARG A 1 149 ? 9.297   -19.706 -4.102  1.00 122.58 ? 127 ARG A NH2 1 
ATOM 860  N N   . LYS A 1 150 ? 3.864   -14.366 -3.393  1.00 119.45 ? 128 LYS A N   1 
ATOM 861  C CA  . LYS A 1 150 ? 3.091   -13.432 -4.209  1.00 119.45 ? 128 LYS A CA  1 
ATOM 862  C C   . LYS A 1 150 ? 2.904   -12.089 -3.509  1.00 119.45 ? 128 LYS A C   1 
ATOM 863  O O   . LYS A 1 150 ? 2.849   -11.035 -4.162  1.00 119.45 ? 128 LYS A O   1 
ATOM 864  C CB  . LYS A 1 150 ? 1.739   -14.048 -4.553  1.00 119.45 ? 128 LYS A CB  1 
ATOM 865  C CG  . LYS A 1 150 ? 0.920   -13.227 -5.512  1.00 119.45 ? 128 LYS A CG  1 
ATOM 866  C CD  . LYS A 1 150 ? 1.483   -13.325 -6.912  1.00 119.45 ? 128 LYS A CD  1 
ATOM 867  C CE  . LYS A 1 150 ? 0.535   -12.708 -7.920  1.00 119.45 ? 128 LYS A CE  1 
ATOM 868  N NZ  . LYS A 1 150 ? -0.839  -13.263 -7.782  1.00 119.45 ? 128 LYS A NZ  1 
ATOM 869  N N   . TYR A 1 151 ? 2.804   -12.105 -2.178  1.00 120.20 ? 129 TYR A N   1 
ATOM 870  C CA  . TYR A 1 151 ? 2.563   -10.856 -1.462  1.00 120.20 ? 129 TYR A CA  1 
ATOM 871  C C   . TYR A 1 151 ? 3.700   -9.866  -1.678  1.00 120.20 ? 129 TYR A C   1 
ATOM 872  O O   . TYR A 1 151 ? 3.471   -8.718  -2.085  1.00 120.20 ? 129 TYR A O   1 
ATOM 873  C CB  . TYR A 1 151 ? 2.382   -11.120 0.026   1.00 120.20 ? 129 TYR A CB  1 
ATOM 874  C CG  . TYR A 1 151 ? 2.456   -9.858  0.839   1.00 120.20 ? 129 TYR A CG  1 
ATOM 875  C CD1 . TYR A 1 151 ? 1.374   -9.002  0.919   1.00 120.20 ? 129 TYR A CD1 1 
ATOM 876  C CD2 . TYR A 1 151 ? 3.611   -9.512  1.517   1.00 120.20 ? 129 TYR A CD2 1 
ATOM 877  C CE1 . TYR A 1 151 ? 1.433   -7.847  1.657   1.00 120.20 ? 129 TYR A CE1 1 
ATOM 878  C CE2 . TYR A 1 151 ? 3.682   -8.358  2.254   1.00 120.20 ? 129 TYR A CE2 1 
ATOM 879  C CZ  . TYR A 1 151 ? 2.591   -7.528  2.322   1.00 120.20 ? 129 TYR A CZ  1 
ATOM 880  O OH  . TYR A 1 151 ? 2.659   -6.372  3.060   1.00 120.20 ? 129 TYR A OH  1 
ATOM 881  N N   . LEU A 1 152 ? 4.933   -10.281 -1.387  1.00 121.50 ? 130 LEU A N   1 
ATOM 882  C CA  . LEU A 1 152 ? 6.059   -9.388  -1.622  1.00 121.50 ? 130 LEU A CA  1 
ATOM 883  C C   . LEU A 1 152 ? 6.195   -9.065  -3.098  1.00 121.50 ? 130 LEU A C   1 
ATOM 884  O O   . LEU A 1 152 ? 6.647   -7.970  -3.455  1.00 121.50 ? 130 LEU A O   1 
ATOM 885  C CB  . LEU A 1 152 ? 7.351   -9.996  -1.077  1.00 121.50 ? 130 LEU A CB  1 
ATOM 886  C CG  . LEU A 1 152 ? 7.953   -11.225 -1.758  1.00 121.50 ? 130 LEU A CG  1 
ATOM 887  C CD1 . LEU A 1 152 ? 8.954   -10.830 -2.832  1.00 121.50 ? 130 LEU A CD1 1 
ATOM 888  C CD2 . LEU A 1 152 ? 8.612   -12.115 -0.726  1.00 121.50 ? 130 LEU A CD2 1 
ATOM 889  N N   . GLU A 1 153 ? 5.794   -9.993  -3.973  1.00 123.76 ? 131 GLU A N   1 
ATOM 890  C CA  . GLU A 1 153 ? 5.776   -9.671  -5.393  1.00 123.76 ? 131 GLU A CA  1 
ATOM 891  C C   . GLU A 1 153 ? 4.967   -8.406  -5.665  1.00 123.76 ? 131 GLU A C   1 
ATOM 892  O O   . GLU A 1 153 ? 5.417   -7.519  -6.398  1.00 123.76 ? 131 GLU A O   1 
ATOM 893  C CB  . GLU A 1 153 ? 5.220   -10.846 -6.193  1.00 123.76 ? 131 GLU A CB  1 
ATOM 894  C CG  . GLU A 1 153 ? 5.236   -10.624 -7.686  1.00 123.76 ? 131 GLU A CG  1 
ATOM 895  C CD  . GLU A 1 153 ? 6.468   -9.880  -8.142  1.00 123.76 ? 131 GLU A CD  1 
ATOM 896  O OE1 . GLU A 1 153 ? 7.589   -10.368 -7.883  1.00 123.76 ? 131 GLU A OE1 1 
ATOM 897  O OE2 . GLU A 1 153 ? 6.319   -8.804  -8.757  1.00 123.76 ? 131 GLU A OE2 1 
ATOM 898  N N   . LEU A 1 154 ? 3.777   -8.298  -5.074  1.00 118.42 ? 132 LEU A N   1 
ATOM 899  C CA  . LEU A 1 154 ? 2.951   -7.109  -5.311  1.00 118.42 ? 132 LEU A CA  1 
ATOM 900  C C   . LEU A 1 154 ? 3.503   -5.882  -4.586  1.00 118.42 ? 132 LEU A C   1 
ATOM 901  O O   . LEU A 1 154 ? 3.433   -4.745  -5.100  1.00 118.42 ? 132 LEU A O   1 
ATOM 902  C CB  . LEU A 1 154 ? 1.515   -7.371  -4.872  1.00 118.42 ? 132 LEU A CB  1 
ATOM 903  C CG  . LEU A 1 154 ? 0.827   -8.577  -5.501  1.00 118.42 ? 132 LEU A CG  1 
ATOM 904  C CD1 . LEU A 1 154 ? -0.668  -8.491  -5.277  1.00 118.42 ? 132 LEU A CD1 1 
ATOM 905  C CD2 . LEU A 1 154 ? 1.142   -8.658  -6.980  1.00 118.42 ? 132 LEU A CD2 1 
ATOM 906  N N   . LYS A 1 155 ? 4.021   -6.091  -3.376  1.00 117.92 ? 133 LYS A N   1 
ATOM 907  C CA  . LYS A 1 155 ? 4.591   -4.981  -2.626  1.00 117.92 ? 133 LYS A CA  1 
ATOM 908  C C   . LYS A 1 155 ? 5.765   -4.362  -3.366  1.00 117.92 ? 133 LYS A C   1 
ATOM 909  O O   . LYS A 1 155 ? 6.075   -3.184  -3.164  1.00 117.92 ? 133 LYS A O   1 
ATOM 910  C CB  . LYS A 1 155 ? 5.021   -5.449  -1.240  1.00 117.92 ? 133 LYS A CB  1 
ATOM 911  C CG  . LYS A 1 155 ? 4.993   -4.357  -0.193  1.00 117.92 ? 133 LYS A CG  1 
ATOM 912  C CD  . LYS A 1 155 ? 5.373   -4.901  1.169   1.00 117.92 ? 133 LYS A CD  1 
ATOM 913  C CE  . LYS A 1 155 ? 6.760   -5.516  1.137   1.00 117.92 ? 133 LYS A CE  1 
ATOM 914  N NZ  . LYS A 1 155 ? 7.219   -5.932  2.491   1.00 117.92 ? 133 LYS A NZ  1 
ATOM 915  N N   . SER A 1 156 ? 6.421   -5.133  -4.229  1.00 120.51 ? 134 SER A N   1 
ATOM 916  C CA  . SER A 1 156 ? 7.545   -4.600  -4.989  1.00 120.51 ? 134 SER A CA  1 
ATOM 917  C C   . SER A 1 156 ? 7.131   -3.666  -6.122  1.00 120.51 ? 134 SER A C   1 
ATOM 918  O O   . SER A 1 156 ? 8.010   -3.193  -6.846  1.00 120.51 ? 134 SER A O   1 
ATOM 919  C CB  . SER A 1 156 ? 8.375   -5.746  -5.556  1.00 120.51 ? 134 SER A CB  1 
ATOM 920  O OG  . SER A 1 156 ? 9.431   -5.248  -6.354  1.00 120.51 ? 134 SER A OG  1 
ATOM 921  N N   . GLN A 1 157 ? 5.841   -3.392  -6.310  1.00 117.48 ? 135 GLN A N   1 
ATOM 922  C CA  . GLN A 1 157 ? 5.388   -2.483  -7.358  1.00 117.48 ? 135 GLN A CA  1 
ATOM 923  C C   . GLN A 1 157 ? 4.389   -1.448  -6.880  1.00 117.48 ? 135 GLN A C   1 
ATOM 924  O O   . GLN A 1 157 ? 4.138   -0.469  -7.612  1.00 117.48 ? 135 GLN A O   1 
ATOM 925  C CB  . GLN A 1 157 ? 4.759   -3.267  -8.516  1.00 117.48 ? 135 GLN A CB  1 
ATOM 926  C CG  . GLN A 1 157 ? 5.703   -4.239  -9.180  1.00 117.48 ? 135 GLN A CG  1 
ATOM 927  C CD  . GLN A 1 157 ? 4.978   -5.259  -10.024 1.00 117.48 ? 135 GLN A CD  1 
ATOM 928  O OE1 . GLN A 1 157 ? 3.749   -5.308  -10.035 1.00 117.48 ? 135 GLN A OE1 1 
ATOM 929  N NE2 . GLN A 1 157 ? 5.733   -6.083  -10.738 1.00 117.48 ? 135 GLN A NE2 1 
ATOM 930  N N   . LYS A 1 158 ? 3.772   -1.653  -5.713  1.00 115.45 ? 136 LYS A N   1 
ATOM 931  C CA  . LYS A 1 158 ? 2.932   -0.604  -5.137  1.00 115.45 ? 136 LYS A CA  1 
ATOM 932  C C   . LYS A 1 158 ? 3.602   0.770   -5.204  1.00 115.45 ? 136 LYS A C   1 
ATOM 933  O O   . LYS A 1 158 ? 2.974   1.765   -5.599  1.00 115.45 ? 136 LYS A O   1 
ATOM 934  C CB  . LYS A 1 158 ? 2.589   -0.949  -3.691  1.00 115.45 ? 136 LYS A CB  1 
ATOM 935  C CG  . LYS A 1 158 ? 2.369   0.262   -2.808  1.00 115.45 ? 136 LYS A CG  1 
ATOM 936  C CD  . LYS A 1 158 ? 2.558   -0.092  -1.349  1.00 115.45 ? 136 LYS A CD  1 
ATOM 937  C CE  . LYS A 1 158 ? 2.370   1.120   -0.462  1.00 115.45 ? 136 LYS A CE  1 
ATOM 938  N NZ  . LYS A 1 158 ? 2.602   0.792   0.969   1.00 115.45 ? 136 LYS A NZ  1 
ATOM 939  N N   . ASN A 1 159 ? 4.880   0.841   -4.826  1.00 115.91 ? 137 ASN A N   1 
ATOM 940  C CA  . ASN A 1 159 ? 5.566   2.126   -4.732  1.00 115.91 ? 137 ASN A CA  1 
ATOM 941  C C   . ASN A 1 159 ? 5.707   2.784   -6.098  1.00 115.91 ? 137 ASN A C   1 
ATOM 942  O O   . ASN A 1 159 ? 5.486   3.992   -6.242  1.00 115.91 ? 137 ASN A O   1 
ATOM 943  C CB  . ASN A 1 159 ? 6.938   1.940   -4.093  1.00 115.91 ? 137 ASN A CB  1 
ATOM 944  C CG  . ASN A 1 159 ? 6.852   1.633   -2.619  1.00 115.91 ? 137 ASN A CG  1 
ATOM 945  O OD1 . ASN A 1 159 ? 6.051   2.225   -1.898  1.00 115.91 ? 137 ASN A OD1 1 
ATOM 946  N ND2 . ASN A 1 159 ? 7.678   0.702   -2.160  1.00 115.91 ? 137 ASN A ND2 1 
ATOM 947  N N   . LEU A 1 160 ? 6.110   2.009   -7.103  1.00 104.94 ? 138 LEU A N   1 
ATOM 948  C CA  . LEU A 1 160 ? 6.251   2.562   -8.443  1.00 104.94 ? 138 LEU A CA  1 
ATOM 949  C C   . LEU A 1 160 ? 4.932   3.129   -8.938  1.00 104.94 ? 138 LEU A C   1 
ATOM 950  O O   . LEU A 1 160 ? 4.896   4.215   -9.537  1.00 104.94 ? 138 LEU A O   1 
ATOM 951  C CB  . LEU A 1 160 ? 6.761   1.492   -9.400  1.00 104.94 ? 138 LEU A CB  1 
ATOM 952  C CG  . LEU A 1 160 ? 6.949   1.976   -10.830 1.00 104.94 ? 138 LEU A CG  1 
ATOM 953  C CD1 . LEU A 1 160 ? 7.882   3.160   -10.842 1.00 104.94 ? 138 LEU A CD1 1 
ATOM 954  C CD2 . LEU A 1 160 ? 7.495   0.862   -11.691 1.00 104.94 ? 138 LEU A CD2 1 
ATOM 955  N N   . TYR A 1 161 ? 3.833   2.413   -8.696  1.00 112.73 ? 139 TYR A N   1 
ATOM 956  C CA  . TYR A 1 161 ? 2.542   2.932   -9.141  1.00 112.73 ? 139 TYR A CA  1 
ATOM 957  C C   . TYR A 1 161 ? 2.207   4.242   -8.442  1.00 112.73 ? 139 TYR A C   1 
ATOM 958  O O   . TYR A 1 161 ? 1.763   5.206   -9.081  1.00 112.73 ? 139 TYR A O   1 
ATOM 959  C CB  . TYR A 1 161 ? 1.441   1.900   -8.924  1.00 112.73 ? 139 TYR A CB  1 
ATOM 960  C CG  . TYR A 1 161 ? 1.343   0.916   -10.057 1.00 112.73 ? 139 TYR A CG  1 
ATOM 961  C CD1 . TYR A 1 161 ? 2.044   1.121   -11.231 1.00 112.73 ? 139 TYR A CD1 1 
ATOM 962  C CD2 . TYR A 1 161 ? 0.544   -0.207  -9.959  1.00 112.73 ? 139 TYR A CD2 1 
ATOM 963  C CE1 . TYR A 1 161 ? 1.962   0.232   -12.273 1.00 112.73 ? 139 TYR A CE1 1 
ATOM 964  C CE2 . TYR A 1 161 ? 0.454   -1.105  -10.997 1.00 112.73 ? 139 TYR A CE2 1 
ATOM 965  C CZ  . TYR A 1 161 ? 1.165   -0.879  -12.152 1.00 112.73 ? 139 TYR A CZ  1 
ATOM 966  O OH  . TYR A 1 161 ? 1.079   -1.771  -13.193 1.00 112.73 ? 139 TYR A OH  1 
ATOM 967  N N   . LEU A 1 162 ? 2.415   4.300   -7.125  1.00 103.59 ? 140 LEU A N   1 
ATOM 968  C CA  . LEU A 1 162 ? 2.128   5.540   -6.410  1.00 103.59 ? 140 LEU A CA  1 
ATOM 969  C C   . LEU A 1 162 ? 2.955   6.699   -6.954  1.00 103.59 ? 140 LEU A C   1 
ATOM 970  O O   . LEU A 1 162 ? 2.444   7.815   -7.121  1.00 103.59 ? 140 LEU A O   1 
ATOM 971  C CB  . LEU A 1 162 ? 2.383   5.364   -4.917  1.00 103.59 ? 140 LEU A CB  1 
ATOM 972  C CG  . LEU A 1 162 ? 1.169   4.911   -4.116  1.00 103.59 ? 140 LEU A CG  1 
ATOM 973  C CD1 . LEU A 1 162 ? 1.502   4.858   -2.639  1.00 103.59 ? 140 LEU A CD1 1 
ATOM 974  C CD2 . LEU A 1 162 ? 0.004   5.844   -4.370  1.00 103.59 ? 140 LEU A CD2 1 
ATOM 975  N N   . ALA A 1 163 ? 4.232   6.452   -7.240  1.00 103.81 ? 141 ALA A N   1 
ATOM 976  C CA  . ALA A 1 163 ? 5.092   7.519   -7.738  1.00 103.81 ? 141 ALA A CA  1 
ATOM 977  C C   . ALA A 1 163 ? 4.601   8.033   -9.083  1.00 103.81 ? 141 ALA A C   1 
ATOM 978  O O   . ALA A 1 163 ? 4.503   9.249   -9.302  1.00 103.81 ? 141 ALA A O   1 
ATOM 979  C CB  . ALA A 1 163 ? 6.531   7.026   -7.847  1.00 103.81 ? 141 ALA A CB  1 
ATOM 980  N N   . ARG A 1 164 ? 4.306   7.116   -10.008 1.00 100.77 ? 142 ARG A N   1 
ATOM 981  C CA  . ARG A 1 164 ? 3.827   7.546   -11.317 1.00 100.77 ? 142 ARG A CA  1 
ATOM 982  C C   . ARG A 1 164 ? 2.546   8.355   -11.191 1.00 100.77 ? 142 ARG A C   1 
ATOM 983  O O   . ARG A 1 164 ? 2.383   9.383   -11.861 1.00 100.77 ? 142 ARG A O   1 
ATOM 984  C CB  . ARG A 1 164 ? 3.612   6.342   -12.225 1.00 100.77 ? 142 ARG A CB  1 
ATOM 985  C CG  . ARG A 1 164 ? 4.887   5.801   -12.817 1.00 100.77 ? 142 ARG A CG  1 
ATOM 986  C CD  . ARG A 1 164 ? 4.615   4.573   -13.647 1.00 100.77 ? 142 ARG A CD  1 
ATOM 987  N NE  . ARG A 1 164 ? 3.649   4.846   -14.703 1.00 100.77 ? 142 ARG A NE  1 
ATOM 988  C CZ  . ARG A 1 164 ? 3.018   3.906   -15.393 1.00 100.77 ? 142 ARG A CZ  1 
ATOM 989  N NH1 . ARG A 1 164 ? 3.249   2.626   -15.138 1.00 100.77 ? 142 ARG A NH1 1 
ATOM 990  N NH2 . ARG A 1 164 ? 2.153   4.244   -16.338 1.00 100.77 ? 142 ARG A NH2 1 
ATOM 991  N N   . LEU A 1 165 ? 1.630   7.918   -10.326 1.00 97.05  ? 143 LEU A N   1 
ATOM 992  C CA  . LEU A 1 165 ? 0.376   8.646   -10.183 1.00 97.05  ? 143 LEU A CA  1 
ATOM 993  C C   . LEU A 1 165 ? 0.610   10.046  -9.638  1.00 97.05  ? 143 LEU A C   1 
ATOM 994  O O   . LEU A 1 165 ? -0.009  11.013  -10.103 1.00 97.05  ? 143 LEU A O   1 
ATOM 995  C CB  . LEU A 1 165 ? -0.586  7.873   -9.286  1.00 97.05  ? 143 LEU A CB  1 
ATOM 996  C CG  . LEU A 1 165 ? -2.014  8.403   -9.189  1.00 97.05  ? 143 LEU A CG  1 
ATOM 997  C CD1 . LEU A 1 165 ? -2.964  7.251   -8.964  1.00 97.05  ? 143 LEU A CD1 1 
ATOM 998  C CD2 . LEU A 1 165 ? -2.159  9.408   -8.065  1.00 97.05  ? 143 LEU A CD2 1 
ATOM 999  N N   . LYS A 1 166 ? 1.483   10.182  -8.640  1.00 98.46  ? 144 LYS A N   1 
ATOM 1000 C CA  . LYS A 1 166 ? 1.715   11.508  -8.076  1.00 98.46  ? 144 LYS A CA  1 
ATOM 1001 C C   . LYS A 1 166 ? 2.355   12.432  -9.100  1.00 98.46  ? 144 LYS A C   1 
ATOM 1002 O O   . LYS A 1 166 ? 2.007   13.618  -9.180  1.00 98.46  ? 144 LYS A O   1 
ATOM 1003 C CB  . LYS A 1 166 ? 2.574   11.410  -6.823  1.00 98.46  ? 144 LYS A CB  1 
ATOM 1004 C CG  . LYS A 1 166 ? 1.769   11.484  -5.548  1.00 98.46  ? 144 LYS A CG  1 
ATOM 1005 C CD  . LYS A 1 166 ? 2.580   11.019  -4.360  1.00 98.46  ? 144 LYS A CD  1 
ATOM 1006 C CE  . LYS A 1 166 ? 1.725   10.948  -3.110  1.00 98.46  ? 144 LYS A CE  1 
ATOM 1007 N NZ  . LYS A 1 166 ? 2.473   10.357  -1.969  1.00 98.46  ? 144 LYS A NZ  1 
ATOM 1008 N N   . SER A 1 167 ? 3.288   11.910  -9.898  1.00 98.73  ? 145 SER A N   1 
ATOM 1009 C CA  . SER A 1 167 ? 3.871   12.725  -10.959 1.00 98.73  ? 145 SER A CA  1 
ATOM 1010 C C   . SER A 1 167 ? 2.799   13.187  -11.935 1.00 98.73  ? 145 SER A C   1 
ATOM 1011 O O   . SER A 1 167 ? 2.753   14.364  -12.322 1.00 98.73  ? 145 SER A O   1 
ATOM 1012 C CB  . SER A 1 167 ? 4.955   11.943  -11.691 1.00 98.73  ? 145 SER A CB  1 
ATOM 1013 O OG  . SER A 1 167 ? 5.258   12.557  -12.930 1.00 98.73  ? 145 SER A OG  1 
ATOM 1014 N N   . ALA A 1 168 ? 1.925   12.267  -12.347 1.00 101.01 ? 146 ALA A N   1 
ATOM 1015 C CA  . ALA A 1 168 ? 0.882   12.627  -13.298 1.00 101.01 ? 146 ALA A CA  1 
ATOM 1016 C C   . ALA A 1 168 ? -0.035  13.702  -12.732 1.00 101.01 ? 146 ALA A C   1 
ATOM 1017 O O   . ALA A 1 168 ? -0.443  14.619  -13.452 1.00 101.01 ? 146 ALA A O   1 
ATOM 1018 C CB  . ALA A 1 168 ? 0.082   11.391  -13.692 1.00 101.01 ? 146 ALA A CB  1 
ATOM 1019 N N   . ILE A 1 169 ? -0.373  13.608  -11.445 1.00 102.95 ? 147 ILE A N   1 
ATOM 1020 C CA  . ILE A 1 169 ? -1.219  14.637  -10.842 1.00 102.95 ? 147 ILE A CA  1 
ATOM 1021 C C   . ILE A 1 169 ? -0.510  15.982  -10.854 1.00 102.95 ? 147 ILE A C   1 
ATOM 1022 O O   . ILE A 1 169 ? -1.074  16.999  -11.282 1.00 102.95 ? 147 ILE A O   1 
ATOM 1023 C CB  . ILE A 1 169 ? -1.631  14.238  -9.416  1.00 102.95 ? 147 ILE A CB  1 
ATOM 1024 C CG1 . ILE A 1 169 ? -2.832  13.304  -9.459  1.00 102.95 ? 147 ILE A CG1 1 
ATOM 1025 C CG2 . ILE A 1 169 ? -1.965  15.474  -8.602  1.00 102.95 ? 147 ILE A CG2 1 
ATOM 1026 C CD1 . ILE A 1 169 ? -3.307  12.882  -8.095  1.00 102.95 ? 147 ILE A CD1 1 
ATOM 1027 N N   . ALA A 1 170 ? 0.738   16.008  -10.379 1.00 110.96 ? 148 ALA A N   1 
ATOM 1028 C CA  . ALA A 1 170 ? 1.483   17.261  -10.333 1.00 110.96 ? 148 ALA A CA  1 
ATOM 1029 C C   . ALA A 1 170 ? 1.586   17.899  -11.706 1.00 110.96 ? 148 ALA A C   1 
ATOM 1030 O O   . ALA A 1 170 ? 1.622   19.132  -11.816 1.00 110.96 ? 148 ALA A O   1 
ATOM 1031 C CB  . ALA A 1 170 ? 2.876   17.023  -9.757  1.00 110.96 ? 148 ALA A CB  1 
ATOM 1032 N N   . ALA A 1 171 ? 1.624   17.083  -12.759 1.00 117.14 ? 149 ALA A N   1 
ATOM 1033 C CA  . ALA A 1 171 ? 1.690   17.630  -14.109 1.00 117.14 ? 149 ALA A CA  1 
ATOM 1034 C C   . ALA A 1 171 ? 0.558   18.623  -14.348 1.00 117.14 ? 149 ALA A C   1 
ATOM 1035 O O   . ALA A 1 171 ? 0.795   19.822  -14.532 1.00 117.14 ? 149 ALA A O   1 
ATOM 1036 C CB  . ALA A 1 171 ? 1.646   16.501  -15.138 1.00 117.14 ? 149 ALA A CB  1 
ATOM 1037 N N   . GLN A 1 172 ? -0.689  18.151  -14.305 1.00 124.45 ? 150 GLN A N   1 
ATOM 1038 C CA  . GLN A 1 172 ? -1.797  19.055  -14.580 1.00 124.45 ? 150 GLN A CA  1 
ATOM 1039 C C   . GLN A 1 172 ? -1.946  20.092  -13.480 1.00 124.45 ? 150 GLN A C   1 
ATOM 1040 O O   . GLN A 1 172 ? -2.438  21.196  -13.740 1.00 124.45 ? 150 GLN A O   1 
ATOM 1041 C CB  . GLN A 1 172 ? -3.111  18.295  -14.754 1.00 124.45 ? 150 GLN A CB  1 
ATOM 1042 C CG  . GLN A 1 172 ? -3.705  17.747  -13.476 1.00 124.45 ? 150 GLN A CG  1 
ATOM 1043 C CD  . GLN A 1 172 ? -5.019  17.034  -13.714 1.00 124.45 ? 150 GLN A CD  1 
ATOM 1044 O OE1 . GLN A 1 172 ? -5.513  16.976  -14.839 1.00 124.45 ? 150 GLN A OE1 1 
ATOM 1045 N NE2 . GLN A 1 172 ? -5.599  16.495  -12.650 1.00 124.45 ? 150 GLN A NE2 1 
ATOM 1046 N N   . LYS A 1 173 ? -1.424  19.807  -12.282 1.00 124.65 ? 151 LYS A N   1 
ATOM 1047 C CA  . LYS A 1 173 ? -1.580  20.743  -11.130 1.00 124.65 ? 151 LYS A CA  1 
ATOM 1048 C C   . LYS A 1 173 ? -0.996  22.122  -11.477 1.00 124.65 ? 151 LYS A C   1 
ATOM 1049 O O   . LYS A 1 173 ? -1.718  23.123  -11.297 1.00 124.65 ? 151 LYS A O   1 
ATOM 1050 C CB  . LYS A 1 173 ? -0.995  20.126  -9.854  1.00 124.65 ? 151 LYS A CB  1 
ATOM 1051 C CG  . LYS A 1 173 ? -0.455  21.100  -8.816  1.00 124.65 ? 151 LYS A CG  1 
ATOM 1052 C CD  . LYS A 1 173 ? 0.989   20.829  -8.450  1.00 124.65 ? 151 LYS A CD  1 
ATOM 1053 C CE  . LYS A 1 173 ? 1.155   20.288  -7.047  1.00 124.65 ? 151 LYS A CE  1 
ATOM 1054 N NZ  . LYS A 1 173 ? 0.872   18.834  -6.978  1.00 124.65 ? 151 LYS A NZ  1 
ATOM 1055 N N   . ILE A 1 174 ? 0.251   22.156  -11.965 1.00 128.05 ? 152 ILE A N   1 
ATOM 1056 C CA  . ILE A 1 174 ? 0.925   23.451  -12.282 1.00 128.05 ? 152 ILE A CA  1 
ATOM 1057 C C   . ILE A 1 174 ? 0.700   23.785  -13.757 1.00 128.05 ? 152 ILE A C   1 
ATOM 1058 O O   . ILE A 1 174 ? 1.161   24.855  -14.181 1.00 128.05 ? 152 ILE A O   1 
ATOM 1059 C CB  . ILE A 1 174 ? 2.424   23.416  -11.922 1.00 128.05 ? 152 ILE A CB  1 
ATOM 1060 C CG1 . ILE A 1 174 ? 3.033   22.026  -12.125 1.00 128.05 ? 152 ILE A CG1 1 
ATOM 1061 C CG2 . ILE A 1 174 ? 2.647   23.930  -10.508 1.00 128.05 ? 152 ILE A CG2 1 
ATOM 1062 C CD1 . ILE A 1 174 ? 3.811   21.871  -13.411 1.00 128.05 ? 152 ILE A CD1 1 
ATOM 1063 N N   . GLU A 1 175 ? 0.071   22.884  -14.517 1.00 139.05 ? 153 GLU A N   1 
ATOM 1064 C CA  . GLU A 1 175 ? -0.277  23.226  -15.921 1.00 139.05 ? 153 GLU A CA  1 
ATOM 1065 C C   . GLU A 1 175 ? -1.519  24.110  -15.821 1.00 139.05 ? 153 GLU A C   1 
ATOM 1066 O O   . GLU A 1 175 ? -1.713  24.963  -16.711 1.00 139.05 ? 153 GLU A O   1 
ATOM 1067 C CB  . GLU A 1 175 ? -0.509  21.975  -16.770 1.00 139.05 ? 153 GLU A CB  1 
ATOM 1068 C CG  . GLU A 1 175 ? -0.354  22.211  -18.265 1.00 139.05 ? 153 GLU A CG  1 
ATOM 1069 C CD  . GLU A 1 175 ? 0.698   23.228  -18.682 1.00 139.05 ? 153 GLU A CD  1 
ATOM 1070 O OE1 . GLU A 1 175 ? 1.900   22.914  -18.569 1.00 139.05 ? 153 GLU A OE1 1 
ATOM 1071 O OE2 . GLU A 1 175 ? 0.312   24.327  -19.133 1.00 139.05 ? 153 GLU A OE2 1 
ATOM 1072 N N   . GLU A 1 176 ? -2.305  23.926  -14.753 1.00 144.93 ? 154 GLU A N   1 
ATOM 1073 C CA  . GLU A 1 176 ? -3.456  24.797  -14.549 1.00 144.93 ? 154 GLU A CA  1 
ATOM 1074 C C   . GLU A 1 176 ? -3.010  26.237  -14.347 1.00 144.93 ? 154 GLU A C   1 
ATOM 1075 O O   . GLU A 1 176 ? -3.375  27.127  -15.122 1.00 144.93 ? 154 GLU A O   1 
ATOM 1076 C CB  . GLU A 1 176 ? -4.273  24.292  -13.357 1.00 144.93 ? 154 GLU A CB  1 
ATOM 1077 C CG  . GLU A 1 176 ? -5.559  25.056  -13.050 1.00 144.93 ? 154 GLU A CG  1 
ATOM 1078 C CD  . GLU A 1 176 ? -6.365  24.491  -11.887 1.00 144.93 ? 154 GLU A CD  1 
ATOM 1079 O OE1 . GLU A 1 176 ? -5.894  23.506  -11.281 1.00 144.93 ? 154 GLU A OE1 1 
ATOM 1080 O OE2 . GLU A 1 176 ? -7.462  24.997  -11.581 1.00 144.93 ? 154 GLU A OE2 1 
ATOM 1081 N N   . ILE A 1 177 ? -2.226  26.488  -13.296 1.00 140.84 ? 155 ILE A N   1 
ATOM 1082 C CA  . ILE A 1 177 ? -1.706  27.828  -13.075 1.00 140.84 ? 155 ILE A CA  1 
ATOM 1083 C C   . ILE A 1 177 ? -0.788  28.202  -14.219 1.00 140.84 ? 155 ILE A C   1 
ATOM 1084 O O   . ILE A 1 177 ? 0.077   27.418  -14.626 1.00 140.84 ? 155 ILE A O   1 
ATOM 1085 C CB  . ILE A 1 177 ? -0.944  27.919  -11.744 1.00 140.84 ? 155 ILE A CB  1 
ATOM 1086 C CG1 . ILE A 1 177 ? -1.860  27.617  -10.568 1.00 140.84 ? 155 ILE A CG1 1 
ATOM 1087 C CG2 . ILE A 1 177 ? -0.337  29.295  -11.577 1.00 140.84 ? 155 ILE A CG2 1 
ATOM 1088 C CD1 . ILE A 1 177 ? -1.096  27.421  -9.293  1.00 140.84 ? 155 ILE A CD1 1 
ATOM 1089 N N   . ALA A 1 178 ? -0.966  29.413  -14.735 1.00 147.71 ? 156 ALA A N   1 
ATOM 1090 C CA  . ALA A 1 178 ? -0.062  29.974  -15.728 1.00 147.71 ? 156 ALA A CA  1 
ATOM 1091 C C   . ALA A 1 178 ? 0.099   29.022  -16.908 1.00 147.71 ? 156 ALA A C   1 
ATOM 1092 O O   . ALA A 1 178 ? 1.162   28.445  -17.138 1.00 147.71 ? 156 ALA A O   1 
ATOM 1093 C CB  . ALA A 1 178 ? 1.292   30.300  -15.099 1.00 147.71 ? 156 ALA A CB  1 
ATOM 1094 N N   . GLY A 1 179 ? -0.999  28.838  -17.630 1.00 167.19 ? 157 GLY A N   1 
ATOM 1095 C CA  . GLY A 1 179 ? -0.997  27.981  -18.796 1.00 167.19 ? 157 GLY A CA  1 
ATOM 1096 C C   . GLY A 1 179 ? 0.118   28.322  -19.760 1.00 167.19 ? 157 GLY A C   1 
ATOM 1097 O O   . GLY A 1 179 ? 0.564   29.470  -19.818 1.00 167.19 ? 157 GLY A O   1 
ATOM 1098 N N   . ASN A 1 180 ? 0.595   27.327  -20.508 1.00 181.59 ? 158 ASN A N   1 
ATOM 1099 C CA  . ASN A 1 180 ? 1.675   27.575  -21.454 1.00 181.59 ? 158 ASN A CA  1 
ATOM 1100 C C   . ASN A 1 180 ? 1.235   28.454  -22.616 1.00 181.59 ? 158 ASN A C   1 
ATOM 1101 O O   . ASN A 1 180 ? 2.091   28.955  -23.355 1.00 181.59 ? 158 ASN A O   1 
ATOM 1102 C CB  . ASN A 1 180 ? 2.225   26.250  -21.978 1.00 181.59 ? 158 ASN A CB  1 
ATOM 1103 C CG  . ASN A 1 180 ? 1.131   25.267  -22.331 1.00 181.59 ? 158 ASN A CG  1 
ATOM 1104 O OD1 . ASN A 1 180 ? -0.049  25.617  -22.367 1.00 181.59 ? 158 ASN A OD1 1 
ATOM 1105 N ND2 . ASN A 1 180 ? 1.518   24.023  -22.592 1.00 181.59 ? 158 ASN A ND2 1 
ATOM 1106 N N   . LEU A 1 181 ? -0.072  28.648  -22.791 1.00 192.44 ? 159 LEU A N   1 
ATOM 1107 C CA  . LEU A 1 181 ? -0.623  29.471  -23.866 1.00 192.44 ? 159 LEU A CA  1 
ATOM 1108 C C   . LEU A 1 181 ? -0.184  28.986  -25.243 1.00 192.44 ? 159 LEU A C   1 
ATOM 1109 O O   . LEU A 1 181 ? -0.091  29.776  -26.187 1.00 192.44 ? 159 LEU A O   1 
ATOM 1110 C CB  . LEU A 1 181 ? -0.269  30.950  -23.688 1.00 192.44 ? 159 LEU A CB  1 
ATOM 1111 C CG  . LEU A 1 181 ? -1.240  31.807  -22.872 1.00 192.44 ? 159 LEU A CG  1 
ATOM 1112 C CD1 . LEU A 1 181 ? -2.600  31.864  -23.557 1.00 192.44 ? 159 LEU A CD1 1 
ATOM 1113 C CD2 . LEU A 1 181 ? -1.378  31.302  -21.450 1.00 192.44 ? 159 LEU A CD2 1 
ATOM 1114 N N   . ASP A 1 182 ? 0.106   27.689  -25.371 1.00 200.42 ? 160 ASP A N   1 
ATOM 1115 C CA  . ASP A 1 182 ? 0.207   27.101  -26.702 1.00 200.42 ? 160 ASP A CA  1 
ATOM 1116 C C   . ASP A 1 182 ? -1.091  27.314  -27.466 1.00 200.42 ? 160 ASP A C   1 
ATOM 1117 O O   . ASP A 1 182 ? -1.082  27.558  -28.678 1.00 200.42 ? 160 ASP A O   1 
ATOM 1118 C CB  . ASP A 1 182 ? 0.546   25.615  -26.603 1.00 200.42 ? 160 ASP A CB  1 
ATOM 1119 N N   . ASN A 1 183 ? -2.217  27.226  -26.764 1.00 203.47 ? 161 ASN A N   1 
ATOM 1120 C CA  . ASN A 1 183 ? -3.500  27.715  -27.234 1.00 203.47 ? 161 ASN A CA  1 
ATOM 1121 C C   . ASN A 1 183 ? -4.051  28.690  -26.204 1.00 203.47 ? 161 ASN A C   1 
ATOM 1122 O O   . ASN A 1 183 ? -3.785  28.568  -25.004 1.00 203.47 ? 161 ASN A O   1 
ATOM 1123 C CB  . ASN A 1 183 ? -4.485  26.559  -27.478 1.00 203.47 ? 161 ASN A CB  1 
ATOM 1124 C CG  . ASN A 1 183 ? -4.777  25.750  -26.221 1.00 203.47 ? 161 ASN A CG  1 
ATOM 1125 O OD1 . ASN A 1 183 ? -5.281  26.273  -25.227 1.00 203.47 ? 161 ASN A OD1 1 
ATOM 1126 N ND2 . ASN A 1 183 ? -4.454  24.464  -26.266 1.00 203.47 ? 161 ASN A ND2 1 
ATOM 1127 N N   . ALA A 1 184 ? -4.811  29.674  -26.680 1.00 206.70 ? 162 ALA A N   1 
ATOM 1128 C CA  . ALA A 1 184 ? -5.433  30.655  -25.805 1.00 206.70 ? 162 ALA A CA  1 
ATOM 1129 C C   . ALA A 1 184 ? -6.810  30.216  -25.329 1.00 206.70 ? 162 ALA A C   1 
ATOM 1130 O O   . ALA A 1 184 ? -7.629  31.066  -24.959 1.00 206.70 ? 162 ALA A O   1 
ATOM 1131 C CB  . ALA A 1 184 ? -5.526  32.010  -26.510 1.00 206.70 ? 162 ALA A CB  1 
ATOM 1132 N N   . SER A 1 185 ? -7.078  28.908  -25.331 1.00 205.66 ? 163 SER A N   1 
ATOM 1133 C CA  . SER A 1 185 ? -8.401  28.419  -24.959 1.00 205.66 ? 163 SER A CA  1 
ATOM 1134 C C   . SER A 1 185 ? -8.739  28.767  -23.515 1.00 205.66 ? 163 SER A C   1 
ATOM 1135 O O   . SER A 1 185 ? -9.871  29.166  -23.216 1.00 205.66 ? 163 SER A O   1 
ATOM 1136 C CB  . SER A 1 185 ? -8.478  26.909  -25.176 1.00 205.66 ? 163 SER A CB  1 
ATOM 1137 O OG  . SER A 1 185 ? -7.565  26.229  -24.332 1.00 205.66 ? 163 SER A OG  1 
ATOM 1138 N N   . ALA A 1 186 ? -7.774  28.628  -22.609 1.00 196.37 ? 164 ALA A N   1 
ATOM 1139 C CA  . ALA A 1 186 ? -8.011  28.925  -21.203 1.00 196.37 ? 164 ALA A CA  1 
ATOM 1140 C C   . ALA A 1 186 ? -6.678  29.058  -20.488 1.00 196.37 ? 164 ALA A C   1 
ATOM 1141 O O   . ALA A 1 186 ? -5.792  28.215  -20.658 1.00 196.37 ? 164 ALA A O   1 
ATOM 1142 C CB  . ALA A 1 186 ? -8.860  27.833  -20.541 1.00 196.37 ? 164 ALA A CB  1 
ATOM 1143 N N   . SER A 1 187 ? -6.541  30.117  -19.695 1.00 172.63 ? 165 SER A N   1 
ATOM 1144 C CA  . SER A 1 187 ? -5.407  30.294  -18.803 1.00 172.63 ? 165 SER A CA  1 
ATOM 1145 C C   . SER A 1 187 ? -5.916  30.919  -17.517 1.00 172.63 ? 165 SER A C   1 
ATOM 1146 O O   . SER A 1 187 ? -6.836  31.741  -17.545 1.00 172.63 ? 165 SER A O   1 
ATOM 1147 C CB  . SER A 1 187 ? -4.320  31.174  -19.421 1.00 172.63 ? 165 SER A CB  1 
ATOM 1148 O OG  . SER A 1 187 ? -3.449  31.668  -18.419 1.00 172.63 ? 165 SER A OG  1 
ATOM 1149 N N   . SER A 1 188 ? -5.321  30.534  -16.397 1.00 156.76 ? 166 SER A N   1 
ATOM 1150 C CA  . SER A 1 188 ? -5.828  30.927  -15.095 1.00 156.76 ? 166 SER A CA  1 
ATOM 1151 C C   . SER A 1 188 ? -4.720  31.525  -14.244 1.00 156.76 ? 166 SER A C   1 
ATOM 1152 O O   . SER A 1 188 ? -3.545  31.173  -14.391 1.00 156.76 ? 166 SER A O   1 
ATOM 1153 C CB  . SER A 1 188 ? -6.455  29.736  -14.368 1.00 156.76 ? 166 SER A CB  1 
ATOM 1154 O OG  . SER A 1 188 ? -7.836  29.633  -14.667 1.00 156.76 ? 166 SER A OG  1 
ATOM 1155 N N   . LEU A 1 189 ? -5.111  32.467  -13.390 1.00 145.41 ? 167 LEU A N   1 
ATOM 1156 C CA  . LEU A 1 189 ? -4.279  33.022  -12.330 1.00 145.41 ? 167 LEU A CA  1 
ATOM 1157 C C   . LEU A 1 189 ? -3.130  33.864  -12.867 1.00 145.41 ? 167 LEU A C   1 
ATOM 1158 O O   . LEU A 1 189 ? -2.458  34.549  -12.094 1.00 145.41 ? 167 LEU A O   1 
ATOM 1159 C CB  . LEU A 1 189 ? -3.739  31.908  -11.433 1.00 145.41 ? 167 LEU A CB  1 
ATOM 1160 C CG  . LEU A 1 189 ? -4.612  31.505  -10.243 1.00 145.41 ? 167 LEU A CG  1 
ATOM 1161 C CD1 . LEU A 1 189 ? -4.784  32.670  -9.283  1.00 145.41 ? 167 LEU A CD1 1 
ATOM 1162 C CD2 . LEU A 1 189 ? -5.960  30.979  -10.700 1.00 145.41 ? 167 LEU A CD2 1 
ATOM 1163 N N   . PHE A 1 190 ? -2.921  33.859  -14.183 1.00 138.17 ? 168 PHE A N   1 
ATOM 1164 C CA  . PHE A 1 190 ? -2.057  34.834  -14.825 1.00 138.17 ? 168 PHE A CA  1 
ATOM 1165 C C   . PHE A 1 190 ? -2.782  35.653  -15.875 1.00 138.17 ? 168 PHE A C   1 
ATOM 1166 O O   . PHE A 1 190 ? -2.192  36.594  -16.416 1.00 138.17 ? 168 PHE A O   1 
ATOM 1167 C CB  . PHE A 1 190 ? -0.839  34.167  -15.481 1.00 138.17 ? 168 PHE A CB  1 
ATOM 1168 C CG  . PHE A 1 190 ? 0.331   33.985  -14.556 1.00 138.17 ? 168 PHE A CG  1 
ATOM 1169 C CD1 . PHE A 1 190 ? 0.198   34.169  -13.195 1.00 138.17 ? 168 PHE A CD1 1 
ATOM 1170 C CD2 . PHE A 1 190 ? 1.581   33.674  -15.058 1.00 138.17 ? 168 PHE A CD2 1 
ATOM 1171 C CE1 . PHE A 1 190 ? 1.271   34.005  -12.348 1.00 138.17 ? 168 PHE A CE1 1 
ATOM 1172 C CE2 . PHE A 1 190 ? 2.658   33.511  -14.215 1.00 138.17 ? 168 PHE A CE2 1 
ATOM 1173 C CZ  . PHE A 1 190 ? 2.502   33.679  -12.858 1.00 138.17 ? 168 PHE A CZ  1 
ATOM 1174 N N   . GLU A 1 191 ? -4.029  35.321  -16.184 1.00 140.91 ? 169 GLU A N   1 
ATOM 1175 C CA  . GLU A 1 191 ? -4.851  36.155  -17.044 1.00 140.91 ? 169 GLU A CA  1 
ATOM 1176 C C   . GLU A 1 191 ? -5.924  36.901  -16.278 1.00 140.91 ? 169 GLU A C   1 
ATOM 1177 O O   . GLU A 1 191 ? -6.131  38.090  -16.532 1.00 140.91 ? 169 GLU A O   1 
ATOM 1178 C CB  . GLU A 1 191 ? -5.506  35.310  -18.139 1.00 140.91 ? 169 GLU A CB  1 
ATOM 1179 C CG  . GLU A 1 191 ? -4.506  34.759  -19.124 1.00 140.91 ? 169 GLU A CG  1 
ATOM 1180 C CD  . GLU A 1 191 ? -3.363  35.719  -19.372 1.00 140.91 ? 169 GLU A CD  1 
ATOM 1181 O OE1 . GLU A 1 191 ? -3.610  36.814  -19.917 1.00 140.91 ? 169 GLU A OE1 1 
ATOM 1182 O OE2 . GLU A 1 191 ? -2.217  35.383  -19.008 1.00 140.91 ? 169 GLU A OE2 1 
ATOM 1183 N N   . ARG A 1 192 ? -6.599  36.235  -15.343 1.00 142.44 ? 170 ARG A N   1 
ATOM 1184 C CA  . ARG A 1 192 ? -7.527  36.942  -14.472 1.00 142.44 ? 170 ARG A CA  1 
ATOM 1185 C C   . ARG A 1 192 ? -6.830  38.096  -13.766 1.00 142.44 ? 170 ARG A C   1 
ATOM 1186 O O   . ARG A 1 192 ? -7.392  39.190  -13.645 1.00 142.44 ? 170 ARG A O   1 
ATOM 1187 C CB  . ARG A 1 192 ? -8.136  35.975  -13.461 1.00 142.44 ? 170 ARG A CB  1 
ATOM 1188 C CG  . ARG A 1 192 ? -8.555  34.654  -14.071 1.00 142.44 ? 170 ARG A CG  1 
ATOM 1189 C CD  . ARG A 1 192 ? -9.241  33.766  -13.051 1.00 142.44 ? 170 ARG A CD  1 
ATOM 1190 N NE  . ARG A 1 192 ? -9.464  32.419  -13.570 1.00 142.44 ? 170 ARG A NE  1 
ATOM 1191 C CZ  . ARG A 1 192 ? -10.039 31.438  -12.881 1.00 142.44 ? 170 ARG A CZ  1 
ATOM 1192 N NH1 . ARG A 1 192 ? -10.454 31.652  -11.641 1.00 142.44 ? 170 ARG A NH1 1 
ATOM 1193 N NH2 . ARG A 1 192 ? -10.200 30.245  -13.434 1.00 142.44 ? 170 ARG A NH2 1 
ATOM 1194 N N   . ILE A 1 193 ? -5.593  37.880  -13.322 1.00 130.10 ? 171 ILE A N   1 
ATOM 1195 C CA  . ILE A 1 193 ? -4.827  38.963  -12.719 1.00 130.10 ? 171 ILE A CA  1 
ATOM 1196 C C   . ILE A 1 193 ? -4.494  40.025  -13.758 1.00 130.10 ? 171 ILE A C   1 
ATOM 1197 O O   . ILE A 1 193 ? -4.641  41.228  -13.509 1.00 130.10 ? 171 ILE A O   1 
ATOM 1198 C CB  . ILE A 1 193 ? -3.560  38.407  -12.053 1.00 130.10 ? 171 ILE A CB  1 
ATOM 1199 C CG1 . ILE A 1 193 ? -3.931  37.389  -10.978 1.00 130.10 ? 171 ILE A CG1 1 
ATOM 1200 C CG2 . ILE A 1 193 ? -2.740  39.528  -11.462 1.00 130.10 ? 171 ILE A CG2 1 
ATOM 1201 C CD1 . ILE A 1 193 ? -4.943  37.897  -9.983  1.00 130.10 ? 171 ILE A CD1 1 
ATOM 1202 N N   . GLU A 1 194 ? -4.041  39.599  -14.937 1.00 127.18 ? 172 GLU A N   1 
ATOM 1203 C CA  . GLU A 1 194 ? -3.715  40.553  -15.990 1.00 127.18 ? 172 GLU A CA  1 
ATOM 1204 C C   . GLU A 1 194 ? -4.943  41.343  -16.419 1.00 127.18 ? 172 GLU A C   1 
ATOM 1205 O O   . GLU A 1 194 ? -4.884  42.572  -16.570 1.00 127.18 ? 172 GLU A O   1 
ATOM 1206 C CB  . GLU A 1 194 ? -3.111  39.817  -17.181 1.00 127.18 ? 172 GLU A CB  1 
ATOM 1207 C CG  . GLU A 1 194 ? -2.930  40.685  -18.399 1.00 127.18 ? 172 GLU A CG  1 
ATOM 1208 C CD  . GLU A 1 194 ? -1.749  41.612  -18.264 1.00 127.18 ? 172 GLU A CD  1 
ATOM 1209 O OE1 . GLU A 1 194 ? -0.862  41.320  -17.437 1.00 127.18 ? 172 GLU A OE1 1 
ATOM 1210 O OE2 . GLU A 1 194 ? -1.707  42.630  -18.983 1.00 127.18 ? 172 GLU A OE2 1 
ATOM 1211 N N   . THR A 1 195 ? -6.066  40.655  -16.622 1.00 128.69 ? 173 THR A N   1 
ATOM 1212 C CA  . THR A 1 195 ? -7.281  41.352  -17.024 1.00 128.69 ? 173 THR A CA  1 
ATOM 1213 C C   . THR A 1 195 ? -7.764  42.291  -15.933 1.00 128.69 ? 173 THR A C   1 
ATOM 1214 O O   . THR A 1 195 ? -8.232  43.392  -16.226 1.00 128.69 ? 173 THR A O   1 
ATOM 1215 C CB  . THR A 1 195 ? -8.378  40.356  -17.386 1.00 128.69 ? 173 THR A CB  1 
ATOM 1216 O OG1 . THR A 1 195 ? -8.591  39.461  -16.288 1.00 128.69 ? 173 THR A OG1 1 
ATOM 1217 C CG2 . THR A 1 195 ? -7.994  39.570  -18.625 1.00 128.69 ? 173 THR A CG2 1 
ATOM 1218 N N   . LYS A 1 196 ? -7.660  41.886  -14.666 1.00 119.39 ? 174 LYS A N   1 
ATOM 1219 C CA  . LYS A 1 196 ? -8.067  42.783  -13.595 1.00 119.39 ? 174 LYS A CA  1 
ATOM 1220 C C   . LYS A 1 196 ? -7.190  44.021  -13.523 1.00 119.39 ? 174 LYS A C   1 
ATOM 1221 O O   . LYS A 1 196 ? -7.709  45.121  -13.308 1.00 119.39 ? 174 LYS A O   1 
ATOM 1222 C CB  . LYS A 1 196 ? -8.048  42.061  -12.253 1.00 119.39 ? 174 LYS A CB  1 
ATOM 1223 C CG  . LYS A 1 196 ? -8.620  42.890  -11.129 1.00 119.39 ? 174 LYS A CG  1 
ATOM 1224 C CD  . LYS A 1 196 ? -9.208  42.022  -10.039 1.00 119.39 ? 174 LYS A CD  1 
ATOM 1225 C CE  . LYS A 1 196 ? -8.163  41.656  -9.005  1.00 119.39 ? 174 LYS A CE  1 
ATOM 1226 N NZ  . LYS A 1 196 ? -8.753  40.904  -7.865  1.00 119.39 ? 174 LYS A NZ  1 
ATOM 1227 N N   . ILE A 1 197 ? -5.881  43.871  -13.711 1.00 116.70 ? 175 ILE A N   1 
ATOM 1228 C CA  . ILE A 1 197 ? -5.001  45.032  -13.744 1.00 116.70 ? 175 ILE A CA  1 
ATOM 1229 C C   . ILE A 1 197 ? -5.393  45.969  -14.875 1.00 116.70 ? 175 ILE A C   1 
ATOM 1230 O O   . ILE A 1 197 ? -5.545  47.182  -14.675 1.00 116.70 ? 175 ILE A O   1 
ATOM 1231 C CB  . ILE A 1 197 ? -3.535  44.586  -13.872 1.00 116.70 ? 175 ILE A CB  1 
ATOM 1232 C CG1 . ILE A 1 197 ? -3.009  44.093  -12.527 1.00 116.70 ? 175 ILE A CG1 1 
ATOM 1233 C CG2 . ILE A 1 197 ? -2.679  45.718  -14.403 1.00 116.70 ? 175 ILE A CG2 1 
ATOM 1234 C CD1 . ILE A 1 197 ? -1.614  43.533  -12.598 1.00 116.70 ? 175 ILE A CD1 1 
ATOM 1235 N N   . LEU A 1 198 ? -5.542  45.422  -16.083 1.00 115.48 ? 176 LEU A N   1 
ATOM 1236 C CA  . LEU A 1 198 ? -5.902  46.254  -17.225 1.00 115.48 ? 176 LEU A CA  1 
ATOM 1237 C C   . LEU A 1 198 ? -7.237  46.946  -16.999 1.00 115.48 ? 176 LEU A C   1 
ATOM 1238 O O   . LEU A 1 198 ? -7.397  48.126  -17.323 1.00 115.48 ? 176 LEU A O   1 
ATOM 1239 C CB  . LEU A 1 198 ? -5.943  45.410  -18.493 1.00 115.48 ? 176 LEU A CB  1 
ATOM 1240 C CG  . LEU A 1 198 ? -4.674  45.485  -19.332 1.00 115.48 ? 176 LEU A CG  1 
ATOM 1241 C CD1 . LEU A 1 198 ? -4.795  44.608  -20.557 1.00 115.48 ? 176 LEU A CD1 1 
ATOM 1242 C CD2 . LEU A 1 198 ? -4.414  46.922  -19.726 1.00 115.48 ? 176 LEU A CD2 1 
ATOM 1243 N N   . GLU A 1 199 ? -8.199  46.228  -16.425 1.00 123.88 ? 177 GLU A N   1 
ATOM 1244 C CA  . GLU A 1 199 ? -9.509  46.799  -16.151 1.00 123.88 ? 177 GLU A CA  1 
ATOM 1245 C C   . GLU A 1 199 ? -9.408  47.964  -15.181 1.00 123.88 ? 177 GLU A C   1 
ATOM 1246 O O   . GLU A 1 199 ? -9.974  49.035  -15.422 1.00 123.88 ? 177 GLU A O   1 
ATOM 1247 C CB  . GLU A 1 199 ? -10.431 45.713  -15.603 1.00 123.88 ? 177 GLU A CB  1 
ATOM 1248 C CG  . GLU A 1 199 ? -11.811 46.190  -15.205 1.00 123.88 ? 177 GLU A CG  1 
ATOM 1249 C CD  . GLU A 1 199 ? -11.862 46.674  -13.771 1.00 123.88 ? 177 GLU A CD  1 
ATOM 1250 O OE1 . GLU A 1 199 ? -10.872 46.465  -13.042 1.00 123.88 ? 177 GLU A OE1 1 
ATOM 1251 O OE2 . GLU A 1 199 ? -12.889 47.261  -13.372 1.00 123.88 ? 177 GLU A OE2 1 
ATOM 1252 N N   . LEU A 1 200 ? -8.717  47.762  -14.058 1.00 121.28 ? 178 LEU A N   1 
ATOM 1253 C CA  . LEU A 1 200 ? -8.603  48.828  -13.070 1.00 121.28 ? 178 LEU A CA  1 
ATOM 1254 C C   . LEU A 1 200 ? -7.918  50.049  -13.659 1.00 121.28 ? 178 LEU A C   1 
ATOM 1255 O O   . LEU A 1 200 ? -8.358  51.186  -13.442 1.00 121.28 ? 178 LEU A O   1 
ATOM 1256 C CB  . LEU A 1 200 ? -7.843  48.329  -11.846 1.00 121.28 ? 178 LEU A CB  1 
ATOM 1257 C CG  . LEU A 1 200 ? -8.703  47.575  -10.838 1.00 121.28 ? 178 LEU A CG  1 
ATOM 1258 C CD1 . LEU A 1 200 ? -7.868  47.099  -9.672  1.00 121.28 ? 178 LEU A CD1 1 
ATOM 1259 C CD2 . LEU A 1 200 ? -9.831  48.460  -10.363 1.00 121.28 ? 178 LEU A CD2 1 
ATOM 1260 N N   . GLU A 1 201 ? -6.844  49.835  -14.418 1.00 132.67 ? 179 GLU A N   1 
ATOM 1261 C CA  . GLU A 1 201 ? -6.145  50.962  -15.019 1.00 132.67 ? 179 GLU A CA  1 
ATOM 1262 C C   . GLU A 1 201 ? -7.056  51.710  -15.979 1.00 132.67 ? 179 GLU A C   1 
ATOM 1263 O O   . GLU A 1 201 ? -7.135  52.945  -15.950 1.00 132.67 ? 179 GLU A O   1 
ATOM 1264 C CB  . GLU A 1 201 ? -4.882  50.473  -15.726 1.00 132.67 ? 179 GLU A CB  1 
ATOM 1265 C CG  . GLU A 1 201 ? -3.952  51.577  -16.210 1.00 132.67 ? 179 GLU A CG  1 
ATOM 1266 C CD  . GLU A 1 201 ? -4.435  52.265  -17.471 1.00 132.67 ? 179 GLU A CD  1 
ATOM 1267 O OE1 . GLU A 1 201 ? -5.204  51.645  -18.233 1.00 132.67 ? 179 GLU A OE1 1 
ATOM 1268 O OE2 . GLU A 1 201 ? -4.048  53.431  -17.695 1.00 132.67 ? 179 GLU A OE2 1 
ATOM 1269 N N   . ALA A 1 202 ? -7.751  50.975  -16.850 1.00 130.37 ? 180 ALA A N   1 
ATOM 1270 C CA  . ALA A 1 202 ? -8.615  51.620  -17.829 1.00 130.37 ? 180 ALA A CA  1 
ATOM 1271 C C   . ALA A 1 202 ? -9.742  52.381  -17.152 1.00 130.37 ? 180 ALA A C   1 
ATOM 1272 O O   . ALA A 1 202 ? -10.111 53.473  -17.592 1.00 130.37 ? 180 ALA A O   1 
ATOM 1273 C CB  . ALA A 1 202 ? -9.176  50.582  -18.798 1.00 130.37 ? 180 ALA A CB  1 
ATOM 1274 N N   . GLU A 1 203 ? -10.296 51.828  -16.076 1.00 133.31 ? 181 GLU A N   1 
ATOM 1275 C CA  . GLU A 1 203 ? -11.372 52.518  -15.372 1.00 133.31 ? 181 GLU A CA  1 
ATOM 1276 C C   . GLU A 1 203 ? -10.873 53.808  -14.741 1.00 133.31 ? 181 GLU A C   1 
ATOM 1277 O O   . GLU A 1 203 ? -11.503 54.864  -14.877 1.00 133.31 ? 181 GLU A O   1 
ATOM 1278 C CB  . GLU A 1 203 ? -11.975 51.603  -14.310 1.00 133.31 ? 181 GLU A CB  1 
ATOM 1279 C CG  . GLU A 1 203 ? -12.653 52.353  -13.184 1.00 133.31 ? 181 GLU A CG  1 
ATOM 1280 C CD  . GLU A 1 203 ? -13.314 51.423  -12.195 1.00 133.31 ? 181 GLU A CD  1 
ATOM 1281 O OE1 . GLU A 1 203 ? -13.437 50.220  -12.500 1.00 133.31 ? 181 GLU A OE1 1 
ATOM 1282 O OE2 . GLU A 1 203 ? -13.711 51.894  -11.110 1.00 133.31 ? 181 GLU A OE2 1 
ATOM 1283 N N   . ARG A 1 204 ? -9.743  53.740  -14.033 1.00 133.68 ? 182 ARG A N   1 
ATOM 1284 C CA  . ARG A 1 204 ? -9.190  54.948  -13.434 1.00 133.68 ? 182 ARG A CA  1 
ATOM 1285 C C   . ARG A 1 204 ? -8.916  56.002  -14.495 1.00 133.68 ? 182 ARG A C   1 
ATOM 1286 O O   . ARG A 1 204 ? -9.161  57.192  -14.275 1.00 133.68 ? 182 ARG A O   1 
ATOM 1287 C CB  . ARG A 1 204 ? -7.916  54.622  -12.660 1.00 133.68 ? 182 ARG A CB  1 
ATOM 1288 C CG  . ARG A 1 204 ? -7.379  55.775  -11.832 1.00 133.68 ? 182 ARG A CG  1 
ATOM 1289 C CD  . ARG A 1 204 ? -6.306  56.551  -12.576 1.00 133.68 ? 182 ARG A CD  1 
ATOM 1290 N NE  . ARG A 1 204 ? -5.262  55.673  -13.090 1.00 133.68 ? 182 ARG A NE  1 
ATOM 1291 C CZ  . ARG A 1 204 ? -4.250  56.087  -13.842 1.00 133.68 ? 182 ARG A CZ  1 
ATOM 1292 N NH1 . ARG A 1 204 ? -4.145  57.367  -14.168 1.00 133.68 ? 182 ARG A NH1 1 
ATOM 1293 N NH2 . ARG A 1 204 ? -3.342  55.221  -14.269 1.00 133.68 ? 182 ARG A NH2 1 
ATOM 1294 N N   . GLU A 1 205 ? -8.406  55.585  -15.654 1.00 141.03 ? 183 GLU A N   1 
ATOM 1295 C CA  . GLU A 1 205 ? -8.163  56.544  -16.725 1.00 141.03 ? 183 GLU A CA  1 
ATOM 1296 C C   . GLU A 1 205 ? -9.470  57.114  -17.258 1.00 141.03 ? 183 GLU A C   1 
ATOM 1297 O O   . GLU A 1 205 ? -9.545  58.297  -17.607 1.00 141.03 ? 183 GLU A O   1 
ATOM 1298 C CB  . GLU A 1 205 ? -7.364  55.883  -17.846 1.00 141.03 ? 183 GLU A CB  1 
ATOM 1299 C CG  . GLU A 1 205 ? -7.098  56.781  -19.036 1.00 141.03 ? 183 GLU A CG  1 
ATOM 1300 C CD  . GLU A 1 205 ? -8.204  56.718  -20.066 1.00 141.03 ? 183 GLU A CD  1 
ATOM 1301 O OE1 . GLU A 1 205 ? -9.029  55.786  -19.988 1.00 141.03 ? 183 GLU A OE1 1 
ATOM 1302 O OE2 . GLU A 1 205 ? -8.253  57.601  -20.945 1.00 141.03 ? 183 GLU A OE2 1 
ATOM 1303 N N   . LEU A 1 206 ? -10.508 56.285  -17.333 1.00 137.49 ? 184 LEU A N   1 
ATOM 1304 C CA  . LEU A 1 206 ? -11.793 56.741  -17.846 1.00 137.49 ? 184 LEU A CA  1 
ATOM 1305 C C   . LEU A 1 206 ? -12.437 57.755  -16.918 1.00 137.49 ? 184 LEU A C   1 
ATOM 1306 O O   . LEU A 1 206 ? -13.156 58.647  -17.378 1.00 137.49 ? 184 LEU A O   1 
ATOM 1307 C CB  . LEU A 1 206 ? -12.723 55.549  -18.044 1.00 137.49 ? 184 LEU A CB  1 
ATOM 1308 C CG  . LEU A 1 206 ? -13.980 55.812  -18.859 1.00 137.49 ? 184 LEU A CG  1 
ATOM 1309 C CD1 . LEU A 1 206 ? -13.598 56.233  -20.263 1.00 137.49 ? 184 LEU A CD1 1 
ATOM 1310 C CD2 . LEU A 1 206 ? -14.850 54.573  -18.886 1.00 137.49 ? 184 LEU A CD2 1 
ATOM 1311 N N   . LEU A 1 207 ? -12.198 57.630  -15.615 1.00 141.28 ? 185 LEU A N   1 
ATOM 1312 C CA  . LEU A 1 207 ? -12.759 58.594  -14.677 1.00 141.28 ? 185 LEU A CA  1 
ATOM 1313 C C   . LEU A 1 207 ? -12.148 59.977  -14.858 1.00 141.28 ? 185 LEU A C   1 
ATOM 1314 O O   . LEU A 1 207 ? -12.812 60.985  -14.594 1.00 141.28 ? 185 LEU A O   1 
ATOM 1315 C CB  . LEU A 1 207 ? -12.550 58.109  -13.246 1.00 141.28 ? 185 LEU A CB  1 
ATOM 1316 C CG  . LEU A 1 207 ? -13.176 58.960  -12.146 1.00 141.28 ? 185 LEU A CG  1 
ATOM 1317 C CD1 . LEU A 1 207 ? -14.614 59.283  -12.489 1.00 141.28 ? 185 LEU A CD1 1 
ATOM 1318 C CD2 . LEU A 1 207 ? -13.092 58.239  -10.818 1.00 141.28 ? 185 LEU A CD2 1 
ATOM 1319 N N   . ASN A 1 208 ? -10.898 60.050  -15.308 1.00 149.56 ? 186 ASN A N   1 
ATOM 1320 C CA  . ASN A 1 208 ? -10.180 61.317  -15.429 1.00 149.56 ? 186 ASN A CA  1 
ATOM 1321 C C   . ASN A 1 208 ? -9.316  61.281  -16.680 1.00 149.56 ? 186 ASN A C   1 
ATOM 1322 O O   . ASN A 1 208 ? -8.252  60.642  -16.690 1.00 149.56 ? 186 ASN A O   1 
ATOM 1323 C CB  . ASN A 1 208 ? -9.338  61.585  -14.188 1.00 149.56 ? 186 ASN A CB  1 
ATOM 1324 C CG  . ASN A 1 208 ? -10.153 61.526  -12.923 1.00 149.56 ? 186 ASN A CG  1 
ATOM 1325 O OD1 . ASN A 1 208 ? -9.908  60.699  -12.050 1.00 149.56 ? 186 ASN A OD1 1 
ATOM 1326 N ND2 . ASN A 1 208 ? -11.141 62.404  -12.819 1.00 149.56 ? 186 ASN A ND2 1 
ATOM 1327 N N   . PRO A 1 209 ? -9.730  61.960  -17.742 1.00 159.14 ? 187 PRO A N   1 
ATOM 1328 C CA  . PRO A 1 209 ? -9.030  61.849  -19.020 1.00 159.14 ? 187 PRO A CA  1 
ATOM 1329 C C   . PRO A 1 209 ? -7.613  62.376  -18.918 1.00 159.14 ? 187 PRO A C   1 
ATOM 1330 O O   . PRO A 1 209 ? -7.369  63.419  -18.294 1.00 159.14 ? 187 PRO A O   1 
ATOM 1331 C CB  . PRO A 1 209 ? -9.877  62.716  -19.964 1.00 159.14 ? 187 PRO A CB  1 
ATOM 1332 C CG  . PRO A 1 209 ? -11.189 62.885  -19.272 1.00 159.14 ? 187 PRO A CG  1 
ATOM 1333 C CD  . PRO A 1 209 ? -10.878 62.873  -17.815 1.00 159.14 ? 187 PRO A CD  1 
ATOM 1334 N N   . PRO A 1 210 ? -6.653  61.679  -19.510 1.00 169.66 ? 188 PRO A N   1 
ATOM 1335 C CA  . PRO A 1 210 ? -5.295  62.205  -19.592 1.00 169.66 ? 188 PRO A CA  1 
ATOM 1336 C C   . PRO A 1 210 ? -5.226  63.339  -20.596 1.00 169.66 ? 188 PRO A C   1 
ATOM 1337 O O   . PRO A 1 210 ? -6.177  63.552  -21.365 1.00 169.66 ? 188 PRO A O   1 
ATOM 1338 C CB  . PRO A 1 210 ? -4.480  60.990  -20.058 1.00 169.66 ? 188 PRO A CB  1 
ATOM 1339 C CG  . PRO A 1 210 ? -5.451  60.181  -20.832 1.00 169.66 ? 188 PRO A CG  1 
ATOM 1340 C CD  . PRO A 1 210 ? -6.775  60.358  -20.144 1.00 169.66 ? 188 PRO A CD  1 
ATOM 1341 N N   . PRO A 1 211 ? -4.131  64.096  -20.622 1.00 182.43 ? 189 PRO A N   1 
ATOM 1342 C CA  . PRO A 1 211 ? -4.044  65.224  -21.555 1.00 182.43 ? 189 PRO A CA  1 
ATOM 1343 C C   . PRO A 1 211 ? -4.050  64.766  -23.005 1.00 182.43 ? 189 PRO A C   1 
ATOM 1344 O O   . PRO A 1 211 ? -3.487  63.726  -23.353 1.00 182.43 ? 189 PRO A O   1 
ATOM 1345 C CB  . PRO A 1 211 ? -2.713  65.889  -21.184 1.00 182.43 ? 189 PRO A CB  1 
ATOM 1346 C CG  . PRO A 1 211 ? -2.447  65.453  -19.791 1.00 182.43 ? 189 PRO A CG  1 
ATOM 1347 C CD  . PRO A 1 211 ? -2.993  64.068  -19.689 1.00 182.43 ? 189 PRO A CD  1 
ATOM 1348 N N   . SER A 1 212 ? -4.703  65.559  -23.849 1.00 193.03 ? 190 SER A N   1 
ATOM 1349 C CA  . SER A 1 212 ? -4.697  65.302  -25.277 1.00 193.03 ? 190 SER A CA  1 
ATOM 1350 C C   . SER A 1 212 ? -3.291  65.504  -25.840 1.00 193.03 ? 190 SER A C   1 
ATOM 1351 O O   . SER A 1 212 ? -2.519  66.317  -25.323 1.00 193.03 ? 190 SER A O   1 
ATOM 1352 C CB  . SER A 1 212 ? -5.684  66.225  -25.988 1.00 193.03 ? 190 SER A CB  1 
ATOM 1353 O OG  . SER A 1 212 ? -5.342  66.389  -27.354 1.00 193.03 ? 190 SER A OG  1 
ATOM 1354 N N   . PRO A 1 213 ? -2.934  64.774  -26.899 1.00 192.90 ? 191 PRO A N   1 
ATOM 1355 C CA  . PRO A 1 213 ? -1.592  64.943  -27.480 1.00 192.90 ? 191 PRO A CA  1 
ATOM 1356 C C   . PRO A 1 213 ? -1.303  66.361  -27.931 1.00 192.90 ? 191 PRO A C   1 
ATOM 1357 O O   . PRO A 1 213 ? -0.133  66.761  -27.975 1.00 192.90 ? 191 PRO A O   1 
ATOM 1358 C CB  . PRO A 1 213 ? -1.601  63.965  -28.664 1.00 192.90 ? 191 PRO A CB  1 
ATOM 1359 C CG  . PRO A 1 213 ? -3.048  63.698  -28.937 1.00 192.90 ? 191 PRO A CG  1 
ATOM 1360 C CD  . PRO A 1 213 ? -3.710  63.743  -27.602 1.00 192.90 ? 191 PRO A CD  1 
ATOM 1361 N N   . LEU A 1 214 ? -2.335  67.134  -28.273 1.00 193.52 ? 192 LEU A N   1 
ATOM 1362 C CA  . LEU A 1 214 ? -2.119  68.531  -28.629 1.00 193.52 ? 192 LEU A CA  1 
ATOM 1363 C C   . LEU A 1 214 ? -1.500  69.296  -27.469 1.00 193.52 ? 192 LEU A C   1 
ATOM 1364 O O   . LEU A 1 214 ? -0.594  70.118  -27.664 1.00 193.52 ? 192 LEU A O   1 
ATOM 1365 C CB  . LEU A 1 214 ? -3.437  69.176  -29.052 1.00 193.52 ? 192 LEU A CB  1 
ATOM 1366 C CG  . LEU A 1 214 ? -3.870  68.935  -30.495 1.00 193.52 ? 192 LEU A CG  1 
ATOM 1367 C CD1 . LEU A 1 214 ? -4.586  67.598  -30.628 1.00 193.52 ? 192 LEU A CD1 1 
ATOM 1368 C CD2 . LEU A 1 214 ? -4.751  70.070  -30.989 1.00 193.52 ? 192 LEU A CD2 1 
ATOM 1369 N N   . ASP A 1 215 ? -1.977  69.038  -26.252 1.00 196.63 ? 193 ASP A N   1 
ATOM 1370 C CA  . ASP A 1 215 ? -1.402  69.688  -25.080 1.00 196.63 ? 193 ASP A CA  1 
ATOM 1371 C C   . ASP A 1 215 ? 0.069   69.328  -24.930 1.00 196.63 ? 193 ASP A C   1 
ATOM 1372 O O   . ASP A 1 215 ? 0.905   70.181  -24.609 1.00 196.63 ? 193 ASP A O   1 
ATOM 1373 C CB  . ASP A 1 215 ? -2.184  69.292  -23.831 1.00 196.63 ? 193 ASP A CB  1 
ATOM 1374 C CG  . ASP A 1 215 ? -3.559  69.915  -23.791 1.00 196.63 ? 193 ASP A CG  1 
ATOM 1375 O OD1 . ASP A 1 215 ? -3.800  70.864  -24.566 1.00 196.63 ? 193 ASP A OD1 1 
ATOM 1376 O OD2 . ASP A 1 215 ? -4.399  69.458  -22.991 1.00 196.63 ? 193 ASP A OD2 1 
ATOM 1377 N N   . LYS A 1 216 ? 0.402   68.054  -25.154 1.00 192.77 ? 194 LYS A N   1 
ATOM 1378 C CA  . LYS A 1 216 ? 1.795   67.631  -25.083 1.00 192.77 ? 194 LYS A CA  1 
ATOM 1379 C C   . LYS A 1 216 ? 2.636   68.354  -26.123 1.00 192.77 ? 194 LYS A C   1 
ATOM 1380 O O   . LYS A 1 216 ? 3.748   68.811  -25.830 1.00 192.77 ? 194 LYS A O   1 
ATOM 1381 C CB  . LYS A 1 216 ? 1.889   66.119  -25.267 1.00 192.77 ? 194 LYS A CB  1 
ATOM 1382 C CG  . LYS A 1 216 ? 1.109   65.343  -24.225 1.00 192.77 ? 194 LYS A CG  1 
ATOM 1383 C CD  . LYS A 1 216 ? 1.327   63.851  -24.362 1.00 192.77 ? 194 LYS A CD  1 
ATOM 1384 C CE  . LYS A 1 216 ? 0.575   63.098  -23.277 1.00 192.77 ? 194 LYS A CE  1 
ATOM 1385 N NZ  . LYS A 1 216 ? -0.877  63.434  -23.278 1.00 192.77 ? 194 LYS A NZ  1 
ATOM 1386 N N   . LYS A 1 217 ? 2.119   68.474  -27.345 1.00 189.26 ? 195 LYS A N   1 
ATOM 1387 C CA  . LYS A 1 217 ? 2.837   69.202  -28.382 1.00 189.26 ? 195 LYS A CA  1 
ATOM 1388 C C   . LYS A 1 217 ? 3.092   70.641  -27.956 1.00 189.26 ? 195 LYS A C   1 
ATOM 1389 O O   . LYS A 1 217 ? 4.211   71.151  -28.088 1.00 189.26 ? 195 LYS A O   1 
ATOM 1390 C CB  . LYS A 1 217 ? 2.053   69.161  -29.690 1.00 189.26 ? 195 LYS A CB  1 
ATOM 1391 C CG  . LYS A 1 217 ? 2.668   70.006  -30.788 1.00 189.26 ? 195 LYS A CG  1 
ATOM 1392 C CD  . LYS A 1 217 ? 1.653   70.317  -31.871 1.00 189.26 ? 195 LYS A CD  1 
ATOM 1393 C CE  . LYS A 1 217 ? 1.079   69.046  -32.469 1.00 189.26 ? 195 LYS A CE  1 
ATOM 1394 N NZ  . LYS A 1 217 ? 0.082   69.341  -33.532 1.00 189.26 ? 195 LYS A NZ  1 
ATOM 1395 N N   . PHE A 1 218 ? 2.061   71.306  -27.434 1.00 192.20 ? 196 PHE A N   1 
ATOM 1396 C CA  . PHE A 1 218 ? 2.216   72.701  -27.032 1.00 192.20 ? 196 PHE A CA  1 
ATOM 1397 C C   . PHE A 1 218 ? 3.247   72.849  -25.923 1.00 192.20 ? 196 PHE A C   1 
ATOM 1398 O O   . PHE A 1 218 ? 4.125   73.719  -25.996 1.00 192.20 ? 196 PHE A O   1 
ATOM 1399 C CB  . PHE A 1 218 ? 0.876   73.283  -26.586 1.00 192.20 ? 196 PHE A CB  1 
ATOM 1400 C CG  . PHE A 1 218 ? 0.006   73.735  -27.716 1.00 192.20 ? 196 PHE A CG  1 
ATOM 1401 C CD1 . PHE A 1 218 ? 0.307   74.887  -28.417 1.00 192.20 ? 196 PHE A CD1 1 
ATOM 1402 C CD2 . PHE A 1 218 ? -1.122  73.018  -28.067 1.00 192.20 ? 196 PHE A CD2 1 
ATOM 1403 C CE1 . PHE A 1 218 ? -0.495  75.309  -29.456 1.00 192.20 ? 196 PHE A CE1 1 
ATOM 1404 C CE2 . PHE A 1 218 ? -1.929  73.435  -29.104 1.00 192.20 ? 196 PHE A CE2 1 
ATOM 1405 C CZ  . PHE A 1 218 ? -1.614  74.581  -29.800 1.00 192.20 ? 196 PHE A CZ  1 
ATOM 1406 N N   . GLU A 1 219 ? 3.157   72.014  -24.887 1.00 198.40 ? 197 GLU A N   1 
ATOM 1407 C CA  . GLU A 1 219 ? 4.075   72.158  -23.763 1.00 198.40 ? 197 GLU A CA  1 
ATOM 1408 C C   . GLU A 1 219 ? 5.504   71.851  -24.189 1.00 198.40 ? 197 GLU A C   1 
ATOM 1409 O O   . GLU A 1 219 ? 6.448   72.532  -23.770 1.00 198.40 ? 197 GLU A O   1 
ATOM 1410 C CB  . GLU A 1 219 ? 3.638   71.272  -22.594 1.00 198.40 ? 197 GLU A CB  1 
ATOM 1411 C CG  . GLU A 1 219 ? 3.542   69.795  -22.896 1.00 198.40 ? 197 GLU A CG  1 
ATOM 1412 C CD  . GLU A 1 219 ? 4.864   69.080  -22.730 1.00 198.40 ? 197 GLU A CD  1 
ATOM 1413 O OE1 . GLU A 1 219 ? 5.104   68.095  -23.457 1.00 198.40 ? 197 GLU A OE1 1 
ATOM 1414 O OE2 . GLU A 1 219 ? 5.667   69.510  -21.877 1.00 198.40 ? 197 GLU A OE2 1 
ATOM 1415 N N   . GLN A 1 220 ? 5.683   70.844  -25.047 1.00 194.93 ? 198 GLN A N   1 
ATOM 1416 C CA  . GLN A 1 220 ? 7.022   70.528  -25.528 1.00 194.93 ? 198 GLN A CA  1 
ATOM 1417 C C   . GLN A 1 220 ? 7.590   71.676  -26.348 1.00 194.93 ? 198 GLN A C   1 
ATOM 1418 O O   . GLN A 1 220 ? 8.749   72.069  -26.166 1.00 194.93 ? 198 GLN A O   1 
ATOM 1419 C CB  . GLN A 1 220 ? 6.986   69.242  -26.346 1.00 194.93 ? 198 GLN A CB  1 
ATOM 1420 C CG  . GLN A 1 220 ? 8.295   68.905  -27.018 1.00 194.93 ? 198 GLN A CG  1 
ATOM 1421 C CD  . GLN A 1 220 ? 8.187   67.688  -27.909 1.00 194.93 ? 198 GLN A CD  1 
ATOM 1422 O OE1 . GLN A 1 220 ? 9.183   67.205  -28.445 1.00 194.93 ? 198 GLN A OE1 1 
ATOM 1423 N NE2 . GLN A 1 220 ? 6.969   67.182  -28.072 1.00 194.93 ? 198 GLN A NE2 1 
ATOM 1424 N N   . TRP A 1 221 ? 6.782   72.237  -27.249 1.00 193.01 ? 199 TRP A N   1 
ATOM 1425 C CA  . TRP A 1 221 ? 7.243   73.353  -28.064 1.00 193.01 ? 199 TRP A CA  1 
ATOM 1426 C C   . TRP A 1 221 ? 7.641   74.538  -27.193 1.00 193.01 ? 199 TRP A C   1 
ATOM 1427 O O   . TRP A 1 221 ? 8.685   75.164  -27.410 1.00 193.01 ? 199 TRP A O   1 
ATOM 1428 C CB  . TRP A 1 221 ? 6.151   73.746  -29.056 1.00 193.01 ? 199 TRP A CB  1 
ATOM 1429 C CG  . TRP A 1 221 ? 6.469   74.956  -29.859 1.00 193.01 ? 199 TRP A CG  1 
ATOM 1430 C CD1 . TRP A 1 221 ? 7.108   74.994  -31.061 1.00 193.01 ? 199 TRP A CD1 1 
ATOM 1431 C CD2 . TRP A 1 221 ? 6.157   76.310  -29.525 1.00 193.01 ? 199 TRP A CD2 1 
ATOM 1432 N NE1 . TRP A 1 221 ? 7.219   76.292  -31.494 1.00 193.01 ? 199 TRP A NE1 1 
ATOM 1433 C CE2 . TRP A 1 221 ? 6.641   77.120  -30.568 1.00 193.01 ? 199 TRP A CE2 1 
ATOM 1434 C CE3 . TRP A 1 221 ? 5.516   76.918  -28.443 1.00 193.01 ? 199 TRP A CE3 1 
ATOM 1435 C CZ2 . TRP A 1 221 ? 6.504   78.505  -30.564 1.00 193.01 ? 199 TRP A CZ2 1 
ATOM 1436 C CZ3 . TRP A 1 221 ? 5.382   78.292  -28.439 1.00 193.01 ? 199 TRP A CZ3 1 
ATOM 1437 C CH2 . TRP A 1 221 ? 5.874   79.071  -29.492 1.00 193.01 ? 199 TRP A CH2 1 
ATOM 1438 N N   . GLU A 1 222 ? 6.828   74.851  -26.183 1.00 197.95 ? 200 GLU A N   1 
ATOM 1439 C CA  . GLU A 1 222 ? 7.120   76.034  -25.381 1.00 197.95 ? 200 GLU A CA  1 
ATOM 1440 C C   . GLU A 1 222 ? 8.332   75.813  -24.483 1.00 197.95 ? 200 GLU A C   1 
ATOM 1441 O O   . GLU A 1 222 ? 9.118   76.742  -24.265 1.00 197.95 ? 200 GLU A O   1 
ATOM 1442 C CB  . GLU A 1 222 ? 5.896   76.452  -24.566 1.00 197.95 ? 200 GLU A CB  1 
ATOM 1443 C CG  . GLU A 1 222 ? 5.376   75.422  -23.593 1.00 197.95 ? 200 GLU A CG  1 
ATOM 1444 C CD  . GLU A 1 222 ? 6.108   75.443  -22.268 1.00 197.95 ? 200 GLU A CD  1 
ATOM 1445 O OE1 . GLU A 1 222 ? 6.713   76.484  -21.938 1.00 197.95 ? 200 GLU A OE1 1 
ATOM 1446 O OE2 . GLU A 1 222 ? 6.086   74.416  -21.560 1.00 197.95 ? 200 GLU A OE2 1 
ATOM 1447 N N   . GLU A 1 223 ? 8.523   74.598  -23.962 1.00 198.28 ? 201 GLU A N   1 
ATOM 1448 C CA  . GLU A 1 223 ? 9.718   74.369  -23.154 1.00 198.28 ? 201 GLU A CA  1 
ATOM 1449 C C   . GLU A 1 223 ? 10.970  74.378  -24.022 1.00 198.28 ? 201 GLU A C   1 
ATOM 1450 O O   . GLU A 1 223 ? 12.044  74.797  -23.569 1.00 198.28 ? 201 GLU A O   1 
ATOM 1451 C CB  . GLU A 1 223 ? 9.602   73.065  -22.361 1.00 198.28 ? 201 GLU A CB  1 
ATOM 1452 C CG  . GLU A 1 223 ? 8.547   73.047  -21.278 1.00 198.28 ? 201 GLU A CG  1 
ATOM 1453 C CD  . GLU A 1 223 ? 8.435   71.708  -20.582 1.00 198.28 ? 201 GLU A CD  1 
ATOM 1454 O OE1 . GLU A 1 223 ? 9.047   70.732  -21.061 1.00 198.28 ? 201 GLU A OE1 1 
ATOM 1455 O OE2 . GLU A 1 223 ? 7.732   71.632  -19.554 1.00 198.28 ? 201 GLU A OE2 1 
ATOM 1456 N N   . GLN A 1 224 ? 10.857  73.920  -25.271 1.00 193.47 ? 202 GLN A N   1 
ATOM 1457 C CA  . GLN A 1 224 ? 11.967  74.078  -26.202 1.00 193.47 ? 202 GLN A CA  1 
ATOM 1458 C C   . GLN A 1 224 ? 12.297  75.550  -26.402 1.00 193.47 ? 202 GLN A C   1 
ATOM 1459 O O   . GLN A 1 224 ? 13.468  75.949  -26.338 1.00 193.47 ? 202 GLN A O   1 
ATOM 1460 C CB  . GLN A 1 224 ? 11.633  73.421  -27.541 1.00 193.47 ? 202 GLN A CB  1 
ATOM 1461 C CG  . GLN A 1 224 ? 11.615  71.907  -27.499 1.00 193.47 ? 202 GLN A CG  1 
ATOM 1462 C CD  . GLN A 1 224 ? 12.851  71.325  -26.847 1.00 193.47 ? 202 GLN A CD  1 
ATOM 1463 O OE1 . GLN A 1 224 ? 13.971  71.766  -27.105 1.00 193.47 ? 202 GLN A OE1 1 
ATOM 1464 N NE2 . GLN A 1 224 ? 12.654  70.326  -25.998 1.00 193.47 ? 202 GLN A NE2 1 
ATOM 1465 N N   . GLN A 1 225 ? 11.277  76.369  -26.662 1.00 192.15 ? 203 GLN A N   1 
ATOM 1466 C CA  . GLN A 1 225 ? 11.503  77.806  -26.778 1.00 192.15 ? 203 GLN A CA  1 
ATOM 1467 C C   . GLN A 1 225 ? 12.182  78.353  -25.529 1.00 192.15 ? 203 GLN A C   1 
ATOM 1468 O O   . GLN A 1 225 ? 13.092  79.185  -25.619 1.00 192.15 ? 203 GLN A O   1 
ATOM 1469 C CB  . GLN A 1 225 ? 10.179  78.527  -27.026 1.00 192.15 ? 203 GLN A CB  1 
ATOM 1470 C CG  . GLN A 1 225 ? 9.489   78.117  -28.312 1.00 192.15 ? 203 GLN A CG  1 
ATOM 1471 C CD  . GLN A 1 225 ? 10.131  78.736  -29.534 1.00 192.15 ? 203 GLN A CD  1 
ATOM 1472 O OE1 . GLN A 1 225 ? 10.971  79.629  -29.423 1.00 192.15 ? 203 GLN A OE1 1 
ATOM 1473 N NE2 . GLN A 1 225 ? 9.739   78.265  -30.711 1.00 192.15 ? 203 GLN A NE2 1 
ATOM 1474 N N   . ALA A 1 226 ? 11.764  77.877  -24.357 1.00 191.29 ? 204 ALA A N   1 
ATOM 1475 C CA  . ALA A 1 226 ? 12.324  78.376  -23.107 1.00 191.29 ? 204 ALA A CA  1 
ATOM 1476 C C   . ALA A 1 226 ? 13.801  78.038  -22.982 1.00 191.29 ? 204 ALA A C   1 
ATOM 1477 O O   . ALA A 1 226 ? 14.618  78.904  -22.640 1.00 191.29 ? 204 ALA A O   1 
ATOM 1478 C CB  . ALA A 1 226 ? 11.547  77.807  -21.921 1.00 191.29 ? 204 ALA A CB  1 
ATOM 1479 N N   . VAL A 1 227 ? 14.167  76.778  -23.229 1.00 190.40 ? 205 VAL A N   1 
ATOM 1480 C CA  . VAL A 1 227 ? 15.565  76.385  -23.077 1.00 190.40 ? 205 VAL A CA  1 
ATOM 1481 C C   . VAL A 1 227 ? 16.432  77.117  -24.096 1.00 190.40 ? 205 VAL A C   1 
ATOM 1482 O O   . VAL A 1 227 ? 17.548  77.560  -23.785 1.00 190.40 ? 205 VAL A O   1 
ATOM 1483 C CB  . VAL A 1 227 ? 15.728  74.855  -23.165 1.00 190.40 ? 205 VAL A CB  1 
ATOM 1484 C CG1 . VAL A 1 227 ? 15.168  74.305  -24.456 1.00 190.40 ? 205 VAL A CG1 1 
ATOM 1485 C CG2 . VAL A 1 227 ? 17.187  74.469  -23.010 1.00 190.40 ? 205 VAL A CG2 1 
ATOM 1486 N N   . GLU A 1 228 ? 15.924  77.279  -25.323 1.00 189.83 ? 206 GLU A N   1 
ATOM 1487 C CA  . GLU A 1 228 ? 16.667  78.049  -26.317 1.00 189.83 ? 206 GLU A CA  1 
ATOM 1488 C C   . GLU A 1 228 ? 16.890  79.480  -25.848 1.00 189.83 ? 206 GLU A C   1 
ATOM 1489 O O   . GLU A 1 228 ? 18.014  79.996  -25.921 1.00 189.83 ? 206 GLU A O   1 
ATOM 1490 C CB  . GLU A 1 228 ? 15.936  78.042  -27.660 1.00 189.83 ? 206 GLU A CB  1 
ATOM 1491 C CG  . GLU A 1 228 ? 15.731  76.665  -28.259 1.00 189.83 ? 206 GLU A CG  1 
ATOM 1492 C CD  . GLU A 1 228 ? 16.908  75.745  -28.020 1.00 189.83 ? 206 GLU A CD  1 
ATOM 1493 O OE1 . GLU A 1 228 ? 18.031  76.086  -28.448 1.00 189.83 ? 206 GLU A OE1 1 
ATOM 1494 O OE2 . GLU A 1 228 ? 16.711  74.680  -27.400 1.00 189.83 ? 206 GLU A OE2 1 
ATOM 1495 N N   . ALA A 1 229 ? 15.834  80.138  -25.370 1.00 188.04 ? 207 ALA A N   1 
ATOM 1496 C CA  . ALA A 1 229 ? 15.962  81.518  -24.917 1.00 188.04 ? 207 ALA A CA  1 
ATOM 1497 C C   . ALA A 1 229 ? 16.961  81.629  -23.776 1.00 188.04 ? 207 ALA A C   1 
ATOM 1498 O O   . ALA A 1 229 ? 17.781  82.554  -23.738 1.00 188.04 ? 207 ALA A O   1 
ATOM 1499 C CB  . ALA A 1 229 ? 14.597  82.058  -24.494 1.00 188.04 ? 207 ALA A CB  1 
ATOM 1500 N N   . THR A 1 230 ? 16.911  80.685  -22.835 1.00 189.06 ? 208 THR A N   1 
ATOM 1501 C CA  . THR A 1 230 ? 17.807  80.750  -21.686 1.00 189.06 ? 208 THR A CA  1 
ATOM 1502 C C   . THR A 1 230 ? 19.259  80.576  -22.105 1.00 189.06 ? 208 THR A C   1 
ATOM 1503 O O   . THR A 1 230 ? 20.129  81.348  -21.682 1.00 189.06 ? 208 THR A O   1 
ATOM 1504 C CB  . THR A 1 230 ? 17.424  79.695  -20.654 1.00 189.06 ? 208 THR A CB  1 
ATOM 1505 O OG1 . THR A 1 230 ? 17.014  78.500  -21.325 1.00 189.06 ? 208 THR A OG1 1 
ATOM 1506 C CG2 . THR A 1 230 ? 16.285  80.197  -19.783 1.00 189.06 ? 208 THR A CG2 1 
ATOM 1507 N N   . LEU A 1 231 ? 19.547  79.567  -22.933 1.00 188.90 ? 209 LEU A N   1 
ATOM 1508 C CA  . LEU A 1 231 ? 20.932  79.360  -23.349 1.00 188.90 ? 209 LEU A CA  1 
ATOM 1509 C C   . LEU A 1 231 ? 21.430  80.527  -24.189 1.00 188.90 ? 209 LEU A C   1 
ATOM 1510 O O   . LEU A 1 231 ? 22.602  80.913  -24.093 1.00 188.90 ? 209 LEU A O   1 
ATOM 1511 C CB  . LEU A 1 231 ? 21.076  78.039  -24.104 1.00 188.90 ? 209 LEU A CB  1 
ATOM 1512 C CG  . LEU A 1 231 ? 20.390  77.850  -25.459 1.00 188.90 ? 209 LEU A CG  1 
ATOM 1513 C CD1 . LEU A 1 231 ? 21.300  78.258  -26.609 1.00 188.90 ? 209 LEU A CD1 1 
ATOM 1514 C CD2 . LEU A 1 231 ? 19.941  76.411  -25.621 1.00 188.90 ? 209 LEU A CD2 1 
ATOM 1515 N N   . ALA A 1 232 ? 20.555  81.114  -25.011 1.00 185.15 ? 210 ALA A N   1 
ATOM 1516 C CA  . ALA A 1 232 ? 20.959  82.265  -25.805 1.00 185.15 ? 210 ALA A CA  1 
ATOM 1517 C C   . ALA A 1 232 ? 21.285  83.456  -24.918 1.00 185.15 ? 210 ALA A C   1 
ATOM 1518 O O   . ALA A 1 232 ? 22.318  84.110  -25.098 1.00 185.15 ? 210 ALA A O   1 
ATOM 1519 C CB  . ALA A 1 232 ? 19.862  82.622  -26.805 1.00 185.15 ? 210 ALA A CB  1 
ATOM 1520 N N   . ALA A 1 233 ? 20.417  83.747  -23.946 1.00 183.22 ? 211 ALA A N   1 
ATOM 1521 C CA  . ALA A 1 233 ? 20.676  84.855  -23.036 1.00 183.22 ? 211 ALA A CA  1 
ATOM 1522 C C   . ALA A 1 233 ? 21.950  84.625  -22.239 1.00 183.22 ? 211 ALA A C   1 
ATOM 1523 O O   . ALA A 1 233 ? 22.703  85.568  -21.972 1.00 183.22 ? 211 ALA A O   1 
ATOM 1524 C CB  . ALA A 1 233 ? 19.485  85.058  -22.103 1.00 183.22 ? 211 ALA A CB  1 
ATOM 1525 N N   . MET A 1 234 ? 22.216  83.375  -21.859 1.00 190.64 ? 212 MET A N   1 
ATOM 1526 C CA  . MET A 1 234 ? 23.435  83.082  -21.115 1.00 190.64 ? 212 MET A CA  1 
ATOM 1527 C C   . MET A 1 234 ? 24.672  83.310  -21.974 1.00 190.64 ? 212 MET A C   1 
ATOM 1528 O O   . MET A 1 234 ? 25.578  84.057  -21.587 1.00 190.64 ? 212 MET A O   1 
ATOM 1529 C CB  . MET A 1 234 ? 23.404  81.647  -20.592 1.00 190.64 ? 212 MET A CB  1 
ATOM 1530 C CG  . MET A 1 234 ? 24.672  81.244  -19.860 1.00 190.64 ? 212 MET A CG  1 
ATOM 1531 S SD  . MET A 1 234 ? 24.564  79.607  -19.118 1.00 190.64 ? 212 MET A SD  1 
ATOM 1532 C CE  . MET A 1 234 ? 23.129  79.814  -18.069 1.00 190.64 ? 212 MET A CE  1 
ATOM 1533 N N   . LYS A 1 235 ? 24.725  82.679  -23.150 1.00 188.05 ? 213 LYS A N   1 
ATOM 1534 C CA  . LYS A 1 235 ? 25.899  82.819  -24.004 1.00 188.05 ? 213 LYS A CA  1 
ATOM 1535 C C   . LYS A 1 235 ? 26.037  84.219  -24.579 1.00 188.05 ? 213 LYS A C   1 
ATOM 1536 O O   . LYS A 1 235 ? 27.089  84.546  -25.134 1.00 188.05 ? 213 LYS A O   1 
ATOM 1537 C CB  . LYS A 1 235 ? 25.855  81.794  -25.135 1.00 188.05 ? 213 LYS A CB  1 
ATOM 1538 C CG  . LYS A 1 235 ? 24.822  82.087  -26.202 1.00 188.05 ? 213 LYS A CG  1 
ATOM 1539 C CD  . LYS A 1 235 ? 25.045  81.207  -27.418 1.00 188.05 ? 213 LYS A CD  1 
ATOM 1540 C CE  . LYS A 1 235 ? 25.203  79.751  -27.015 1.00 188.05 ? 213 LYS A CE  1 
ATOM 1541 N NZ  . LYS A 1 235 ? 25.521  78.879  -28.178 1.00 188.05 ? 213 LYS A NZ  1 
ATOM 1542 N N   . ALA A 1 236 ? 24.998  85.051  -24.477 1.00 189.71 ? 214 ALA A N   1 
ATOM 1543 C CA  . ALA A 1 236 ? 25.146  86.447  -24.864 1.00 189.71 ? 214 ALA A CA  1 
ATOM 1544 C C   . ALA A 1 236 ? 25.616  87.300  -23.692 1.00 189.71 ? 214 ALA A C   1 
ATOM 1545 O O   . ALA A 1 236 ? 26.364  88.264  -23.884 1.00 189.71 ? 214 ALA A O   1 
ATOM 1546 C CB  . ALA A 1 236 ? 23.829  86.981  -25.421 1.00 189.71 ? 214 ALA A CB  1 
ATOM 1547 N N   . ARG A 1 237 ? 25.187  86.958  -22.476 1.00 193.60 ? 215 ARG A N   1 
ATOM 1548 C CA  . ARG A 1 237 ? 25.568  87.743  -21.307 1.00 193.60 ? 215 ARG A CA  1 
ATOM 1549 C C   . ARG A 1 237 ? 27.057  87.618  -21.015 1.00 193.60 ? 215 ARG A C   1 
ATOM 1550 O O   . ARG A 1 237 ? 27.691  88.587  -20.577 1.00 193.60 ? 215 ARG A O   1 
ATOM 1551 C CB  . ARG A 1 237 ? 24.746  87.307  -20.097 1.00 193.60 ? 215 ARG A CB  1 
ATOM 1552 C CG  . ARG A 1 237 ? 25.099  88.035  -18.817 1.00 193.60 ? 215 ARG A CG  1 
ATOM 1553 C CD  . ARG A 1 237 ? 24.095  87.733  -17.723 1.00 193.60 ? 215 ARG A CD  1 
ATOM 1554 N NE  . ARG A 1 237 ? 24.305  88.575  -16.550 1.00 193.60 ? 215 ARG A NE  1 
ATOM 1555 C CZ  . ARG A 1 237 ? 23.444  88.676  -15.543 1.00 193.60 ? 215 ARG A CZ  1 
ATOM 1556 N NH1 . ARG A 1 237 ? 22.312  87.988  -15.565 1.00 193.60 ? 215 ARG A NH1 1 
ATOM 1557 N NH2 . ARG A 1 237 ? 23.716  89.466  -14.513 1.00 193.60 ? 215 ARG A NH2 1 
ATOM 1558 N N   . ARG A 1 238 ? 27.632  86.435  -21.245 1.00 197.34 ? 216 ARG A N   1 
ATOM 1559 C CA  . ARG A 1 238 ? 29.058  86.237  -21.001 1.00 197.34 ? 216 ARG A CA  1 
ATOM 1560 C C   . ARG A 1 238 ? 29.909  87.190  -21.828 1.00 197.34 ? 216 ARG A C   1 
ATOM 1561 O O   . ARG A 1 238 ? 31.036  87.515  -21.436 1.00 197.34 ? 216 ARG A O   1 
ATOM 1562 C CB  . ARG A 1 238 ? 29.449  84.793  -21.306 1.00 197.34 ? 216 ARG A CB  1 
ATOM 1563 C CG  . ARG A 1 238 ? 29.109  84.361  -22.720 1.00 197.34 ? 216 ARG A CG  1 
ATOM 1564 C CD  . ARG A 1 238 ? 30.148  83.408  -23.284 1.00 197.34 ? 216 ARG A CD  1 
ATOM 1565 N NE  . ARG A 1 238 ? 29.760  82.899  -24.596 1.00 197.34 ? 216 ARG A NE  1 
ATOM 1566 C CZ  . ARG A 1 238 ? 30.021  83.514  -25.744 1.00 197.34 ? 216 ARG A CZ  1 
ATOM 1567 N NH1 . ARG A 1 238 ? 30.671  84.669  -25.747 1.00 197.34 ? 216 ARG A NH1 1 
ATOM 1568 N NH2 . ARG A 1 238 ? 29.630  82.977  -26.890 1.00 197.34 ? 216 ARG A NH2 1 
ATOM 1569 N N   . SER A 1 239 ? 29.394  87.643  -22.966 1.00 196.55 ? 217 SER A N   1 
ATOM 1570 C CA  . SER A 1 239 ? 30.116  88.578  -23.815 1.00 196.55 ? 217 SER A CA  1 
ATOM 1571 C C   . SER A 1 239 ? 29.366  89.901  -23.906 1.00 196.55 ? 217 SER A C   1 
ATOM 1572 O O   . SER A 1 239 ? 28.475  90.174  -23.102 1.00 196.55 ? 217 SER A O   1 
ATOM 1573 C CB  . SER A 1 239 ? 30.321  87.984  -25.210 1.00 196.55 ? 217 SER A CB  1 
ATOM 1574 O OG  . SER A 1 239 ? 29.080  87.795  -25.867 1.00 196.55 ? 217 SER A OG  1 
# 
